data_3E82
#
_entry.id   3E82
#
_cell.length_a   52.910
_cell.length_b   79.750
_cell.length_c   209.144
_cell.angle_alpha   90.00
_cell.angle_beta   94.00
_cell.angle_gamma   90.00
#
_symmetry.space_group_name_H-M   'P 1 21 1'
#
loop_
_entity.id
_entity.type
_entity.pdbx_description
1 polymer 'Putative oxidoreductase'
2 non-polymer 'CHLORIDE ION'
3 water water
#
_entity_poly.entity_id   1
_entity_poly.type   'polypeptide(L)'
_entity_poly.pdbx_seq_one_letter_code
;(MSE)SLSNNTINIALIGYGFVGKTFHAPLIRSVPGLNLAFVASRDEEKVKRDLPDVTVIASPEAAVQHPDVDLVVIASP
NATHAPLARLALNAGKHVVVDKPFTLD(MSE)QEARELIALAEEKQRLLSVFHNRRWDSDYLGIRQVIEQGTLGAVKHFE
SHFDRFRPEVRVRWREQNVPGSGLWFDLGPHLIDQALQLFGLPQSVQGNIATLRDGAEINDWAHVVLNYPAHKVILHCS
(MSE)LVAGGSSRFTVHGDKGSVIKARADQQESQLLAGVVPGSADWGQDDDPLVIYDASLQAHAQATPQGDQRQYY
(MSE)LIRDALKGQIANPVPPVEALAV(MSE)AVLEAAVRSAESG(MSE)VQTLDLSDDERNTLREGHHHHHH
;
_entity_poly.pdbx_strand_id   A,B,D,E
#
loop_
_chem_comp.id
_chem_comp.type
_chem_comp.name
_chem_comp.formula
CL non-polymer 'CHLORIDE ION' 'Cl -1'
#
# COMPACT_ATOMS: atom_id res chain seq x y z
N THR A 7 -12.44 46.60 -61.62
CA THR A 7 -12.71 45.52 -60.63
C THR A 7 -11.98 44.25 -61.04
N ILE A 8 -11.61 43.45 -60.06
CA ILE A 8 -10.91 42.21 -60.34
C ILE A 8 -11.89 41.05 -60.22
N ASN A 9 -12.16 40.39 -61.34
CA ASN A 9 -13.07 39.27 -61.35
C ASN A 9 -12.38 37.99 -60.93
N ILE A 10 -12.92 37.35 -59.90
CA ILE A 10 -12.35 36.11 -59.40
C ILE A 10 -13.19 34.87 -59.68
N ALA A 11 -12.49 33.78 -59.94
CA ALA A 11 -13.10 32.49 -60.15
C ALA A 11 -12.51 31.68 -58.99
N LEU A 12 -13.36 31.27 -58.05
CA LEU A 12 -12.91 30.47 -56.93
C LEU A 12 -13.04 29.01 -57.36
N ILE A 13 -11.93 28.27 -57.37
CA ILE A 13 -11.97 26.88 -57.80
C ILE A 13 -12.12 25.92 -56.62
N GLY A 14 -13.33 25.40 -56.45
CA GLY A 14 -13.59 24.47 -55.37
C GLY A 14 -14.41 25.12 -54.28
N TYR A 15 -15.51 24.48 -53.89
CA TYR A 15 -16.33 25.02 -52.83
C TYR A 15 -16.44 23.98 -51.71
N GLY A 16 -15.29 23.44 -51.35
CA GLY A 16 -15.24 22.46 -50.28
C GLY A 16 -15.06 23.24 -48.99
N PHE A 17 -14.62 22.59 -47.93
CA PHE A 17 -14.45 23.27 -46.65
C PHE A 17 -13.70 24.60 -46.73
N VAL A 18 -12.48 24.58 -47.25
CA VAL A 18 -11.66 25.78 -47.35
C VAL A 18 -12.27 26.83 -48.26
N GLY A 19 -12.77 26.42 -49.42
CA GLY A 19 -13.37 27.37 -50.33
C GLY A 19 -14.52 28.12 -49.71
N LYS A 20 -15.44 27.37 -49.09
CA LYS A 20 -16.62 27.95 -48.48
C LYS A 20 -16.41 28.69 -47.17
N THR A 21 -15.58 28.15 -46.30
CA THR A 21 -15.34 28.74 -44.99
C THR A 21 -14.34 29.89 -44.95
N PHE A 22 -13.31 29.82 -45.78
CA PHE A 22 -12.29 30.86 -45.80
C PHE A 22 -12.34 31.84 -46.96
N HIS A 23 -12.06 31.34 -48.15
CA HIS A 23 -11.98 32.15 -49.36
C HIS A 23 -13.19 32.96 -49.78
N ALA A 24 -14.35 32.34 -49.88
CA ALA A 24 -15.54 33.07 -50.29
C ALA A 24 -15.86 34.23 -49.34
N PRO A 25 -15.96 33.96 -48.02
CA PRO A 25 -16.27 35.05 -47.08
C PRO A 25 -15.24 36.18 -47.08
N LEU A 26 -13.96 35.84 -47.13
CA LEU A 26 -12.92 36.85 -47.13
C LEU A 26 -12.99 37.69 -48.41
N ILE A 27 -13.04 37.02 -49.55
CA ILE A 27 -13.10 37.71 -50.83
C ILE A 27 -14.32 38.65 -50.88
N ARG A 28 -15.50 38.10 -50.59
CA ARG A 28 -16.74 38.86 -50.58
C ARG A 28 -16.67 40.10 -49.69
N SER A 29 -15.84 40.06 -48.65
CA SER A 29 -15.71 41.18 -47.73
C SER A 29 -14.68 42.23 -48.18
N VAL A 30 -14.00 41.98 -49.29
CA VAL A 30 -12.98 42.91 -49.77
C VAL A 30 -13.41 43.69 -51.02
N PRO A 31 -13.62 45.00 -50.87
CA PRO A 31 -14.03 45.82 -52.02
C PRO A 31 -12.92 45.85 -53.08
N GLY A 32 -13.30 45.89 -54.34
CA GLY A 32 -12.31 45.91 -55.39
C GLY A 32 -12.11 44.51 -55.97
N LEU A 33 -12.66 43.51 -55.28
CA LEU A 33 -12.58 42.13 -55.75
C LEU A 33 -14.01 41.69 -56.01
N ASN A 34 -14.21 40.92 -57.07
CA ASN A 34 -15.54 40.44 -57.40
C ASN A 34 -15.60 38.93 -57.61
N LEU A 35 -16.15 38.23 -56.63
CA LEU A 35 -16.27 36.78 -56.76
C LEU A 35 -17.43 36.57 -57.73
N ALA A 36 -17.11 36.31 -59.00
CA ALA A 36 -18.14 36.14 -60.00
C ALA A 36 -18.38 34.68 -60.38
N PHE A 37 -17.35 33.86 -60.28
CA PHE A 37 -17.47 32.46 -60.65
C PHE A 37 -16.95 31.51 -59.58
N VAL A 38 -17.60 30.36 -59.48
CA VAL A 38 -17.20 29.32 -58.55
C VAL A 38 -17.26 27.99 -59.29
N ALA A 39 -16.13 27.28 -59.33
CA ALA A 39 -16.09 25.99 -60.00
C ALA A 39 -16.46 24.91 -58.98
N SER A 40 -17.56 24.24 -59.23
CA SER A 40 -18.05 23.18 -58.35
C SER A 40 -19.08 22.31 -59.04
N ARG A 41 -19.04 21.01 -58.74
CA ARG A 41 -19.98 20.04 -59.30
C ARG A 41 -21.33 20.15 -58.60
N ASP A 42 -21.39 20.94 -57.54
CA ASP A 42 -22.62 21.08 -56.76
C ASP A 42 -23.11 22.53 -56.75
N GLU A 43 -23.88 22.91 -57.77
CA GLU A 43 -24.38 24.28 -57.86
C GLU A 43 -25.24 24.72 -56.68
N GLU A 44 -26.15 23.85 -56.25
CA GLU A 44 -27.04 24.18 -55.14
C GLU A 44 -26.28 24.58 -53.88
N LYS A 45 -25.22 23.84 -53.55
CA LYS A 45 -24.44 24.16 -52.37
C LYS A 45 -23.85 25.56 -52.47
N VAL A 46 -23.33 25.90 -53.66
CA VAL A 46 -22.73 27.21 -53.86
C VAL A 46 -23.80 28.31 -53.81
N LYS A 47 -24.85 28.14 -54.60
CA LYS A 47 -25.92 29.12 -54.70
C LYS A 47 -26.72 29.42 -53.44
N ARG A 48 -26.82 28.47 -52.51
CA ARG A 48 -27.57 28.76 -51.29
C ARG A 48 -26.81 29.81 -50.48
N ASP A 49 -25.49 29.87 -50.67
CA ASP A 49 -24.65 30.85 -49.99
C ASP A 49 -24.37 32.07 -50.87
N LEU A 50 -24.10 31.82 -52.15
CA LEU A 50 -23.75 32.86 -53.11
C LEU A 50 -24.71 32.81 -54.30
N PRO A 51 -25.92 33.36 -54.14
CA PRO A 51 -26.95 33.41 -55.17
C PRO A 51 -26.62 34.19 -56.43
N ASP A 52 -25.69 35.13 -56.31
CA ASP A 52 -25.32 35.96 -57.44
C ASP A 52 -24.08 35.51 -58.21
N VAL A 53 -23.54 34.35 -57.88
CA VAL A 53 -22.36 33.88 -58.59
C VAL A 53 -22.74 32.88 -59.69
N THR A 54 -21.82 32.67 -60.63
CA THR A 54 -22.05 31.73 -61.70
C THR A 54 -21.25 30.49 -61.38
N VAL A 55 -21.94 29.34 -61.27
CA VAL A 55 -21.27 28.09 -60.97
C VAL A 55 -20.86 27.37 -62.24
N ILE A 56 -19.57 27.09 -62.37
CA ILE A 56 -19.02 26.38 -63.51
C ILE A 56 -18.64 24.99 -63.01
N ALA A 57 -19.21 23.97 -63.63
CA ALA A 57 -18.97 22.59 -63.22
C ALA A 57 -17.53 22.11 -63.35
N SER A 58 -16.88 22.49 -64.44
CA SER A 58 -15.52 22.06 -64.71
C SER A 58 -14.43 23.04 -64.28
N PRO A 59 -13.50 22.58 -63.41
CA PRO A 59 -12.41 23.42 -62.92
C PRO A 59 -11.56 23.95 -64.06
N GLU A 60 -11.21 23.07 -65.00
CA GLU A 60 -10.40 23.47 -66.13
C GLU A 60 -11.09 24.57 -66.93
N ALA A 61 -12.40 24.45 -67.11
CA ALA A 61 -13.16 25.45 -67.85
C ALA A 61 -13.15 26.77 -67.08
N ALA A 62 -13.24 26.66 -65.75
CA ALA A 62 -13.25 27.83 -64.88
C ALA A 62 -11.98 28.67 -64.98
N VAL A 63 -10.82 28.02 -64.83
CA VAL A 63 -9.55 28.75 -64.86
C VAL A 63 -9.27 29.40 -66.21
N GLN A 64 -10.04 29.04 -67.24
CA GLN A 64 -9.82 29.61 -68.56
C GLN A 64 -10.94 30.53 -69.05
N HIS A 65 -11.90 30.85 -68.17
CA HIS A 65 -13.02 31.71 -68.54
C HIS A 65 -12.56 33.13 -68.91
N PRO A 66 -13.15 33.69 -69.98
CA PRO A 66 -12.87 35.03 -70.50
C PRO A 66 -12.89 36.21 -69.53
N ASP A 67 -13.93 36.30 -68.72
CA ASP A 67 -14.06 37.41 -67.77
C ASP A 67 -13.30 37.23 -66.46
N VAL A 68 -12.48 36.19 -66.35
CA VAL A 68 -11.75 35.93 -65.12
C VAL A 68 -10.35 36.56 -65.10
N ASP A 69 -10.07 37.36 -64.07
CA ASP A 69 -8.78 38.00 -63.94
C ASP A 69 -7.89 37.23 -62.96
N LEU A 70 -8.49 36.78 -61.86
CA LEU A 70 -7.76 36.05 -60.82
C LEU A 70 -8.43 34.73 -60.47
N VAL A 71 -7.61 33.70 -60.37
CA VAL A 71 -8.10 32.38 -60.03
C VAL A 71 -7.63 32.03 -58.62
N VAL A 72 -8.55 31.59 -57.78
CA VAL A 72 -8.22 31.19 -56.42
C VAL A 72 -8.47 29.67 -56.38
N ILE A 73 -7.39 28.91 -56.30
CA ILE A 73 -7.45 27.46 -56.28
C ILE A 73 -7.61 26.87 -54.87
N ALA A 74 -8.80 26.33 -54.61
CA ALA A 74 -9.09 25.73 -53.30
C ALA A 74 -9.63 24.32 -53.50
N SER A 75 -9.15 23.68 -54.57
CA SER A 75 -9.54 22.33 -54.93
C SER A 75 -8.67 21.32 -54.17
N PRO A 76 -8.85 20.01 -54.43
CA PRO A 76 -8.02 19.03 -53.72
C PRO A 76 -6.53 19.30 -53.90
N ASN A 77 -5.74 18.93 -52.90
CA ASN A 77 -4.29 19.15 -52.91
C ASN A 77 -3.56 18.79 -54.20
N ALA A 78 -3.79 17.58 -54.69
CA ALA A 78 -3.13 17.10 -55.90
C ALA A 78 -3.46 17.89 -57.17
N THR A 79 -4.55 18.65 -57.14
CA THR A 79 -4.93 19.43 -58.33
C THR A 79 -4.39 20.85 -58.33
N HIS A 80 -3.78 21.29 -57.22
CA HIS A 80 -3.27 22.65 -57.13
C HIS A 80 -2.27 22.98 -58.23
N ALA A 81 -1.20 22.19 -58.33
CA ALA A 81 -0.17 22.44 -59.34
C ALA A 81 -0.69 22.42 -60.79
N PRO A 82 -1.50 21.41 -61.16
CA PRO A 82 -2.03 21.32 -62.53
C PRO A 82 -2.92 22.50 -62.91
N LEU A 83 -3.85 22.85 -62.03
CA LEU A 83 -4.77 23.93 -62.30
C LEU A 83 -4.04 25.26 -62.35
N ALA A 84 -2.99 25.39 -61.54
CA ALA A 84 -2.20 26.61 -61.49
C ALA A 84 -1.52 26.81 -62.85
N ARG A 85 -0.94 25.73 -63.39
CA ARG A 85 -0.28 25.79 -64.70
C ARG A 85 -1.28 26.23 -65.76
N LEU A 86 -2.44 25.58 -65.75
CA LEU A 86 -3.48 25.85 -66.71
C LEU A 86 -3.93 27.32 -66.61
N ALA A 87 -4.04 27.82 -65.40
CA ALA A 87 -4.46 29.21 -65.16
C ALA A 87 -3.45 30.22 -65.69
N LEU A 88 -2.18 30.02 -65.33
CA LEU A 88 -1.13 30.93 -65.78
C LEU A 88 -1.02 30.94 -67.30
N ASN A 89 -1.15 29.77 -67.92
CA ASN A 89 -1.06 29.67 -69.37
C ASN A 89 -2.24 30.35 -70.04
N ALA A 90 -3.36 30.42 -69.32
CA ALA A 90 -4.55 31.06 -69.83
C ALA A 90 -4.47 32.56 -69.54
N GLY A 91 -3.33 32.99 -69.01
CA GLY A 91 -3.14 34.40 -68.73
C GLY A 91 -3.80 34.96 -67.49
N LYS A 92 -4.14 34.11 -66.55
CA LYS A 92 -4.78 34.56 -65.31
C LYS A 92 -3.80 34.69 -64.14
N HIS A 93 -4.12 35.56 -63.19
CA HIS A 93 -3.29 35.70 -62.01
C HIS A 93 -3.78 34.56 -61.12
N VAL A 94 -2.93 34.08 -60.22
CA VAL A 94 -3.28 32.93 -59.39
C VAL A 94 -2.90 32.98 -57.91
N VAL A 95 -3.84 32.57 -57.06
CA VAL A 95 -3.64 32.45 -55.61
C VAL A 95 -3.90 30.97 -55.34
N VAL A 96 -2.91 30.30 -54.76
CA VAL A 96 -3.04 28.87 -54.48
C VAL A 96 -3.19 28.61 -52.99
N ASP A 97 -4.24 27.90 -52.62
CA ASP A 97 -4.48 27.56 -51.23
C ASP A 97 -3.39 26.54 -50.89
N LYS A 98 -2.93 26.50 -49.64
CA LYS A 98 -1.89 25.53 -49.27
C LYS A 98 -2.44 24.11 -49.47
N PRO A 99 -1.59 23.18 -49.91
CA PRO A 99 -0.17 23.40 -50.22
C PRO A 99 0.02 23.97 -51.62
N PHE A 100 1.05 24.81 -51.77
CA PHE A 100 1.40 25.44 -53.04
C PHE A 100 1.40 24.30 -54.07
N THR A 101 2.19 23.27 -53.78
CA THR A 101 2.32 22.07 -54.62
C THR A 101 2.71 20.97 -53.64
N LEU A 102 2.76 19.74 -54.13
CA LEU A 102 3.15 18.63 -53.26
C LEU A 102 4.61 18.29 -53.56
N ASP A 103 5.26 19.15 -54.33
CA ASP A 103 6.65 18.93 -54.72
C ASP A 103 7.35 20.25 -55.00
N MSE A 104 8.53 20.43 -54.43
CA MSE A 104 9.26 21.66 -54.64
C MSE A 104 9.71 21.90 -56.07
O MSE A 104 9.81 23.05 -56.49
CB MSE A 104 10.46 21.74 -53.70
CG MSE A 104 10.06 22.12 -52.27
SE MSE A 104 11.57 22.45 -51.13
CE MSE A 104 12.05 24.23 -51.69
N GLN A 105 9.97 20.84 -56.83
CA GLN A 105 10.38 21.05 -58.22
C GLN A 105 9.22 21.67 -58.98
N GLU A 106 8.00 21.23 -58.70
CA GLU A 106 6.83 21.80 -59.38
C GLU A 106 6.67 23.26 -58.95
N ALA A 107 6.91 23.52 -57.68
CA ALA A 107 6.79 24.88 -57.16
C ALA A 107 7.70 25.79 -57.97
N ARG A 108 8.95 25.38 -58.14
CA ARG A 108 9.90 26.18 -58.91
C ARG A 108 9.46 26.36 -60.36
N GLU A 109 8.83 25.34 -60.94
CA GLU A 109 8.37 25.45 -62.32
C GLU A 109 7.21 26.44 -62.43
N LEU A 110 6.34 26.44 -61.43
CA LEU A 110 5.22 27.36 -61.43
C LEU A 110 5.76 28.79 -61.25
N ILE A 111 6.72 28.95 -60.35
CA ILE A 111 7.31 30.26 -60.12
C ILE A 111 7.89 30.76 -61.45
N ALA A 112 8.56 29.85 -62.15
CA ALA A 112 9.18 30.19 -63.45
C ALA A 112 8.13 30.55 -64.50
N LEU A 113 7.06 29.76 -64.56
CA LEU A 113 5.98 29.98 -65.52
C LEU A 113 5.31 31.34 -65.33
N ALA A 114 4.98 31.65 -64.08
CA ALA A 114 4.32 32.91 -63.76
C ALA A 114 5.16 34.11 -64.21
N GLU A 115 6.47 34.03 -64.03
CA GLU A 115 7.34 35.12 -64.44
C GLU A 115 7.37 35.22 -65.96
N GLU A 116 7.47 34.08 -66.62
CA GLU A 116 7.49 34.05 -68.09
C GLU A 116 6.18 34.66 -68.60
N LYS A 117 5.07 34.28 -67.99
CA LYS A 117 3.77 34.77 -68.39
C LYS A 117 3.45 36.14 -67.81
N GLN A 118 4.38 36.67 -67.01
CA GLN A 118 4.20 37.98 -66.39
C GLN A 118 2.86 38.14 -65.66
N ARG A 119 2.51 37.14 -64.85
CA ARG A 119 1.27 37.17 -64.08
C ARG A 119 1.62 36.96 -62.62
N LEU A 120 0.72 37.39 -61.74
CA LEU A 120 0.96 37.23 -60.31
C LEU A 120 0.63 35.82 -59.83
N LEU A 121 1.53 35.29 -59.03
CA LEU A 121 1.38 33.97 -58.46
C LEU A 121 1.63 34.11 -56.97
N SER A 122 0.70 33.64 -56.15
CA SER A 122 0.86 33.72 -54.71
C SER A 122 0.25 32.49 -54.06
N VAL A 123 0.61 32.29 -52.79
CA VAL A 123 0.11 31.18 -52.01
C VAL A 123 -0.59 31.77 -50.79
N PHE A 124 -1.64 31.09 -50.34
CA PHE A 124 -2.43 31.57 -49.21
C PHE A 124 -1.77 31.46 -47.84
N HIS A 125 -0.78 32.31 -47.60
CA HIS A 125 -0.12 32.39 -46.31
C HIS A 125 -0.84 33.60 -45.71
N ASN A 126 -1.96 33.30 -45.07
CA ASN A 126 -2.86 34.28 -44.50
C ASN A 126 -2.75 34.57 -43.01
N ARG A 127 -1.66 34.18 -42.37
CA ARG A 127 -1.55 34.39 -40.93
C ARG A 127 -0.61 35.51 -40.50
N ARG A 128 -0.18 36.33 -41.45
CA ARG A 128 0.74 37.43 -41.16
C ARG A 128 0.06 38.64 -40.53
N TRP A 129 -1.25 38.55 -40.35
CA TRP A 129 -2.00 39.66 -39.79
C TRP A 129 -2.87 39.20 -38.63
N ASP A 130 -2.44 38.15 -37.93
CA ASP A 130 -3.20 37.66 -36.78
C ASP A 130 -2.95 38.55 -35.56
N SER A 131 -3.96 38.67 -34.70
CA SER A 131 -3.85 39.49 -33.51
C SER A 131 -2.66 39.07 -32.64
N ASP A 132 -2.53 37.78 -32.35
CA ASP A 132 -1.42 37.34 -31.52
C ASP A 132 -0.06 37.71 -32.14
N TYR A 133 0.13 37.32 -33.38
CA TYR A 133 1.36 37.58 -34.12
C TYR A 133 1.69 39.08 -34.20
N LEU A 134 0.70 39.90 -34.54
CA LEU A 134 0.94 41.32 -34.64
C LEU A 134 1.31 41.89 -33.28
N GLY A 135 0.65 41.40 -32.24
CA GLY A 135 0.96 41.87 -30.89
C GLY A 135 2.39 41.56 -30.52
N ILE A 136 2.82 40.33 -30.77
CA ILE A 136 4.18 39.90 -30.47
C ILE A 136 5.20 40.68 -31.29
N ARG A 137 4.97 40.81 -32.59
CA ARG A 137 5.91 41.54 -33.43
C ARG A 137 6.05 42.98 -32.94
N GLN A 138 4.94 43.53 -32.45
CA GLN A 138 4.94 44.90 -31.95
C GLN A 138 5.84 45.00 -30.72
N VAL A 139 5.64 44.12 -29.75
CA VAL A 139 6.45 44.14 -28.54
C VAL A 139 7.94 43.97 -28.88
N ILE A 140 8.24 43.09 -29.84
CA ILE A 140 9.63 42.87 -30.22
C ILE A 140 10.25 44.10 -30.87
N GLU A 141 9.48 44.78 -31.72
CA GLU A 141 9.97 45.98 -32.39
C GLU A 141 10.03 47.19 -31.46
N GLN A 142 9.30 47.13 -30.35
CA GLN A 142 9.29 48.20 -29.35
C GLN A 142 10.61 48.22 -28.58
N GLY A 143 11.27 47.06 -28.55
CA GLY A 143 12.53 46.96 -27.83
C GLY A 143 12.31 46.57 -26.38
N THR A 144 11.05 46.34 -26.03
CA THR A 144 10.68 45.97 -24.66
C THR A 144 11.47 44.79 -24.09
N LEU A 145 11.80 43.82 -24.94
CA LEU A 145 12.53 42.64 -24.48
C LEU A 145 14.00 42.64 -24.89
N GLY A 146 14.46 43.71 -25.51
CA GLY A 146 15.85 43.76 -25.94
C GLY A 146 16.01 42.82 -27.11
N ALA A 147 17.19 42.24 -27.26
CA ALA A 147 17.41 41.30 -28.36
C ALA A 147 16.73 39.96 -28.05
N VAL A 148 15.95 39.45 -29.00
CA VAL A 148 15.25 38.18 -28.83
C VAL A 148 16.25 37.03 -28.84
N LYS A 149 16.16 36.13 -27.88
CA LYS A 149 17.06 34.99 -27.79
C LYS A 149 16.30 33.66 -27.85
N HIS A 150 15.02 33.70 -27.45
CA HIS A 150 14.17 32.52 -27.44
C HIS A 150 12.76 32.89 -27.93
N PHE A 151 12.37 32.35 -29.09
CA PHE A 151 11.06 32.62 -29.68
C PHE A 151 10.30 31.30 -29.80
N GLU A 152 9.22 31.17 -29.04
CA GLU A 152 8.40 29.96 -29.01
C GLU A 152 6.97 30.25 -29.49
N SER A 153 6.50 29.41 -30.42
CA SER A 153 5.18 29.57 -31.03
C SER A 153 4.43 28.24 -31.02
N HIS A 154 3.24 28.23 -30.41
CA HIS A 154 2.43 27.02 -30.29
C HIS A 154 1.06 27.07 -30.95
N PHE A 155 0.65 25.92 -31.49
CA PHE A 155 -0.69 25.76 -32.05
C PHE A 155 -1.14 24.46 -31.34
N ASP A 156 -1.73 24.62 -30.16
CA ASP A 156 -2.17 23.49 -29.37
C ASP A 156 -3.65 23.50 -29.07
N ARG A 157 -4.21 22.29 -28.90
CA ARG A 157 -5.60 22.14 -28.55
C ARG A 157 -5.82 20.74 -28.02
N PHE A 158 -7.00 20.50 -27.47
CA PHE A 158 -7.31 19.20 -26.89
C PHE A 158 -8.37 18.43 -27.67
N ARG A 159 -7.93 17.43 -28.42
CA ARG A 159 -8.84 16.59 -29.21
C ARG A 159 -8.42 15.14 -29.10
N PRO A 160 -8.65 14.54 -27.92
CA PRO A 160 -8.29 13.14 -27.67
C PRO A 160 -9.03 12.15 -28.57
N GLU A 161 -10.20 12.55 -29.08
CA GLU A 161 -10.99 11.67 -29.93
C GLU A 161 -10.46 11.62 -31.35
N VAL A 162 -9.98 10.46 -31.77
CA VAL A 162 -9.47 10.31 -33.13
C VAL A 162 -10.59 9.97 -34.10
N SER A 174 -3.26 14.47 -43.94
CA SER A 174 -1.84 14.76 -44.20
C SER A 174 -1.01 15.02 -42.94
N GLY A 175 -1.64 15.14 -41.78
CA GLY A 175 -0.88 15.36 -40.56
C GLY A 175 -0.88 16.76 -39.97
N LEU A 176 -0.75 16.85 -38.65
CA LEU A 176 -0.75 18.14 -37.97
C LEU A 176 0.39 19.03 -38.44
N TRP A 177 1.59 18.49 -38.58
CA TRP A 177 2.72 19.31 -39.03
C TRP A 177 2.43 19.96 -40.37
N PHE A 178 2.00 19.16 -41.33
CA PHE A 178 1.68 19.64 -42.67
C PHE A 178 0.56 20.68 -42.67
N ASP A 179 -0.42 20.49 -41.80
CA ASP A 179 -1.53 21.44 -41.72
C ASP A 179 -1.21 22.74 -40.97
N LEU A 180 -0.60 22.63 -39.79
CA LEU A 180 -0.30 23.81 -38.98
C LEU A 180 1.13 24.35 -39.06
N GLY A 181 2.07 23.52 -39.51
CA GLY A 181 3.45 23.97 -39.62
C GLY A 181 3.62 25.20 -40.51
N PRO A 182 2.92 25.26 -41.65
CA PRO A 182 3.05 26.43 -42.52
C PRO A 182 2.82 27.78 -41.84
N HIS A 183 1.78 27.88 -41.01
CA HIS A 183 1.48 29.15 -40.30
C HIS A 183 2.65 29.53 -39.40
N LEU A 184 3.08 28.57 -38.59
CA LEU A 184 4.19 28.75 -37.65
C LEU A 184 5.50 29.13 -38.35
N ILE A 185 5.81 28.41 -39.43
CA ILE A 185 7.04 28.67 -40.16
C ILE A 185 6.98 30.06 -40.82
N ASP A 186 5.93 30.32 -41.59
CA ASP A 186 5.80 31.60 -42.28
C ASP A 186 6.02 32.78 -41.35
N GLN A 187 5.37 32.77 -40.20
CA GLN A 187 5.52 33.87 -39.25
C GLN A 187 6.96 34.00 -38.79
N ALA A 188 7.61 32.87 -38.52
CA ALA A 188 9.00 32.91 -38.07
C ALA A 188 9.95 33.45 -39.13
N LEU A 189 9.77 33.04 -40.39
CA LEU A 189 10.64 33.52 -41.47
C LEU A 189 10.43 35.00 -41.73
N GLN A 190 9.21 35.48 -41.53
CA GLN A 190 8.90 36.89 -41.73
C GLN A 190 9.63 37.73 -40.69
N LEU A 191 9.70 37.20 -39.47
CA LEU A 191 10.36 37.90 -38.38
C LEU A 191 11.88 37.79 -38.38
N PHE A 192 12.40 36.60 -38.71
CA PHE A 192 13.84 36.38 -38.65
C PHE A 192 14.56 35.97 -39.94
N GLY A 193 13.83 35.80 -41.03
CA GLY A 193 14.49 35.38 -42.25
C GLY A 193 14.77 33.89 -42.17
N LEU A 194 15.57 33.37 -43.09
CA LEU A 194 15.89 31.94 -43.11
C LEU A 194 16.80 31.51 -41.97
N PRO A 195 16.53 30.33 -41.39
CA PRO A 195 17.31 29.76 -40.29
C PRO A 195 18.54 29.06 -40.87
N GLN A 196 19.54 28.79 -40.04
CA GLN A 196 20.75 28.10 -40.50
C GLN A 196 20.48 26.62 -40.64
N SER A 197 19.66 26.08 -39.75
CA SER A 197 19.35 24.66 -39.80
C SER A 197 18.01 24.41 -39.14
N VAL A 198 17.49 23.20 -39.35
CA VAL A 198 16.21 22.79 -38.83
C VAL A 198 16.30 21.41 -38.19
N GLN A 199 15.79 21.29 -36.97
CA GLN A 199 15.79 20.04 -36.23
C GLN A 199 14.32 19.74 -35.94
N GLY A 200 13.86 18.55 -36.31
CA GLY A 200 12.46 18.23 -36.08
C GLY A 200 12.21 16.93 -35.36
N ASN A 201 11.10 16.87 -34.63
CA ASN A 201 10.71 15.68 -33.88
C ASN A 201 9.19 15.62 -34.09
N ILE A 202 8.75 14.64 -34.87
CA ILE A 202 7.33 14.51 -35.17
C ILE A 202 6.81 13.14 -34.77
N ALA A 203 5.65 13.12 -34.11
CA ALA A 203 5.08 11.87 -33.66
C ALA A 203 3.56 11.80 -33.70
N THR A 204 3.07 10.56 -33.57
CA THR A 204 1.65 10.23 -33.54
C THR A 204 1.48 9.63 -32.14
N LEU A 205 0.93 10.42 -31.21
CA LEU A 205 0.79 9.98 -29.83
C LEU A 205 -0.58 9.61 -29.32
N ARG A 206 -1.64 10.15 -29.93
CA ARG A 206 -2.97 9.79 -29.49
C ARG A 206 -3.18 8.32 -29.82
N ASP A 207 -3.74 7.59 -28.86
CA ASP A 207 -3.97 6.17 -29.05
C ASP A 207 -4.84 5.91 -30.27
N GLY A 208 -4.34 5.10 -31.19
CA GLY A 208 -5.11 4.79 -32.39
C GLY A 208 -5.05 5.79 -33.53
N ALA A 209 -4.35 6.91 -33.36
CA ALA A 209 -4.24 7.89 -34.44
C ALA A 209 -3.40 7.30 -35.56
N GLU A 210 -3.56 7.82 -36.78
CA GLU A 210 -2.81 7.30 -37.92
C GLU A 210 -1.83 8.29 -38.53
N ILE A 211 -1.96 9.57 -38.20
CA ILE A 211 -1.05 10.59 -38.71
C ILE A 211 -0.56 11.45 -37.54
N ASN A 212 0.61 12.07 -37.68
CA ASN A 212 1.17 12.86 -36.59
C ASN A 212 0.23 13.89 -35.96
N ASP A 213 0.29 13.98 -34.63
CA ASP A 213 -0.53 14.90 -33.84
C ASP A 213 0.33 15.61 -32.80
N TRP A 214 1.65 15.50 -32.97
CA TRP A 214 2.62 16.13 -32.10
C TRP A 214 3.85 16.46 -32.96
N ALA A 215 4.20 17.74 -33.03
CA ALA A 215 5.35 18.18 -33.81
C ALA A 215 6.12 19.21 -33.01
N HIS A 216 7.41 18.96 -32.82
CA HIS A 216 8.28 19.85 -32.07
C HIS A 216 9.48 20.15 -32.96
N VAL A 217 9.50 21.36 -33.51
CA VAL A 217 10.53 21.78 -34.46
C VAL A 217 11.35 22.98 -34.00
N VAL A 218 12.67 22.83 -34.06
CA VAL A 218 13.55 23.91 -33.65
C VAL A 218 14.29 24.47 -34.85
N LEU A 219 14.27 25.80 -34.98
CA LEU A 219 14.98 26.48 -36.06
C LEU A 219 16.16 27.19 -35.43
N ASN A 220 17.37 26.86 -35.88
CA ASN A 220 18.57 27.49 -35.33
C ASN A 220 19.01 28.72 -36.11
N TYR A 221 19.24 29.81 -35.39
CA TYR A 221 19.69 31.07 -35.99
C TYR A 221 21.05 31.38 -35.32
N PRO A 222 21.83 32.27 -35.94
CA PRO A 222 23.14 32.60 -35.34
C PRO A 222 23.13 33.01 -33.87
N ALA A 223 22.18 33.86 -33.48
CA ALA A 223 22.12 34.33 -32.09
C ALA A 223 20.84 34.08 -31.31
N HIS A 224 19.96 33.23 -31.81
CA HIS A 224 18.74 32.93 -31.09
C HIS A 224 18.11 31.62 -31.53
N LYS A 225 17.16 31.13 -30.76
CA LYS A 225 16.49 29.88 -31.06
C LYS A 225 15.00 30.09 -31.28
N VAL A 226 14.44 29.30 -32.17
CA VAL A 226 13.02 29.37 -32.50
C VAL A 226 12.42 27.97 -32.32
N ILE A 227 11.36 27.89 -31.52
CA ILE A 227 10.67 26.64 -31.27
C ILE A 227 9.24 26.71 -31.81
N LEU A 228 8.94 25.81 -32.74
CA LEU A 228 7.61 25.72 -33.33
C LEU A 228 7.02 24.43 -32.81
N HIS A 229 5.84 24.52 -32.21
CA HIS A 229 5.22 23.35 -31.60
C HIS A 229 3.71 23.30 -31.81
N CYS A 230 3.20 22.10 -32.09
CA CYS A 230 1.77 21.91 -32.22
C CYS A 230 1.41 20.51 -31.76
N SER A 231 0.29 20.41 -31.06
CA SER A 231 -0.18 19.15 -30.53
C SER A 231 -1.69 19.10 -30.44
N MSE A 232 -2.24 17.89 -30.61
CA MSE A 232 -3.67 17.67 -30.51
C MSE A 232 -4.04 17.22 -29.10
O MSE A 232 -5.21 16.97 -28.83
CB MSE A 232 -4.11 16.59 -31.51
CG MSE A 232 -4.07 17.04 -32.97
SE MSE A 232 -5.28 18.51 -33.30
CE MSE A 232 -6.75 17.54 -34.10
N LEU A 233 -3.06 17.13 -28.21
CA LEU A 233 -3.31 16.70 -26.83
C LEU A 233 -2.83 17.70 -25.76
N VAL A 234 -3.48 18.85 -25.72
CA VAL A 234 -3.13 19.88 -24.74
C VAL A 234 -4.41 20.43 -24.11
N ALA A 235 -4.79 19.88 -22.97
CA ALA A 235 -6.00 20.29 -22.26
C ALA A 235 -5.88 21.73 -21.75
N GLY A 236 -4.66 22.15 -21.45
CA GLY A 236 -4.43 23.51 -20.98
C GLY A 236 -3.02 23.71 -20.50
N GLY A 237 -2.61 24.96 -20.27
CA GLY A 237 -1.27 25.18 -19.75
C GLY A 237 -0.20 25.70 -20.70
N SER A 238 -0.47 25.71 -22.01
CA SER A 238 0.52 26.21 -22.94
C SER A 238 0.14 27.62 -23.40
N SER A 239 1.09 28.31 -24.03
CA SER A 239 0.84 29.66 -24.52
C SER A 239 1.10 29.74 -26.02
N ARG A 240 0.25 30.50 -26.70
CA ARG A 240 0.36 30.69 -28.14
C ARG A 240 1.75 31.21 -28.52
N PHE A 241 2.25 32.16 -27.74
CA PHE A 241 3.58 32.75 -27.96
C PHE A 241 4.32 33.00 -26.66
N THR A 242 5.59 32.62 -26.63
CA THR A 242 6.45 32.84 -25.48
C THR A 242 7.75 33.33 -26.07
N VAL A 243 8.13 34.56 -25.73
CA VAL A 243 9.36 35.13 -26.27
C VAL A 243 10.22 35.70 -25.16
N HIS A 244 11.51 35.33 -25.19
CA HIS A 244 12.46 35.81 -24.18
C HIS A 244 13.59 36.57 -24.84
N GLY A 245 13.93 37.72 -24.24
CA GLY A 245 15.02 38.55 -24.73
C GLY A 245 15.89 38.86 -23.53
N ASP A 246 16.99 39.58 -23.71
CA ASP A 246 17.85 39.88 -22.56
C ASP A 246 17.36 41.06 -21.70
N LYS A 247 16.21 41.64 -22.05
CA LYS A 247 15.66 42.73 -21.26
C LYS A 247 14.33 42.34 -20.65
N GLY A 248 13.73 41.26 -21.15
CA GLY A 248 12.45 40.82 -20.64
C GLY A 248 11.77 39.78 -21.51
N SER A 249 10.58 39.36 -21.09
CA SER A 249 9.81 38.34 -21.79
C SER A 249 8.38 38.80 -22.06
N VAL A 250 7.76 38.21 -23.07
CA VAL A 250 6.37 38.49 -23.39
C VAL A 250 5.66 37.18 -23.69
N ILE A 251 4.47 37.03 -23.12
CA ILE A 251 3.66 35.85 -23.33
C ILE A 251 2.29 36.26 -23.86
N LYS A 252 1.82 35.54 -24.88
CA LYS A 252 0.50 35.76 -25.45
C LYS A 252 -0.13 34.39 -25.27
N ALA A 253 -1.06 34.30 -24.33
CA ALA A 253 -1.73 33.05 -23.99
C ALA A 253 -2.62 32.43 -25.05
N ARG A 254 -3.62 33.20 -25.48
CA ARG A 254 -4.60 32.73 -26.45
C ARG A 254 -4.25 33.02 -27.90
N ALA A 255 -4.63 32.09 -28.78
CA ALA A 255 -4.36 32.23 -30.21
C ALA A 255 -5.41 33.10 -30.88
N ASP A 256 -5.04 33.70 -32.01
CA ASP A 256 -5.94 34.54 -32.81
C ASP A 256 -7.23 33.75 -33.03
N GLN A 257 -8.38 34.39 -32.85
CA GLN A 257 -9.65 33.69 -33.00
C GLN A 257 -10.39 33.88 -34.32
N GLN A 258 -9.70 34.39 -35.34
CA GLN A 258 -10.36 34.59 -36.63
C GLN A 258 -10.83 33.29 -37.22
N GLU A 259 -10.04 32.22 -37.10
CA GLU A 259 -10.45 30.96 -37.68
C GLU A 259 -11.72 30.44 -37.00
N SER A 260 -11.78 30.55 -35.67
CA SER A 260 -12.97 30.10 -34.97
C SER A 260 -14.16 30.96 -35.37
N GLN A 261 -13.90 32.24 -35.64
CA GLN A 261 -14.98 33.14 -36.07
C GLN A 261 -15.51 32.68 -37.43
N LEU A 262 -14.61 32.42 -38.38
CA LEU A 262 -15.04 31.95 -39.70
C LEU A 262 -15.80 30.63 -39.53
N LEU A 263 -15.32 29.76 -38.67
CA LEU A 263 -15.98 28.48 -38.44
C LEU A 263 -17.40 28.74 -37.93
N ALA A 264 -17.55 29.74 -37.07
CA ALA A 264 -18.86 30.08 -36.52
C ALA A 264 -19.72 30.82 -37.53
N GLY A 265 -19.11 31.25 -38.63
CA GLY A 265 -19.88 31.96 -39.64
C GLY A 265 -19.92 33.48 -39.47
N VAL A 266 -19.01 34.01 -38.67
CA VAL A 266 -18.94 35.46 -38.48
C VAL A 266 -18.48 36.06 -39.81
N VAL A 267 -19.06 37.18 -40.20
CA VAL A 267 -18.69 37.80 -41.45
C VAL A 267 -17.38 38.56 -41.29
N PRO A 268 -16.39 38.26 -42.15
CA PRO A 268 -15.09 38.96 -42.04
C PRO A 268 -15.30 40.47 -42.18
N GLY A 269 -14.63 41.23 -41.34
CA GLY A 269 -14.76 42.68 -41.39
C GLY A 269 -15.88 43.26 -40.55
N SER A 270 -16.62 42.41 -39.85
CA SER A 270 -17.71 42.87 -39.00
C SER A 270 -17.14 43.35 -37.66
N ALA A 271 -17.98 44.00 -36.85
CA ALA A 271 -17.61 44.57 -35.56
C ALA A 271 -16.59 43.84 -34.68
N ASP A 272 -16.81 42.56 -34.39
CA ASP A 272 -15.89 41.84 -33.53
C ASP A 272 -14.85 41.00 -34.26
N TRP A 273 -14.81 41.13 -35.58
CA TRP A 273 -13.86 40.37 -36.39
C TRP A 273 -12.42 40.72 -36.03
N GLY A 274 -11.63 39.69 -35.68
CA GLY A 274 -10.23 39.89 -35.37
C GLY A 274 -9.90 40.56 -34.03
N GLN A 275 -10.91 40.81 -33.21
CA GLN A 275 -10.71 41.43 -31.92
C GLN A 275 -10.06 40.43 -30.97
N ASP A 276 -9.13 40.89 -30.14
CA ASP A 276 -8.47 40.01 -29.20
C ASP A 276 -8.40 40.69 -27.83
N ASP A 277 -9.28 40.29 -26.91
CA ASP A 277 -9.28 40.89 -25.58
C ASP A 277 -8.32 40.17 -24.63
N ASP A 278 -7.53 39.24 -25.17
CA ASP A 278 -6.53 38.52 -24.38
C ASP A 278 -5.27 39.34 -24.57
N PRO A 279 -4.88 40.09 -23.54
CA PRO A 279 -3.69 40.94 -23.62
C PRO A 279 -2.33 40.25 -23.63
N LEU A 280 -1.31 41.02 -24.01
CA LEU A 280 0.07 40.54 -24.04
C LEU A 280 0.60 40.75 -22.63
N VAL A 281 1.25 39.74 -22.06
CA VAL A 281 1.80 39.85 -20.71
C VAL A 281 3.32 40.01 -20.78
N ILE A 282 3.80 41.17 -20.32
CA ILE A 282 5.22 41.49 -20.38
C ILE A 282 5.93 41.52 -19.03
N TYR A 283 7.04 40.78 -18.96
CA TYR A 283 7.87 40.70 -17.76
C TYR A 283 9.15 41.50 -18.02
N ASP A 284 9.44 42.48 -17.17
CA ASP A 284 10.65 43.27 -17.36
C ASP A 284 11.76 42.68 -16.49
N ALA A 285 12.92 43.35 -16.47
CA ALA A 285 14.06 42.88 -15.70
C ALA A 285 13.77 42.70 -14.21
N SER A 286 12.65 43.25 -13.75
CA SER A 286 12.28 43.14 -12.34
C SER A 286 11.41 41.91 -12.10
N LEU A 287 11.22 41.12 -13.15
CA LEU A 287 10.42 39.89 -13.09
C LEU A 287 8.94 40.16 -12.85
N GLN A 288 8.55 41.43 -12.87
CA GLN A 288 7.15 41.77 -12.67
C GLN A 288 6.46 41.95 -14.02
N ALA A 289 5.18 41.61 -14.06
CA ALA A 289 4.41 41.70 -15.29
C ALA A 289 3.39 42.82 -15.39
N HIS A 290 3.17 43.27 -16.62
CA HIS A 290 2.19 44.29 -16.93
C HIS A 290 1.59 43.89 -18.26
N ALA A 291 0.34 44.25 -18.48
CA ALA A 291 -0.36 43.90 -19.71
C ALA A 291 -0.30 44.99 -20.77
N GLN A 292 -0.42 44.57 -22.03
CA GLN A 292 -0.42 45.48 -23.15
C GLN A 292 -1.46 44.97 -24.13
N ALA A 293 -2.44 45.81 -24.43
CA ALA A 293 -3.52 45.45 -25.35
C ALA A 293 -3.01 44.83 -26.63
N THR A 294 -3.69 43.79 -27.10
CA THR A 294 -3.30 43.13 -28.32
C THR A 294 -4.00 43.80 -29.50
N PRO A 295 -3.25 44.13 -30.56
CA PRO A 295 -3.83 44.78 -31.73
C PRO A 295 -4.80 43.81 -32.41
N GLN A 296 -5.78 44.35 -33.12
CA GLN A 296 -6.75 43.48 -33.79
C GLN A 296 -6.10 42.85 -35.01
N GLY A 297 -6.56 41.67 -35.38
CA GLY A 297 -6.00 41.01 -36.54
C GLY A 297 -7.01 41.05 -37.67
N ASP A 298 -6.55 40.80 -38.89
CA ASP A 298 -7.45 40.78 -40.03
C ASP A 298 -6.80 40.11 -41.24
N GLN A 299 -7.09 38.83 -41.42
CA GLN A 299 -6.50 38.13 -42.55
C GLN A 299 -7.02 38.62 -43.89
N ARG A 300 -8.04 39.46 -43.87
CA ARG A 300 -8.58 40.04 -45.11
C ARG A 300 -7.43 40.80 -45.79
N GLN A 301 -6.44 41.21 -44.98
CA GLN A 301 -5.28 41.94 -45.49
C GLN A 301 -4.62 41.19 -46.65
N TYR A 302 -4.58 39.86 -46.57
CA TYR A 302 -3.99 39.06 -47.64
C TYR A 302 -4.64 39.44 -48.98
N TYR A 303 -5.97 39.39 -49.03
CA TYR A 303 -6.66 39.74 -50.26
C TYR A 303 -6.64 41.22 -50.61
N MSE A 304 -6.62 42.09 -49.60
CA MSE A 304 -6.58 43.52 -49.85
C MSE A 304 -5.24 43.84 -50.52
O MSE A 304 -5.19 44.65 -51.46
CB MSE A 304 -6.72 44.29 -48.54
CG MSE A 304 -8.07 44.09 -47.85
SE MSE A 304 -8.22 45.11 -46.19
CE MSE A 304 -7.90 43.73 -44.89
N LEU A 305 -4.17 43.22 -50.04
CA LEU A 305 -2.84 43.42 -50.60
C LEU A 305 -2.68 42.75 -51.97
N ILE A 306 -3.31 41.59 -52.15
CA ILE A 306 -3.25 40.93 -53.46
C ILE A 306 -3.96 41.86 -54.46
N ARG A 307 -5.08 42.43 -54.02
CA ARG A 307 -5.87 43.36 -54.83
C ARG A 307 -4.99 44.55 -55.24
N ASP A 308 -4.33 45.17 -54.27
CA ASP A 308 -3.46 46.33 -54.53
C ASP A 308 -2.30 45.97 -55.45
N ALA A 309 -1.76 44.77 -55.29
CA ALA A 309 -0.65 44.30 -56.11
C ALA A 309 -1.11 44.20 -57.56
N LEU A 310 -2.30 43.63 -57.76
CA LEU A 310 -2.85 43.47 -59.10
C LEU A 310 -3.14 44.83 -59.75
N LYS A 311 -3.31 45.86 -58.93
CA LYS A 311 -3.57 47.20 -59.42
C LYS A 311 -2.27 47.96 -59.64
N GLY A 312 -1.14 47.29 -59.41
CA GLY A 312 0.16 47.92 -59.58
C GLY A 312 0.51 48.95 -58.52
N GLN A 313 -0.14 48.87 -57.36
CA GLN A 313 0.12 49.81 -56.27
C GLN A 313 1.25 49.36 -55.35
N ILE A 314 1.44 48.05 -55.27
CA ILE A 314 2.48 47.47 -54.41
C ILE A 314 2.93 46.16 -55.05
N ALA A 315 4.03 45.61 -54.57
CA ALA A 315 4.50 44.34 -55.11
C ALA A 315 3.66 43.25 -54.47
N ASN A 316 3.68 42.07 -55.09
CA ASN A 316 2.95 40.90 -54.57
C ASN A 316 3.26 40.83 -53.08
N PRO A 317 2.24 40.78 -52.21
CA PRO A 317 2.50 40.72 -50.77
C PRO A 317 3.17 39.42 -50.32
N VAL A 318 2.88 38.34 -51.05
CA VAL A 318 3.44 37.04 -50.73
C VAL A 318 3.96 36.41 -52.03
N PRO A 319 5.17 36.82 -52.44
CA PRO A 319 5.76 36.26 -53.66
C PRO A 319 5.93 34.76 -53.47
N PRO A 320 5.78 33.99 -54.56
CA PRO A 320 5.90 32.53 -54.48
C PRO A 320 7.19 31.97 -53.88
N VAL A 321 8.31 32.69 -54.01
CA VAL A 321 9.57 32.21 -53.45
C VAL A 321 9.47 32.11 -51.94
N GLU A 322 8.61 32.93 -51.33
CA GLU A 322 8.42 32.91 -49.89
C GLU A 322 7.68 31.64 -49.49
N ALA A 323 6.77 31.18 -50.36
CA ALA A 323 6.03 29.96 -50.11
C ALA A 323 6.99 28.78 -50.30
N LEU A 324 7.93 28.93 -51.23
CA LEU A 324 8.91 27.89 -51.50
C LEU A 324 9.81 27.75 -50.26
N ALA A 325 10.13 28.88 -49.65
CA ALA A 325 10.96 28.89 -48.45
C ALA A 325 10.25 28.15 -47.32
N VAL A 326 8.94 28.36 -47.21
CA VAL A 326 8.18 27.68 -46.15
C VAL A 326 8.20 26.18 -46.36
N MSE A 327 8.05 25.75 -47.61
CA MSE A 327 8.07 24.32 -47.96
C MSE A 327 9.43 23.72 -47.62
O MSE A 327 9.52 22.58 -47.16
CB MSE A 327 7.78 24.12 -49.45
CG MSE A 327 6.34 24.37 -49.86
SE MSE A 327 6.07 24.12 -51.78
CE MSE A 327 6.41 22.22 -51.88
N ALA A 328 10.47 24.49 -47.88
CA ALA A 328 11.84 24.06 -47.61
C ALA A 328 12.03 23.74 -46.12
N VAL A 329 11.53 24.62 -45.26
CA VAL A 329 11.66 24.40 -43.82
C VAL A 329 10.74 23.25 -43.40
N LEU A 330 9.54 23.21 -43.95
CA LEU A 330 8.56 22.19 -43.63
C LEU A 330 9.13 20.80 -43.94
N GLU A 331 9.71 20.67 -45.13
CA GLU A 331 10.30 19.41 -45.58
C GLU A 331 11.60 19.07 -44.85
N ALA A 332 12.35 20.10 -44.46
CA ALA A 332 13.60 19.91 -43.73
C ALA A 332 13.28 19.33 -42.37
N ALA A 333 12.21 19.82 -41.74
CA ALA A 333 11.79 19.33 -40.43
C ALA A 333 11.38 17.85 -40.53
N VAL A 334 10.66 17.50 -41.60
CA VAL A 334 10.25 16.11 -41.79
C VAL A 334 11.47 15.20 -41.96
N ARG A 335 12.42 15.63 -42.79
CA ARG A 335 13.63 14.84 -43.02
C ARG A 335 14.36 14.63 -41.68
N SER A 336 14.41 15.69 -40.88
CA SER A 336 15.08 15.63 -39.60
C SER A 336 14.41 14.59 -38.70
N ALA A 337 13.08 14.63 -38.63
CA ALA A 337 12.33 13.70 -37.79
C ALA A 337 12.52 12.26 -38.25
N GLU A 338 12.56 12.05 -39.56
CA GLU A 338 12.73 10.71 -40.11
C GLU A 338 14.16 10.17 -40.01
N SER A 339 15.14 11.04 -40.21
CA SER A 339 16.55 10.63 -40.18
C SER A 339 17.21 10.75 -38.82
N GLY A 340 16.61 11.59 -37.97
CA GLY A 340 17.18 11.83 -36.65
C GLY A 340 18.35 12.79 -36.77
N MSE A 341 18.47 13.44 -37.91
CA MSE A 341 19.57 14.37 -38.17
C MSE A 341 19.15 15.82 -38.46
O MSE A 341 18.15 16.05 -39.16
CB MSE A 341 20.42 13.85 -39.35
CG MSE A 341 21.54 14.77 -39.83
SE MSE A 341 23.05 15.02 -38.60
CE MSE A 341 23.39 16.92 -38.91
N VAL A 342 19.92 16.77 -37.95
CA VAL A 342 19.67 18.19 -38.17
C VAL A 342 19.79 18.46 -39.67
N GLN A 343 18.88 19.26 -40.21
CA GLN A 343 18.88 19.54 -41.65
C GLN A 343 19.06 20.99 -42.05
N THR A 344 19.49 21.19 -43.30
CA THR A 344 19.65 22.52 -43.87
C THR A 344 18.54 22.63 -44.91
N LEU A 345 18.36 23.82 -45.47
CA LEU A 345 17.29 24.05 -46.45
C LEU A 345 17.70 23.78 -47.89
N ASP A 346 16.83 23.10 -48.63
CA ASP A 346 17.12 22.80 -50.02
C ASP A 346 16.71 23.97 -50.92
N LEU A 347 17.47 25.06 -50.83
CA LEU A 347 17.22 26.26 -51.63
C LEU A 347 18.50 26.66 -52.35
N SER A 348 18.37 27.05 -53.62
CA SER A 348 19.53 27.46 -54.41
C SER A 348 20.05 28.79 -53.87
N ASP A 349 21.28 29.14 -54.26
CA ASP A 349 21.89 30.38 -53.83
C ASP A 349 21.11 31.60 -54.29
N ASP A 350 20.55 31.55 -55.51
CA ASP A 350 19.79 32.69 -56.00
C ASP A 350 18.49 32.82 -55.22
N GLU A 351 17.86 31.70 -54.92
CA GLU A 351 16.63 31.73 -54.15
C GLU A 351 16.94 32.34 -52.79
N ARG A 352 18.04 31.90 -52.19
CA ARG A 352 18.45 32.43 -50.89
C ARG A 352 18.75 33.91 -51.02
N ASN A 353 19.37 34.30 -52.13
CA ASN A 353 19.68 35.71 -52.36
C ASN A 353 18.42 36.53 -52.49
N THR A 354 17.45 36.01 -53.25
CA THR A 354 16.17 36.69 -53.43
C THR A 354 15.46 36.81 -52.08
N LEU A 355 15.38 35.71 -51.35
CA LEU A 355 14.72 35.73 -50.05
C LEU A 355 15.40 36.70 -49.09
N ARG A 356 16.73 36.68 -49.07
CA ARG A 356 17.47 37.57 -48.19
C ARG A 356 17.23 39.04 -48.54
N GLU A 357 17.33 39.36 -49.83
CA GLU A 357 17.12 40.74 -50.27
C GLU A 357 15.68 41.19 -50.01
N GLY A 358 14.73 40.28 -50.22
CA GLY A 358 13.34 40.60 -49.99
C GLY A 358 13.07 40.90 -48.53
N HIS A 359 13.74 40.20 -47.64
CA HIS A 359 13.59 40.38 -46.20
C HIS A 359 13.94 41.83 -45.83
N HIS A 360 13.98 42.69 -46.84
CA HIS A 360 14.29 44.13 -46.72
C HIS A 360 15.75 44.35 -46.42
N LEU B 3 32.97 8.31 21.23
CA LEU B 3 31.99 8.38 20.10
C LEU B 3 30.88 7.33 20.21
N SER B 4 29.62 7.76 20.12
CA SER B 4 28.49 6.83 20.23
C SER B 4 28.63 5.68 19.23
N ASN B 5 28.44 4.47 19.72
CA ASN B 5 28.58 3.26 18.91
C ASN B 5 27.32 2.84 18.14
N ASN B 6 26.16 3.31 18.61
CA ASN B 6 24.89 2.94 17.98
C ASN B 6 24.47 3.84 16.82
N THR B 7 25.31 4.78 16.45
CA THR B 7 25.00 5.69 15.35
C THR B 7 25.89 5.44 14.15
N ILE B 8 25.47 5.99 13.00
CA ILE B 8 26.23 5.88 11.77
C ILE B 8 27.11 7.11 11.81
N ASN B 9 28.39 6.90 12.12
CA ASN B 9 29.33 8.01 12.23
C ASN B 9 29.88 8.47 10.88
N ILE B 10 29.61 9.73 10.58
CA ILE B 10 29.99 10.34 9.31
C ILE B 10 31.14 11.34 9.33
N ALA B 11 31.91 11.32 8.25
CA ALA B 11 32.98 12.28 8.04
C ALA B 11 32.53 13.04 6.79
N LEU B 12 32.30 14.33 6.93
CA LEU B 12 31.90 15.17 5.80
C LEU B 12 33.21 15.72 5.23
N ILE B 13 33.49 15.41 3.97
CA ILE B 13 34.71 15.85 3.32
C ILE B 13 34.47 17.16 2.57
N GLY B 14 34.99 18.25 3.13
CA GLY B 14 34.81 19.55 2.52
C GLY B 14 33.72 20.34 3.21
N TYR B 15 34.05 21.56 3.61
CA TYR B 15 33.08 22.42 4.26
C TYR B 15 32.94 23.69 3.43
N GLY B 16 32.85 23.49 2.13
CA GLY B 16 32.66 24.61 1.24
C GLY B 16 31.18 24.93 1.22
N PHE B 17 30.74 25.62 0.18
CA PHE B 17 29.35 26.00 0.05
C PHE B 17 28.37 24.84 0.24
N VAL B 18 28.55 23.77 -0.54
CA VAL B 18 27.65 22.63 -0.46
C VAL B 18 27.73 21.87 0.87
N GLY B 19 28.94 21.65 1.37
CA GLY B 19 29.08 20.94 2.63
C GLY B 19 28.42 21.69 3.78
N LYS B 20 28.59 23.02 3.80
CA LYS B 20 28.03 23.84 4.85
C LYS B 20 26.53 24.13 4.73
N THR B 21 26.08 24.41 3.51
CA THR B 21 24.69 24.77 3.28
C THR B 21 23.71 23.60 3.19
N PHE B 22 24.16 22.49 2.63
CA PHE B 22 23.32 21.30 2.45
C PHE B 22 23.57 20.15 3.42
N HIS B 23 24.67 19.43 3.19
CA HIS B 23 25.01 18.25 3.96
C HIS B 23 25.02 18.35 5.48
N ALA B 24 25.77 19.28 6.05
CA ALA B 24 25.80 19.39 7.50
C ALA B 24 24.40 19.56 8.12
N PRO B 25 23.61 20.54 7.62
CA PRO B 25 22.26 20.77 8.16
C PRO B 25 21.32 19.59 7.99
N LEU B 26 21.34 18.97 6.82
CA LEU B 26 20.48 17.83 6.55
C LEU B 26 20.86 16.65 7.45
N ILE B 27 22.14 16.29 7.46
CA ILE B 27 22.61 15.16 8.26
C ILE B 27 22.29 15.33 9.74
N ARG B 28 22.54 16.53 10.27
CA ARG B 28 22.29 16.79 11.68
C ARG B 28 20.80 16.73 12.06
N SER B 29 19.94 16.81 11.05
CA SER B 29 18.49 16.78 11.28
C SER B 29 17.92 15.36 11.20
N VAL B 30 18.76 14.39 10.88
CA VAL B 30 18.33 13.01 10.74
C VAL B 30 18.86 12.13 11.86
N PRO B 31 17.97 11.69 12.77
CA PRO B 31 18.36 10.82 13.89
C PRO B 31 19.03 9.54 13.39
N GLY B 32 19.97 9.03 14.18
CA GLY B 32 20.65 7.80 13.80
C GLY B 32 21.94 8.10 13.08
N LEU B 33 22.04 9.31 12.54
CA LEU B 33 23.24 9.74 11.84
C LEU B 33 24.02 10.69 12.74
N ASN B 34 25.33 10.54 12.78
CA ASN B 34 26.14 11.41 13.61
C ASN B 34 27.31 12.02 12.83
N LEU B 35 27.25 13.32 12.62
CA LEU B 35 28.33 14.03 11.93
C LEU B 35 29.42 14.25 12.97
N ALA B 36 30.43 13.37 12.97
CA ALA B 36 31.51 13.42 13.94
C ALA B 36 32.80 14.05 13.42
N PHE B 37 33.00 14.00 12.11
CA PHE B 37 34.20 14.57 11.51
C PHE B 37 33.92 15.46 10.31
N VAL B 38 34.75 16.47 10.13
CA VAL B 38 34.67 17.37 8.99
C VAL B 38 36.10 17.59 8.51
N ALA B 39 36.38 17.27 7.25
CA ALA B 39 37.72 17.48 6.72
C ALA B 39 37.72 18.86 6.05
N SER B 40 38.56 19.74 6.58
CA SER B 40 38.67 21.10 6.07
C SER B 40 39.96 21.72 6.59
N ARG B 41 40.59 22.55 5.77
CA ARG B 41 41.84 23.22 6.11
C ARG B 41 41.58 24.44 7.01
N ASP B 42 40.31 24.78 7.19
CA ASP B 42 39.94 25.93 8.02
C ASP B 42 39.11 25.52 9.23
N GLU B 43 39.78 25.12 10.31
CA GLU B 43 39.09 24.70 11.52
C GLU B 43 38.10 25.74 12.03
N GLU B 44 38.57 26.96 12.23
CA GLU B 44 37.70 28.04 12.72
C GLU B 44 36.40 28.19 11.96
N LYS B 45 36.46 28.14 10.63
CA LYS B 45 35.25 28.27 9.82
C LYS B 45 34.26 27.16 10.20
N VAL B 46 34.77 25.95 10.35
CA VAL B 46 33.93 24.81 10.70
C VAL B 46 33.39 24.97 12.11
N LYS B 47 34.31 25.15 13.07
CA LYS B 47 33.93 25.30 14.46
C LYS B 47 32.90 26.42 14.69
N ARG B 48 32.94 27.47 13.87
CA ARG B 48 31.98 28.56 14.02
C ARG B 48 30.53 28.09 13.92
N ASP B 49 30.31 27.03 13.14
CA ASP B 49 28.97 26.47 12.96
C ASP B 49 28.77 25.22 13.81
N LEU B 50 29.77 24.35 13.81
CA LEU B 50 29.72 23.09 14.55
C LEU B 50 30.82 23.09 15.61
N PRO B 51 30.62 23.86 16.70
CA PRO B 51 31.55 23.98 17.81
C PRO B 51 32.11 22.68 18.37
N ASP B 52 31.35 21.60 18.26
CA ASP B 52 31.79 20.33 18.83
C ASP B 52 32.16 19.20 17.88
N VAL B 53 32.33 19.48 16.59
CA VAL B 53 32.70 18.42 15.67
C VAL B 53 34.23 18.35 15.58
N THR B 54 34.77 17.17 15.27
CA THR B 54 36.23 17.02 15.16
C THR B 54 36.68 17.35 13.74
N VAL B 55 37.57 18.34 13.59
CA VAL B 55 38.04 18.71 12.26
C VAL B 55 39.38 18.07 11.92
N ILE B 56 39.44 17.42 10.77
CA ILE B 56 40.68 16.79 10.32
C ILE B 56 41.14 17.52 9.07
N ALA B 57 42.36 18.06 9.11
CA ALA B 57 42.91 18.82 8.00
C ALA B 57 42.89 18.09 6.65
N SER B 58 43.47 16.91 6.56
CA SER B 58 43.50 16.20 5.28
C SER B 58 42.33 15.25 5.02
N PRO B 59 41.81 15.27 3.78
CA PRO B 59 40.70 14.43 3.34
C PRO B 59 41.02 12.95 3.50
N GLU B 60 42.24 12.58 3.10
CA GLU B 60 42.71 11.20 3.18
C GLU B 60 42.62 10.65 4.60
N ALA B 61 43.09 11.43 5.57
CA ALA B 61 43.06 11.00 6.96
C ALA B 61 41.62 10.87 7.46
N ALA B 62 40.76 11.81 7.07
CA ALA B 62 39.36 11.79 7.49
C ALA B 62 38.67 10.54 6.93
N VAL B 63 38.83 10.32 5.63
CA VAL B 63 38.22 9.17 4.99
C VAL B 63 38.66 7.84 5.58
N GLN B 64 39.94 7.74 5.97
CA GLN B 64 40.49 6.50 6.52
C GLN B 64 40.36 6.31 8.02
N HIS B 65 39.78 7.27 8.72
CA HIS B 65 39.65 7.16 10.17
C HIS B 65 38.78 5.96 10.56
N PRO B 66 39.27 5.10 11.47
CA PRO B 66 38.54 3.92 11.94
C PRO B 66 37.16 4.17 12.52
N ASP B 67 36.96 5.33 13.13
CA ASP B 67 35.66 5.63 13.73
C ASP B 67 34.61 6.11 12.72
N VAL B 68 35.02 6.21 11.46
CA VAL B 68 34.11 6.64 10.40
C VAL B 68 33.42 5.44 9.76
N ASP B 69 32.10 5.54 9.60
CA ASP B 69 31.30 4.47 8.98
C ASP B 69 30.90 4.90 7.58
N LEU B 70 30.57 6.18 7.45
CA LEU B 70 30.13 6.72 6.16
C LEU B 70 30.84 8.02 5.81
N VAL B 71 31.30 8.10 4.57
CA VAL B 71 31.98 9.28 4.07
C VAL B 71 31.06 10.05 3.11
N VAL B 72 30.91 11.35 3.34
CA VAL B 72 30.10 12.20 2.47
C VAL B 72 31.09 13.14 1.77
N ILE B 73 31.25 12.96 0.46
CA ILE B 73 32.19 13.76 -0.30
C ILE B 73 31.58 15.02 -0.91
N ALA B 74 32.02 16.16 -0.40
CA ALA B 74 31.53 17.46 -0.84
C ALA B 74 32.72 18.39 -1.11
N SER B 75 33.81 17.81 -1.57
CA SER B 75 35.04 18.54 -1.89
C SER B 75 34.99 18.89 -3.39
N PRO B 76 36.02 19.56 -3.93
CA PRO B 76 36.04 19.92 -5.35
C PRO B 76 35.76 18.74 -6.30
N ASN B 77 35.12 19.04 -7.41
CA ASN B 77 34.74 18.04 -8.43
C ASN B 77 35.81 17.02 -8.79
N ALA B 78 37.04 17.48 -9.03
CA ALA B 78 38.13 16.60 -9.40
C ALA B 78 38.56 15.62 -8.31
N THR B 79 38.09 15.83 -7.09
CA THR B 79 38.46 14.95 -5.97
C THR B 79 37.43 13.86 -5.68
N HIS B 80 36.25 13.99 -6.27
CA HIS B 80 35.18 13.02 -6.04
C HIS B 80 35.57 11.57 -6.33
N ALA B 81 36.00 11.29 -7.56
CA ALA B 81 36.37 9.93 -7.93
C ALA B 81 37.50 9.34 -7.09
N PRO B 82 38.62 10.07 -6.94
CA PRO B 82 39.72 9.54 -6.14
C PRO B 82 39.40 9.33 -4.66
N LEU B 83 38.70 10.28 -4.03
CA LEU B 83 38.35 10.14 -2.62
C LEU B 83 37.32 9.02 -2.39
N ALA B 84 36.41 8.85 -3.34
CA ALA B 84 35.41 7.80 -3.24
C ALA B 84 36.16 6.48 -3.32
N ARG B 85 37.16 6.45 -4.20
CA ARG B 85 37.98 5.25 -4.38
C ARG B 85 38.70 4.90 -3.09
N LEU B 86 39.30 5.91 -2.46
CA LEU B 86 40.02 5.73 -1.22
C LEU B 86 39.09 5.29 -0.10
N ALA B 87 37.94 5.93 0.00
CA ALA B 87 36.96 5.59 1.03
C ALA B 87 36.51 4.13 0.92
N LEU B 88 36.14 3.71 -0.30
CA LEU B 88 35.70 2.34 -0.54
C LEU B 88 36.79 1.33 -0.19
N ASN B 89 38.01 1.58 -0.66
CA ASN B 89 39.13 0.69 -0.36
C ASN B 89 39.40 0.64 1.14
N ALA B 90 38.96 1.68 1.86
CA ALA B 90 39.15 1.76 3.30
C ALA B 90 37.97 1.11 4.04
N GLY B 91 37.09 0.45 3.29
CA GLY B 91 35.94 -0.19 3.89
C GLY B 91 34.85 0.76 4.38
N LYS B 92 34.78 1.96 3.83
CA LYS B 92 33.74 2.91 4.24
C LYS B 92 32.60 3.00 3.24
N HIS B 93 31.42 3.38 3.73
CA HIS B 93 30.26 3.57 2.87
C HIS B 93 30.49 4.95 2.29
N VAL B 94 29.98 5.21 1.09
CA VAL B 94 30.21 6.50 0.47
C VAL B 94 29.03 7.15 -0.21
N VAL B 95 28.88 8.45 0.03
CA VAL B 95 27.84 9.25 -0.62
C VAL B 95 28.66 10.35 -1.33
N VAL B 96 28.49 10.46 -2.65
CA VAL B 96 29.23 11.44 -3.43
C VAL B 96 28.34 12.55 -3.96
N ASP B 97 28.71 13.78 -3.65
CA ASP B 97 27.97 14.95 -4.12
C ASP B 97 28.17 14.99 -5.65
N LYS B 98 27.20 15.51 -6.39
CA LYS B 98 27.37 15.57 -7.84
C LYS B 98 28.56 16.49 -8.18
N PRO B 99 29.32 16.15 -9.24
CA PRO B 99 29.14 14.98 -10.10
C PRO B 99 29.76 13.73 -9.50
N PHE B 100 29.11 12.59 -9.79
CA PHE B 100 29.57 11.29 -9.33
C PHE B 100 31.07 11.17 -9.64
N THR B 101 31.39 11.22 -10.92
CA THR B 101 32.77 11.14 -11.41
C THR B 101 32.83 12.11 -12.60
N LEU B 102 34.00 12.21 -13.23
CA LEU B 102 34.13 13.10 -14.37
C LEU B 102 33.86 12.38 -15.69
N ASP B 103 33.97 11.06 -15.70
CA ASP B 103 33.68 10.29 -16.90
C ASP B 103 33.04 8.96 -16.53
N MSE B 104 32.40 8.32 -17.50
CA MSE B 104 31.70 7.08 -17.21
C MSE B 104 32.53 5.86 -16.85
O MSE B 104 32.09 5.04 -16.04
CB MSE B 104 30.75 6.76 -18.36
CG MSE B 104 29.64 7.79 -18.44
SE MSE B 104 28.33 7.35 -19.78
CE MSE B 104 27.40 5.94 -18.83
N GLN B 105 33.72 5.71 -17.41
CA GLN B 105 34.51 4.54 -17.03
C GLN B 105 34.85 4.56 -15.54
N GLU B 106 35.21 5.72 -14.99
CA GLU B 106 35.54 5.77 -13.57
C GLU B 106 34.28 5.51 -12.74
N ALA B 107 33.12 5.97 -13.22
CA ALA B 107 31.88 5.73 -12.50
C ALA B 107 31.70 4.21 -12.44
N ARG B 108 31.87 3.54 -13.58
CA ARG B 108 31.71 2.09 -13.62
C ARG B 108 32.71 1.40 -12.71
N GLU B 109 33.93 1.94 -12.64
CA GLU B 109 34.95 1.35 -11.80
C GLU B 109 34.54 1.45 -10.33
N LEU B 110 34.01 2.60 -9.93
CA LEU B 110 33.56 2.79 -8.55
C LEU B 110 32.41 1.84 -8.21
N ILE B 111 31.47 1.68 -9.13
CA ILE B 111 30.34 0.78 -8.91
C ILE B 111 30.86 -0.63 -8.63
N ALA B 112 31.78 -1.09 -9.48
CA ALA B 112 32.37 -2.42 -9.33
C ALA B 112 33.13 -2.55 -8.01
N LEU B 113 33.86 -1.49 -7.65
CA LEU B 113 34.63 -1.48 -6.42
C LEU B 113 33.75 -1.59 -5.18
N ALA B 114 32.68 -0.80 -5.13
CA ALA B 114 31.78 -0.82 -3.98
C ALA B 114 31.18 -2.21 -3.82
N GLU B 115 30.88 -2.86 -4.94
CA GLU B 115 30.31 -4.20 -4.89
C GLU B 115 31.37 -5.20 -4.43
N GLU B 116 32.61 -5.00 -4.86
CA GLU B 116 33.67 -5.90 -4.43
C GLU B 116 33.94 -5.75 -2.94
N LYS B 117 33.93 -4.50 -2.47
CA LYS B 117 34.18 -4.22 -1.06
C LYS B 117 32.92 -4.35 -0.22
N GLN B 118 31.82 -4.73 -0.86
CA GLN B 118 30.56 -4.91 -0.15
C GLN B 118 30.17 -3.70 0.69
N ARG B 119 30.31 -2.51 0.10
CA ARG B 119 29.95 -1.28 0.81
C ARG B 119 28.93 -0.50 -0.03
N LEU B 120 28.08 0.27 0.63
CA LEU B 120 27.09 1.09 -0.07
C LEU B 120 27.75 2.30 -0.70
N LEU B 121 27.43 2.56 -1.96
CA LEU B 121 27.94 3.73 -2.67
C LEU B 121 26.70 4.41 -3.25
N SER B 122 26.61 5.72 -3.08
CA SER B 122 25.46 6.45 -3.61
C SER B 122 25.89 7.84 -4.09
N VAL B 123 25.00 8.52 -4.82
CA VAL B 123 25.29 9.85 -5.34
C VAL B 123 24.15 10.75 -4.85
N PHE B 124 24.49 11.99 -4.50
CA PHE B 124 23.51 12.93 -3.96
C PHE B 124 22.47 13.48 -4.94
N HIS B 125 21.62 12.61 -5.46
CA HIS B 125 20.53 13.04 -6.35
C HIS B 125 19.44 13.32 -5.32
N ASN B 126 19.47 14.55 -4.82
CA ASN B 126 18.61 15.00 -3.75
C ASN B 126 17.31 15.69 -4.17
N ARG B 127 16.92 15.59 -5.42
CA ARG B 127 15.71 16.29 -5.86
C ARG B 127 14.48 15.40 -6.05
N ARG B 128 14.58 14.14 -5.64
CA ARG B 128 13.47 13.19 -5.78
C ARG B 128 12.38 13.42 -4.75
N TRP B 129 12.62 14.33 -3.81
CA TRP B 129 11.63 14.61 -2.77
C TRP B 129 11.19 16.07 -2.75
N ASP B 130 11.34 16.74 -3.88
CA ASP B 130 10.94 18.14 -4.02
C ASP B 130 9.42 18.25 -4.12
N SER B 131 8.87 19.31 -3.54
CA SER B 131 7.43 19.54 -3.56
C SER B 131 6.85 19.50 -4.98
N ASP B 132 7.47 20.23 -5.91
CA ASP B 132 6.98 20.24 -7.29
C ASP B 132 7.00 18.85 -7.93
N TYR B 133 8.13 18.15 -7.83
CA TYR B 133 8.23 16.82 -8.40
C TYR B 133 7.26 15.83 -7.75
N LEU B 134 7.22 15.80 -6.43
CA LEU B 134 6.31 14.89 -5.72
C LEU B 134 4.87 15.17 -6.13
N GLY B 135 4.53 16.45 -6.26
CA GLY B 135 3.19 16.82 -6.67
C GLY B 135 2.85 16.30 -8.05
N ILE B 136 3.72 16.58 -9.01
CA ILE B 136 3.53 16.12 -10.39
C ILE B 136 3.45 14.60 -10.46
N ARG B 137 4.32 13.92 -9.72
CA ARG B 137 4.33 12.47 -9.71
C ARG B 137 2.97 11.97 -9.20
N GLN B 138 2.47 12.64 -8.16
CA GLN B 138 1.20 12.27 -7.55
C GLN B 138 0.05 12.36 -8.55
N VAL B 139 -0.02 13.46 -9.29
CA VAL B 139 -1.09 13.62 -10.26
C VAL B 139 -1.01 12.57 -11.36
N ILE B 140 0.21 12.30 -11.86
CA ILE B 140 0.38 11.30 -12.88
C ILE B 140 -0.05 9.91 -12.40
N GLU B 141 0.45 9.51 -11.24
CA GLU B 141 0.14 8.20 -10.66
C GLU B 141 -1.33 8.03 -10.29
N GLN B 142 -2.00 9.15 -9.98
CA GLN B 142 -3.41 9.18 -9.65
C GLN B 142 -4.23 8.73 -10.85
N GLY B 143 -3.65 8.88 -12.04
CA GLY B 143 -4.33 8.53 -13.27
C GLY B 143 -5.15 9.71 -13.78
N THR B 144 -5.02 10.83 -13.09
CA THR B 144 -5.75 12.05 -13.44
C THR B 144 -5.53 12.57 -14.85
N LEU B 145 -4.34 12.38 -15.40
CA LEU B 145 -4.06 12.87 -16.74
C LEU B 145 -4.24 11.80 -17.80
N GLY B 146 -4.66 10.60 -17.39
CA GLY B 146 -4.79 9.52 -18.34
C GLY B 146 -3.36 9.13 -18.67
N ALA B 147 -3.10 8.64 -19.88
CA ALA B 147 -1.73 8.27 -20.25
C ALA B 147 -0.92 9.52 -20.57
N VAL B 148 0.25 9.64 -19.95
CA VAL B 148 1.12 10.80 -20.19
C VAL B 148 1.69 10.77 -21.60
N LYS B 149 1.64 11.91 -22.29
CA LYS B 149 2.12 11.99 -23.66
C LYS B 149 3.22 13.04 -23.85
N HIS B 150 3.19 14.06 -23.00
CA HIS B 150 4.16 15.16 -23.06
C HIS B 150 4.49 15.64 -21.64
N PHE B 151 5.74 15.37 -21.22
CA PHE B 151 6.24 15.74 -19.90
C PHE B 151 7.33 16.80 -20.10
N GLU B 152 7.10 17.99 -19.56
CA GLU B 152 8.05 19.08 -19.71
C GLU B 152 8.53 19.61 -18.35
N SER B 153 9.84 19.66 -18.18
CA SER B 153 10.46 20.12 -16.94
C SER B 153 11.47 21.23 -17.23
N HIS B 154 11.35 22.33 -16.49
CA HIS B 154 12.21 23.49 -16.68
C HIS B 154 13.00 23.97 -15.47
N PHE B 155 14.15 24.56 -15.76
CA PHE B 155 14.96 25.22 -14.76
C PHE B 155 15.31 26.49 -15.49
N ASP B 156 14.68 27.60 -15.12
CA ASP B 156 14.94 28.86 -15.79
C ASP B 156 15.06 29.99 -14.78
N ARG B 157 15.89 30.96 -15.11
CA ARG B 157 16.07 32.13 -14.26
C ARG B 157 16.43 33.30 -15.16
N PHE B 158 16.41 34.51 -14.61
CA PHE B 158 16.74 35.68 -15.41
C PHE B 158 18.02 36.32 -14.92
N ARG B 159 19.08 36.12 -15.69
CA ARG B 159 20.39 36.66 -15.35
C ARG B 159 21.10 37.07 -16.63
N PRO B 160 20.68 38.20 -17.22
CA PRO B 160 21.26 38.73 -18.45
C PRO B 160 22.72 39.13 -18.27
N GLU B 161 23.07 39.50 -17.04
CA GLU B 161 24.43 39.92 -16.71
C GLU B 161 25.32 38.72 -16.39
N VAL B 162 26.29 38.45 -17.26
CA VAL B 162 27.21 37.33 -17.03
C VAL B 162 28.42 37.77 -16.21
N SER B 174 30.30 24.89 -14.70
CA SER B 174 30.64 23.90 -15.72
C SER B 174 29.66 23.88 -16.89
N GLY B 175 28.84 24.92 -16.99
CA GLY B 175 27.85 24.99 -18.06
C GLY B 175 26.49 24.68 -17.45
N LEU B 176 25.45 25.32 -17.99
CA LEU B 176 24.11 25.13 -17.47
C LEU B 176 23.65 23.67 -17.53
N TRP B 177 23.81 23.04 -18.69
CA TRP B 177 23.37 21.65 -18.86
C TRP B 177 23.97 20.73 -17.81
N PHE B 178 25.30 20.76 -17.66
CA PHE B 178 25.97 19.92 -16.69
C PHE B 178 25.60 20.19 -15.24
N ASP B 179 25.29 21.44 -14.92
CA ASP B 179 24.92 21.77 -13.54
C ASP B 179 23.48 21.47 -13.19
N LEU B 180 22.56 21.92 -14.02
CA LEU B 180 21.14 21.73 -13.73
C LEU B 180 20.46 20.58 -14.46
N GLY B 181 21.06 20.14 -15.56
CA GLY B 181 20.49 19.03 -16.31
C GLY B 181 20.32 17.77 -15.45
N PRO B 182 21.29 17.42 -14.59
CA PRO B 182 21.18 16.23 -13.74
C PRO B 182 19.90 15.98 -12.97
N HIS B 183 19.39 16.96 -12.23
CA HIS B 183 18.16 16.71 -11.48
C HIS B 183 16.94 16.61 -12.39
N LEU B 184 16.97 17.34 -13.49
CA LEU B 184 15.88 17.32 -14.47
C LEU B 184 15.82 15.91 -15.06
N ILE B 185 16.98 15.37 -15.42
CA ILE B 185 17.08 14.03 -15.99
C ILE B 185 16.68 12.96 -14.98
N ASP B 186 17.28 13.02 -13.80
CA ASP B 186 17.03 12.02 -12.76
C ASP B 186 15.53 11.85 -12.48
N GLN B 187 14.81 12.96 -12.35
CA GLN B 187 13.37 12.91 -12.09
C GLN B 187 12.64 12.20 -13.25
N ALA B 188 13.04 12.51 -14.47
CA ALA B 188 12.43 11.89 -15.64
C ALA B 188 12.66 10.37 -15.67
N LEU B 189 13.89 9.95 -15.41
CA LEU B 189 14.20 8.52 -15.42
C LEU B 189 13.43 7.79 -14.33
N GLN B 190 13.33 8.41 -13.17
CA GLN B 190 12.60 7.81 -12.05
C GLN B 190 11.14 7.59 -12.45
N LEU B 191 10.56 8.56 -13.15
CA LEU B 191 9.18 8.47 -13.59
C LEU B 191 8.95 7.51 -14.75
N PHE B 192 9.82 7.57 -15.75
CA PHE B 192 9.62 6.78 -16.96
C PHE B 192 10.64 5.72 -17.35
N GLY B 193 11.72 5.58 -16.60
CA GLY B 193 12.73 4.61 -17.00
C GLY B 193 13.61 5.24 -18.07
N LEU B 194 14.41 4.43 -18.76
CA LEU B 194 15.31 4.94 -19.79
C LEU B 194 14.64 5.28 -21.13
N PRO B 195 15.03 6.41 -21.74
CA PRO B 195 14.45 6.80 -23.02
C PRO B 195 15.09 5.96 -24.13
N GLN B 196 14.42 5.89 -25.27
CA GLN B 196 14.94 5.14 -26.40
C GLN B 196 16.05 5.92 -27.10
N SER B 197 15.93 7.24 -27.13
CA SER B 197 16.94 8.09 -27.75
C SER B 197 16.95 9.48 -27.13
N VAL B 198 18.03 10.21 -27.32
CA VAL B 198 18.17 11.54 -26.76
C VAL B 198 18.57 12.53 -27.83
N GLN B 199 17.90 13.67 -27.86
CA GLN B 199 18.20 14.70 -28.84
C GLN B 199 18.53 15.97 -28.06
N GLY B 200 19.60 16.65 -28.45
CA GLY B 200 19.96 17.85 -27.73
C GLY B 200 20.32 19.07 -28.55
N ASN B 201 20.06 20.23 -27.99
CA ASN B 201 20.36 21.51 -28.62
C ASN B 201 20.85 22.38 -27.47
N ILE B 202 22.16 22.63 -27.44
CA ILE B 202 22.78 23.42 -26.38
C ILE B 202 23.47 24.66 -26.96
N ALA B 203 23.27 25.81 -26.31
CA ALA B 203 23.87 27.04 -26.84
C ALA B 203 24.21 28.10 -25.80
N THR B 204 25.00 29.07 -26.25
CA THR B 204 25.43 30.21 -25.45
C THR B 204 24.77 31.41 -26.13
N LEU B 205 23.71 31.93 -25.50
CA LEU B 205 22.95 33.04 -26.09
C LEU B 205 23.12 34.41 -25.42
N ARG B 206 23.40 34.44 -24.13
CA ARG B 206 23.56 35.73 -23.47
C ARG B 206 24.75 36.49 -24.03
N ASP B 207 24.60 37.81 -24.13
CA ASP B 207 25.64 38.67 -24.64
C ASP B 207 26.77 38.67 -23.61
N GLY B 208 27.95 38.20 -24.02
CA GLY B 208 29.08 38.15 -23.12
C GLY B 208 29.29 36.81 -22.43
N ALA B 209 28.35 35.89 -22.57
CA ALA B 209 28.48 34.58 -21.94
C ALA B 209 29.56 33.76 -22.64
N GLU B 210 30.19 32.86 -21.89
CA GLU B 210 31.24 32.02 -22.45
C GLU B 210 30.94 30.54 -22.24
N ILE B 211 29.83 30.25 -21.58
CA ILE B 211 29.42 28.87 -21.32
C ILE B 211 27.96 28.76 -21.74
N ASN B 212 27.52 27.56 -22.13
CA ASN B 212 26.12 27.39 -22.53
C ASN B 212 25.18 27.88 -21.45
N ASP B 213 24.16 28.62 -21.86
CA ASP B 213 23.17 29.15 -20.92
C ASP B 213 21.75 28.86 -21.43
N TRP B 214 21.66 27.97 -22.40
CA TRP B 214 20.38 27.57 -22.97
C TRP B 214 20.54 26.11 -23.38
N ALA B 215 19.70 25.26 -22.80
CA ALA B 215 19.78 23.85 -23.12
C ALA B 215 18.37 23.33 -23.30
N HIS B 216 18.13 22.76 -24.47
CA HIS B 216 16.84 22.21 -24.80
C HIS B 216 17.06 20.78 -25.21
N VAL B 217 16.67 19.85 -24.34
CA VAL B 217 16.88 18.43 -24.58
C VAL B 217 15.60 17.62 -24.58
N VAL B 218 15.48 16.73 -25.58
CA VAL B 218 14.29 15.89 -25.71
C VAL B 218 14.63 14.42 -25.55
N LEU B 219 13.92 13.75 -24.65
CA LEU B 219 14.09 12.33 -24.41
C LEU B 219 12.93 11.61 -25.11
N ASN B 220 13.25 10.78 -26.10
CA ASN B 220 12.23 10.03 -26.85
C ASN B 220 11.91 8.66 -26.26
N TYR B 221 10.63 8.46 -25.93
CA TYR B 221 10.14 7.18 -25.40
C TYR B 221 9.21 6.61 -26.48
N PRO B 222 8.93 5.31 -26.43
CA PRO B 222 8.05 4.71 -27.45
C PRO B 222 6.68 5.35 -27.61
N ALA B 223 6.06 5.75 -26.51
CA ALA B 223 4.73 6.34 -26.59
C ALA B 223 4.57 7.74 -26.01
N HIS B 224 5.68 8.42 -25.75
CA HIS B 224 5.57 9.79 -25.24
C HIS B 224 6.88 10.54 -25.34
N LYS B 225 6.80 11.85 -25.10
CA LYS B 225 7.97 12.72 -25.19
C LYS B 225 8.28 13.42 -23.88
N VAL B 226 9.57 13.63 -23.64
CA VAL B 226 10.04 14.32 -22.45
C VAL B 226 10.92 15.47 -22.90
N ILE B 227 10.60 16.67 -22.43
CA ILE B 227 11.36 17.85 -22.77
C ILE B 227 11.95 18.46 -21.50
N LEU B 228 13.27 18.61 -21.49
CA LEU B 228 13.99 19.18 -20.36
C LEU B 228 14.57 20.47 -20.89
N HIS B 229 14.30 21.58 -20.20
CA HIS B 229 14.76 22.88 -20.66
C HIS B 229 15.41 23.74 -19.58
N CYS B 230 16.59 24.26 -19.88
CA CYS B 230 17.36 25.12 -18.98
C CYS B 230 17.70 26.44 -19.69
N SER B 231 17.57 27.56 -18.98
CA SER B 231 17.91 28.86 -19.56
C SER B 231 18.19 29.91 -18.51
N MSE B 232 19.17 30.78 -18.76
CA MSE B 232 19.52 31.85 -17.84
C MSE B 232 18.82 33.16 -18.24
O MSE B 232 19.02 34.19 -17.60
CB MSE B 232 21.04 32.07 -17.83
CG MSE B 232 21.82 30.88 -17.31
SE MSE B 232 21.37 30.54 -15.46
CE MSE B 232 23.05 31.12 -14.64
N LEU B 233 18.01 33.11 -19.29
CA LEU B 233 17.30 34.32 -19.72
C LEU B 233 15.80 34.17 -19.84
N VAL B 234 15.14 34.06 -18.71
CA VAL B 234 13.69 33.93 -18.68
C VAL B 234 13.17 34.89 -17.62
N ALA B 235 12.77 36.08 -18.04
CA ALA B 235 12.25 37.09 -17.12
C ALA B 235 10.94 36.63 -16.51
N GLY B 236 10.21 35.79 -17.24
CA GLY B 236 8.93 35.28 -16.77
C GLY B 236 8.18 34.49 -17.82
N GLY B 237 7.09 33.84 -17.43
CA GLY B 237 6.31 33.09 -18.39
C GLY B 237 6.45 31.57 -18.46
N SER B 238 7.44 31.00 -17.81
CA SER B 238 7.60 29.54 -17.86
C SER B 238 7.12 28.85 -16.58
N SER B 239 6.89 27.55 -16.68
CA SER B 239 6.43 26.75 -15.56
C SER B 239 7.45 25.68 -15.24
N ARG B 240 7.60 25.38 -13.95
CA ARG B 240 8.53 24.39 -13.47
C ARG B 240 8.27 23.05 -14.16
N PHE B 241 7.00 22.67 -14.22
CA PHE B 241 6.54 21.44 -14.86
C PHE B 241 5.28 21.70 -15.67
N THR B 242 5.17 21.01 -16.80
CA THR B 242 4.01 21.09 -17.68
C THR B 242 3.86 19.66 -18.18
N VAL B 243 2.73 19.01 -17.86
CA VAL B 243 2.51 17.64 -18.29
C VAL B 243 1.14 17.47 -18.93
N HIS B 244 1.13 16.92 -20.14
CA HIS B 244 -0.11 16.69 -20.86
C HIS B 244 -0.36 15.21 -21.08
N GLY B 245 -1.58 14.78 -20.79
CA GLY B 245 -1.97 13.40 -20.96
C GLY B 245 -3.21 13.38 -21.82
N ASP B 246 -3.71 12.20 -22.19
CA ASP B 246 -4.90 12.15 -23.05
C ASP B 246 -6.20 12.41 -22.29
N LYS B 247 -6.12 12.66 -20.99
CA LYS B 247 -7.30 12.94 -20.19
C LYS B 247 -7.23 14.33 -19.56
N GLY B 248 -6.05 14.93 -19.57
CA GLY B 248 -5.91 16.25 -18.99
C GLY B 248 -4.47 16.71 -18.88
N SER B 249 -4.29 17.88 -18.27
CA SER B 249 -2.97 18.48 -18.09
C SER B 249 -2.79 18.99 -16.68
N VAL B 250 -1.53 19.21 -16.31
CA VAL B 250 -1.21 19.74 -15.00
C VAL B 250 0.03 20.61 -15.13
N ILE B 251 -0.05 21.79 -14.51
CA ILE B 251 1.07 22.72 -14.52
C ILE B 251 1.45 23.05 -13.09
N LYS B 252 2.74 23.07 -12.83
CA LYS B 252 3.26 23.46 -11.52
C LYS B 252 4.10 24.68 -11.90
N ALA B 253 3.58 25.84 -11.55
CA ALA B 253 4.25 27.09 -11.89
C ALA B 253 5.61 27.31 -11.24
N ARG B 254 5.63 27.30 -9.91
CA ARG B 254 6.82 27.58 -9.11
C ARG B 254 7.64 26.36 -8.70
N ALA B 255 8.93 26.58 -8.45
CA ALA B 255 9.83 25.49 -8.05
C ALA B 255 9.84 25.29 -6.54
N ASP B 256 10.30 24.11 -6.13
CA ASP B 256 10.43 23.77 -4.72
C ASP B 256 11.29 24.86 -4.05
N GLN B 257 11.04 25.15 -2.78
CA GLN B 257 11.78 26.20 -2.08
C GLN B 257 12.80 25.74 -1.04
N GLN B 258 13.10 24.45 -0.98
CA GLN B 258 14.05 23.96 0.02
C GLN B 258 15.42 24.63 -0.12
N GLU B 259 15.91 24.75 -1.35
CA GLU B 259 17.21 25.37 -1.55
C GLU B 259 17.24 26.79 -0.99
N SER B 260 16.22 27.59 -1.31
CA SER B 260 16.15 28.96 -0.82
C SER B 260 16.08 28.97 0.69
N GLN B 261 15.35 28.02 1.25
CA GLN B 261 15.24 27.93 2.70
C GLN B 261 16.64 27.63 3.28
N LEU B 262 17.35 26.67 2.69
CA LEU B 262 18.68 26.32 3.17
C LEU B 262 19.62 27.53 3.09
N LEU B 263 19.57 28.24 1.98
CA LEU B 263 20.42 29.42 1.80
C LEU B 263 20.10 30.46 2.86
N ALA B 264 18.85 30.50 3.29
CA ALA B 264 18.40 31.46 4.30
C ALA B 264 18.68 30.92 5.70
N GLY B 265 19.26 29.73 5.78
CA GLY B 265 19.58 29.15 7.07
C GLY B 265 18.43 28.52 7.84
N VAL B 266 17.36 28.14 7.15
CA VAL B 266 16.22 27.49 7.79
C VAL B 266 16.66 26.08 8.18
N VAL B 267 16.31 25.63 9.38
CA VAL B 267 16.69 24.29 9.81
C VAL B 267 15.83 23.21 9.15
N PRO B 268 16.46 22.26 8.44
CA PRO B 268 15.73 21.19 7.76
C PRO B 268 14.84 20.43 8.75
N GLY B 269 13.58 20.22 8.39
CA GLY B 269 12.68 19.50 9.26
C GLY B 269 11.90 20.40 10.20
N SER B 270 12.19 21.69 10.16
CA SER B 270 11.50 22.65 11.01
C SER B 270 10.09 22.94 10.48
N ALA B 271 9.37 23.82 11.17
CA ALA B 271 8.00 24.20 10.82
C ALA B 271 7.63 24.31 9.34
N ASP B 272 8.20 25.31 8.67
CA ASP B 272 7.87 25.55 7.26
C ASP B 272 8.80 24.89 6.23
N TRP B 273 9.66 23.98 6.68
CA TRP B 273 10.59 23.29 5.79
C TRP B 273 9.85 22.55 4.66
N GLY B 274 10.24 22.81 3.42
CA GLY B 274 9.63 22.14 2.29
C GLY B 274 8.17 22.45 1.96
N GLN B 275 7.58 23.40 2.66
CA GLN B 275 6.18 23.74 2.37
C GLN B 275 6.09 24.42 1.03
N ASP B 276 5.01 24.14 0.30
CA ASP B 276 4.82 24.72 -1.01
C ASP B 276 3.36 25.11 -1.20
N ASP B 277 3.06 26.40 -1.05
CA ASP B 277 1.70 26.88 -1.19
C ASP B 277 1.33 27.28 -2.62
N ASP B 278 2.12 26.81 -3.59
CA ASP B 278 1.85 27.06 -5.00
C ASP B 278 1.22 25.75 -5.42
N PRO B 279 -0.08 25.76 -5.68
CA PRO B 279 -0.77 24.54 -6.07
C PRO B 279 -0.54 24.03 -7.48
N LEU B 280 -0.89 22.76 -7.65
CA LEU B 280 -0.81 22.12 -8.94
C LEU B 280 -2.10 22.61 -9.62
N VAL B 281 -2.00 23.06 -10.87
CA VAL B 281 -3.18 23.51 -11.61
C VAL B 281 -3.50 22.42 -12.64
N ILE B 282 -4.65 21.77 -12.46
CA ILE B 282 -5.08 20.69 -13.33
C ILE B 282 -6.22 21.05 -14.28
N TYR B 283 -6.07 20.66 -15.55
CA TYR B 283 -7.07 20.91 -16.58
C TYR B 283 -7.62 19.55 -17.02
N ASP B 284 -8.94 19.36 -16.92
CA ASP B 284 -9.53 18.11 -17.35
C ASP B 284 -10.09 18.27 -18.76
N ALA B 285 -10.70 17.22 -19.29
CA ALA B 285 -11.26 17.25 -20.63
C ALA B 285 -12.19 18.42 -20.90
N SER B 286 -12.72 19.03 -19.84
CA SER B 286 -13.60 20.17 -20.02
C SER B 286 -12.80 21.46 -20.22
N LEU B 287 -11.47 21.35 -20.17
CA LEU B 287 -10.57 22.48 -20.37
C LEU B 287 -10.57 23.48 -19.20
N GLN B 288 -11.29 23.15 -18.13
CA GLN B 288 -11.34 24.01 -16.98
C GLN B 288 -10.33 23.56 -15.94
N ALA B 289 -9.78 24.53 -15.23
CA ALA B 289 -8.75 24.25 -14.23
C ALA B 289 -9.22 24.29 -12.78
N HIS B 290 -8.61 23.43 -11.98
CA HIS B 290 -8.86 23.39 -10.55
C HIS B 290 -7.51 23.15 -9.91
N ALA B 291 -7.33 23.62 -8.69
CA ALA B 291 -6.06 23.46 -8.01
C ALA B 291 -6.01 22.22 -7.12
N GLN B 292 -4.81 21.74 -6.86
CA GLN B 292 -4.62 20.58 -5.99
C GLN B 292 -3.42 20.90 -5.13
N ALA B 293 -3.59 20.79 -3.81
CA ALA B 293 -2.51 21.08 -2.88
C ALA B 293 -1.25 20.30 -3.24
N THR B 294 -0.12 21.00 -3.22
CA THR B 294 1.16 20.38 -3.51
C THR B 294 1.73 19.78 -2.23
N PRO B 295 2.18 18.52 -2.28
CA PRO B 295 2.75 17.87 -1.10
C PRO B 295 4.03 18.54 -0.63
N GLN B 296 4.29 18.45 0.67
CA GLN B 296 5.48 19.05 1.25
C GLN B 296 6.69 18.32 0.69
N GLY B 297 7.78 19.05 0.47
CA GLY B 297 8.99 18.43 -0.03
C GLY B 297 9.97 18.26 1.12
N ASP B 298 10.85 17.26 1.03
CA ASP B 298 11.85 17.07 2.08
C ASP B 298 13.03 16.20 1.66
N GLN B 299 14.10 16.84 1.24
CA GLN B 299 15.28 16.10 0.80
C GLN B 299 15.99 15.35 1.94
N ARG B 300 15.56 15.56 3.18
CA ARG B 300 16.15 14.84 4.31
C ARG B 300 15.88 13.36 4.07
N GLN B 301 14.90 13.07 3.21
CA GLN B 301 14.54 11.70 2.88
C GLN B 301 15.75 10.96 2.31
N TYR B 302 16.59 11.66 1.55
CA TYR B 302 17.77 11.02 1.00
C TYR B 302 18.61 10.38 2.11
N TYR B 303 18.87 11.15 3.16
CA TYR B 303 19.67 10.66 4.28
C TYR B 303 18.92 9.68 5.19
N MSE B 304 17.62 9.86 5.32
CA MSE B 304 16.83 8.95 6.14
C MSE B 304 16.82 7.58 5.47
O MSE B 304 16.93 6.55 6.13
CB MSE B 304 15.40 9.47 6.29
CG MSE B 304 15.33 10.87 6.87
SE MSE B 304 13.53 11.50 7.12
CE MSE B 304 13.39 12.81 5.73
N LEU B 305 16.72 7.58 4.14
CA LEU B 305 16.70 6.34 3.38
C LEU B 305 18.10 5.69 3.32
N ILE B 306 19.14 6.52 3.18
CA ILE B 306 20.49 6.00 3.14
C ILE B 306 20.75 5.35 4.52
N ARG B 307 20.25 6.01 5.56
CA ARG B 307 20.37 5.52 6.92
C ARG B 307 19.72 4.14 6.99
N ASP B 308 18.46 4.08 6.59
CA ASP B 308 17.72 2.83 6.62
C ASP B 308 18.39 1.75 5.79
N ALA B 309 18.95 2.14 4.66
CA ALA B 309 19.64 1.19 3.80
C ALA B 309 20.88 0.65 4.51
N LEU B 310 21.60 1.52 5.21
CA LEU B 310 22.81 1.10 5.92
C LEU B 310 22.46 0.16 7.08
N LYS B 311 21.29 0.38 7.67
CA LYS B 311 20.85 -0.47 8.78
C LYS B 311 20.27 -1.78 8.26
N GLY B 312 20.33 -1.96 6.95
CA GLY B 312 19.83 -3.17 6.31
C GLY B 312 18.32 -3.26 6.14
N GLN B 313 17.59 -2.21 6.49
CA GLN B 313 16.13 -2.19 6.39
C GLN B 313 15.58 -2.17 4.97
N ILE B 314 16.31 -1.53 4.06
CA ILE B 314 15.89 -1.42 2.67
C ILE B 314 17.08 -1.33 1.72
N ALA B 315 16.80 -1.26 0.43
CA ALA B 315 17.85 -1.16 -0.57
C ALA B 315 18.31 0.29 -0.70
N ASN B 316 19.51 0.46 -1.25
CA ASN B 316 20.09 1.78 -1.47
C ASN B 316 19.01 2.62 -2.17
N PRO B 317 18.64 3.78 -1.60
CA PRO B 317 17.61 4.58 -2.26
C PRO B 317 18.08 5.15 -3.60
N VAL B 318 19.38 5.33 -3.75
CA VAL B 318 19.93 5.86 -4.98
C VAL B 318 21.15 5.06 -5.38
N PRO B 319 20.94 3.87 -5.96
CA PRO B 319 22.07 3.03 -6.39
C PRO B 319 22.91 3.76 -7.43
N PRO B 320 24.23 3.54 -7.40
CA PRO B 320 25.15 4.18 -8.35
C PRO B 320 24.81 4.03 -9.82
N VAL B 321 24.23 2.90 -10.20
CA VAL B 321 23.87 2.69 -11.61
C VAL B 321 22.83 3.72 -12.09
N GLU B 322 22.04 4.26 -11.17
CA GLU B 322 21.05 5.26 -11.53
C GLU B 322 21.76 6.58 -11.80
N ALA B 323 22.88 6.81 -11.12
CA ALA B 323 23.64 8.02 -11.34
C ALA B 323 24.37 7.86 -12.67
N LEU B 324 24.75 6.63 -12.98
CA LEU B 324 25.43 6.33 -14.24
C LEU B 324 24.47 6.60 -15.42
N ALA B 325 23.20 6.27 -15.22
CA ALA B 325 22.17 6.47 -16.23
C ALA B 325 22.02 7.97 -16.53
N VAL B 326 22.01 8.79 -15.48
CA VAL B 326 21.90 10.24 -15.66
C VAL B 326 23.09 10.74 -16.47
N MSE B 327 24.28 10.24 -16.13
CA MSE B 327 25.49 10.64 -16.85
C MSE B 327 25.37 10.25 -18.32
O MSE B 327 25.78 11.01 -19.20
CB MSE B 327 26.73 9.97 -16.22
CG MSE B 327 27.12 10.53 -14.86
SE MSE B 327 28.78 9.72 -14.21
CE MSE B 327 29.91 10.18 -15.71
N ALA B 328 24.81 9.08 -18.59
CA ALA B 328 24.66 8.62 -19.96
C ALA B 328 23.78 9.57 -20.77
N VAL B 329 22.66 9.97 -20.17
CA VAL B 329 21.74 10.90 -20.85
C VAL B 329 22.42 12.26 -21.01
N LEU B 330 23.07 12.69 -19.95
CA LEU B 330 23.76 13.98 -19.95
C LEU B 330 24.73 14.05 -21.13
N GLU B 331 25.57 13.02 -21.27
CA GLU B 331 26.55 12.98 -22.35
C GLU B 331 25.91 12.78 -23.71
N ALA B 332 24.89 11.94 -23.78
CA ALA B 332 24.20 11.71 -25.04
C ALA B 332 23.64 13.03 -25.59
N ALA B 333 23.11 13.87 -24.70
CA ALA B 333 22.55 15.16 -25.12
C ALA B 333 23.64 16.04 -25.73
N VAL B 334 24.82 16.00 -25.13
CA VAL B 334 25.94 16.80 -25.61
C VAL B 334 26.41 16.27 -26.97
N ARG B 335 26.45 14.96 -27.14
CA ARG B 335 26.87 14.40 -28.42
C ARG B 335 25.87 14.80 -29.50
N SER B 336 24.59 14.74 -29.17
CA SER B 336 23.55 15.09 -30.12
C SER B 336 23.67 16.57 -30.49
N ALA B 337 23.93 17.39 -29.49
CA ALA B 337 24.07 18.82 -29.71
C ALA B 337 25.25 19.13 -30.65
N GLU B 338 26.34 18.39 -30.50
CA GLU B 338 27.53 18.62 -31.32
C GLU B 338 27.42 18.00 -32.70
N SER B 339 26.88 16.79 -32.78
CA SER B 339 26.77 16.10 -34.05
C SER B 339 25.51 16.46 -34.83
N GLY B 340 24.50 16.95 -34.13
CA GLY B 340 23.24 17.27 -34.78
C GLY B 340 22.50 15.97 -35.03
N MSE B 341 22.99 14.90 -34.42
CA MSE B 341 22.44 13.56 -34.58
C MSE B 341 21.79 13.00 -33.30
O MSE B 341 22.35 13.10 -32.22
CB MSE B 341 23.56 12.63 -35.04
CG MSE B 341 23.16 11.20 -35.34
SE MSE B 341 21.90 11.10 -36.79
CE MSE B 341 20.36 10.67 -35.73
N VAL B 342 20.59 12.42 -33.45
CA VAL B 342 19.88 11.81 -32.32
C VAL B 342 20.82 10.74 -31.74
N GLN B 343 20.82 10.58 -30.42
CA GLN B 343 21.73 9.64 -29.78
C GLN B 343 21.05 8.59 -28.90
N THR B 344 21.71 7.46 -28.72
CA THR B 344 21.20 6.39 -27.84
C THR B 344 22.11 6.41 -26.62
N LEU B 345 21.75 5.72 -25.54
CA LEU B 345 22.58 5.74 -24.33
C LEU B 345 23.68 4.67 -24.32
N ASP B 346 24.86 5.04 -23.81
CA ASP B 346 25.97 4.10 -23.75
C ASP B 346 25.99 3.35 -22.42
N LEU B 347 25.06 2.42 -22.27
CA LEU B 347 24.93 1.59 -21.07
C LEU B 347 24.90 0.13 -21.53
N SER B 348 25.53 -0.75 -20.76
CA SER B 348 25.58 -2.16 -21.10
C SER B 348 24.24 -2.85 -20.86
N ASP B 349 24.12 -4.09 -21.35
CA ASP B 349 22.89 -4.84 -21.17
C ASP B 349 22.62 -5.11 -19.70
N ASP B 350 23.67 -5.42 -18.95
CA ASP B 350 23.51 -5.69 -17.53
C ASP B 350 23.09 -4.43 -16.77
N GLU B 351 23.59 -3.28 -17.23
CA GLU B 351 23.23 -2.02 -16.57
C GLU B 351 21.77 -1.72 -16.87
N ARG B 352 21.34 -2.00 -18.09
CA ARG B 352 19.96 -1.79 -18.50
C ARG B 352 19.01 -2.71 -17.76
N ASN B 353 19.44 -3.97 -17.56
CA ASN B 353 18.59 -4.94 -16.85
C ASN B 353 18.36 -4.42 -15.45
N THR B 354 19.44 -4.01 -14.81
CA THR B 354 19.35 -3.49 -13.46
C THR B 354 18.41 -2.29 -13.46
N LEU B 355 18.52 -1.44 -14.47
CA LEU B 355 17.68 -0.26 -14.57
C LEU B 355 16.24 -0.57 -14.98
N ARG B 356 16.05 -1.53 -15.88
CA ARG B 356 14.71 -1.90 -16.31
C ARG B 356 13.91 -2.52 -15.18
N GLU B 357 14.45 -3.56 -14.54
CA GLU B 357 13.77 -4.20 -13.43
C GLU B 357 13.85 -3.36 -12.16
N GLY B 358 14.67 -2.32 -12.20
CA GLY B 358 14.77 -1.44 -11.05
C GLY B 358 13.59 -0.50 -11.14
N HIS B 359 13.18 -0.25 -12.39
CA HIS B 359 12.04 0.61 -12.67
C HIS B 359 10.83 -0.33 -12.69
N HIS B 360 11.11 -1.63 -12.53
CA HIS B 360 10.09 -2.66 -12.51
C HIS B 360 9.46 -2.88 -13.88
N THR C 7 26.28 -11.62 -4.51
CA THR C 7 24.81 -11.80 -4.72
C THR C 7 24.40 -13.27 -4.71
N ILE C 8 23.39 -13.58 -3.90
CA ILE C 8 22.89 -14.94 -3.78
C ILE C 8 21.79 -15.18 -4.83
N ASN C 9 22.09 -16.03 -5.80
CA ASN C 9 21.13 -16.35 -6.86
C ASN C 9 20.18 -17.44 -6.42
N ILE C 10 18.89 -17.14 -6.50
CA ILE C 10 17.86 -18.08 -6.10
C ILE C 10 17.06 -18.67 -7.26
N ALA C 11 16.56 -19.88 -7.04
CA ALA C 11 15.74 -20.59 -8.01
C ALA C 11 14.46 -20.96 -7.26
N LEU C 12 13.37 -20.29 -7.58
CA LEU C 12 12.08 -20.55 -6.95
C LEU C 12 11.41 -21.70 -7.68
N ILE C 13 11.16 -22.79 -6.97
CA ILE C 13 10.53 -23.96 -7.59
C ILE C 13 9.03 -23.92 -7.36
N GLY C 14 8.28 -23.75 -8.45
CA GLY C 14 6.83 -23.68 -8.34
C GLY C 14 6.41 -22.24 -8.14
N TYR C 15 5.42 -21.81 -8.90
CA TYR C 15 4.92 -20.45 -8.81
C TYR C 15 3.44 -20.46 -8.43
N GLY C 16 3.10 -21.29 -7.44
CA GLY C 16 1.73 -21.37 -6.98
C GLY C 16 1.40 -20.19 -6.09
N PHE C 17 0.39 -20.37 -5.24
CA PHE C 17 -0.04 -19.30 -4.34
C PHE C 17 1.09 -18.78 -3.44
N VAL C 18 1.86 -19.69 -2.86
CA VAL C 18 2.93 -19.27 -1.98
C VAL C 18 4.09 -18.65 -2.74
N GLY C 19 4.54 -19.30 -3.81
CA GLY C 19 5.65 -18.76 -4.57
C GLY C 19 5.40 -17.38 -5.15
N LYS C 20 4.20 -17.17 -5.65
CA LYS C 20 3.80 -15.90 -6.24
C LYS C 20 3.46 -14.83 -5.20
N THR C 21 2.66 -15.21 -4.21
CA THR C 21 2.22 -14.29 -3.17
C THR C 21 3.29 -13.88 -2.16
N PHE C 22 4.05 -14.86 -1.68
CA PHE C 22 5.06 -14.59 -0.68
C PHE C 22 6.52 -14.52 -1.16
N HIS C 23 7.06 -15.65 -1.60
CA HIS C 23 8.46 -15.73 -2.02
C HIS C 23 8.96 -14.69 -3.01
N ALA C 24 8.37 -14.62 -4.20
CA ALA C 24 8.85 -13.65 -5.18
C ALA C 24 8.89 -12.24 -4.60
N PRO C 25 7.74 -11.76 -4.09
CA PRO C 25 7.71 -10.40 -3.51
C PRO C 25 8.72 -10.17 -2.40
N LEU C 26 8.83 -11.13 -1.47
CA LEU C 26 9.77 -10.98 -0.36
C LEU C 26 11.22 -10.96 -0.85
N ILE C 27 11.58 -11.93 -1.68
CA ILE C 27 12.94 -12.02 -2.20
C ILE C 27 13.36 -10.73 -2.91
N ARG C 28 12.49 -10.20 -3.76
CA ARG C 28 12.79 -8.98 -4.51
C ARG C 28 13.01 -7.77 -3.59
N SER C 29 12.40 -7.78 -2.42
CA SER C 29 12.52 -6.66 -1.50
C SER C 29 13.74 -6.77 -0.60
N VAL C 30 14.50 -7.85 -0.73
CA VAL C 30 15.67 -8.03 0.11
C VAL C 30 16.97 -7.82 -0.63
N PRO C 31 17.75 -6.81 -0.22
CA PRO C 31 19.04 -6.54 -0.88
C PRO C 31 19.95 -7.76 -0.67
N GLY C 32 20.77 -8.06 -1.66
CA GLY C 32 21.67 -9.19 -1.54
C GLY C 32 21.16 -10.46 -2.22
N LEU C 33 19.85 -10.54 -2.41
CA LEU C 33 19.25 -11.71 -3.05
C LEU C 33 18.81 -11.38 -4.46
N ASN C 34 18.80 -12.39 -5.32
CA ASN C 34 18.40 -12.19 -6.70
C ASN C 34 17.65 -13.41 -7.23
N LEU C 35 16.38 -13.22 -7.55
CA LEU C 35 15.58 -14.31 -8.09
C LEU C 35 15.94 -14.45 -9.56
N ALA C 36 16.83 -15.38 -9.87
CA ALA C 36 17.27 -15.56 -11.24
C ALA C 36 16.48 -16.62 -12.00
N PHE C 37 15.92 -17.58 -11.28
CA PHE C 37 15.17 -18.65 -11.94
C PHE C 37 13.85 -18.97 -11.24
N VAL C 38 12.94 -19.56 -12.01
CA VAL C 38 11.64 -19.97 -11.50
C VAL C 38 11.24 -21.25 -12.23
N ALA C 39 11.04 -22.33 -11.48
CA ALA C 39 10.66 -23.61 -12.07
C ALA C 39 9.15 -23.61 -12.23
N SER C 40 8.69 -23.46 -13.47
CA SER C 40 7.26 -23.44 -13.75
C SER C 40 6.93 -23.88 -15.17
N ARG C 41 5.88 -24.68 -15.30
CA ARG C 41 5.43 -25.19 -16.59
C ARG C 41 4.57 -24.12 -17.29
N ASP C 42 4.36 -22.99 -16.61
CA ASP C 42 3.55 -21.89 -17.16
C ASP C 42 4.39 -20.62 -17.24
N GLU C 43 5.28 -20.57 -18.22
CA GLU C 43 6.17 -19.42 -18.44
C GLU C 43 5.46 -18.06 -18.38
N GLU C 44 4.43 -17.90 -19.19
CA GLU C 44 3.68 -16.65 -19.28
C GLU C 44 3.15 -16.11 -17.93
N LYS C 45 2.72 -17.02 -17.05
CA LYS C 45 2.20 -16.60 -15.76
C LYS C 45 3.27 -15.88 -14.93
N VAL C 46 4.45 -16.48 -14.86
CA VAL C 46 5.56 -15.92 -14.11
C VAL C 46 6.03 -14.61 -14.74
N LYS C 47 5.95 -14.54 -16.06
CA LYS C 47 6.36 -13.35 -16.81
C LYS C 47 5.52 -12.10 -16.57
N ARG C 48 4.22 -12.28 -16.39
CA ARG C 48 3.35 -11.14 -16.14
C ARG C 48 3.78 -10.43 -14.86
N ASP C 49 4.43 -11.20 -13.98
CA ASP C 49 4.91 -10.67 -12.72
C ASP C 49 6.40 -10.35 -12.74
N LEU C 50 7.18 -11.23 -13.38
CA LEU C 50 8.64 -11.06 -13.47
C LEU C 50 9.06 -11.16 -14.93
N PRO C 51 9.01 -10.03 -15.66
CA PRO C 51 9.38 -9.99 -17.09
C PRO C 51 10.72 -10.60 -17.53
N ASP C 52 11.73 -10.72 -16.66
CA ASP C 52 13.03 -11.18 -17.11
C ASP C 52 13.62 -12.42 -16.45
N VAL C 53 13.11 -12.86 -15.30
CA VAL C 53 13.68 -14.06 -14.68
C VAL C 53 13.48 -15.25 -15.61
N THR C 54 14.57 -15.96 -15.93
CA THR C 54 14.50 -17.10 -16.85
C THR C 54 13.65 -18.19 -16.18
N VAL C 55 12.69 -18.74 -16.92
CA VAL C 55 11.74 -19.72 -16.40
C VAL C 55 12.04 -21.15 -16.80
N ILE C 56 12.77 -21.86 -15.94
CA ILE C 56 13.12 -23.24 -16.19
C ILE C 56 11.78 -23.96 -16.15
N ALA C 57 11.60 -24.97 -16.99
CA ALA C 57 10.33 -25.69 -17.05
C ALA C 57 10.35 -27.02 -16.30
N SER C 58 11.53 -27.42 -15.82
CA SER C 58 11.65 -28.68 -15.10
C SER C 58 12.21 -28.50 -13.69
N PRO C 59 11.49 -29.01 -12.68
CA PRO C 59 11.89 -28.91 -11.27
C PRO C 59 13.29 -29.51 -11.05
N GLU C 60 13.43 -30.79 -11.40
CA GLU C 60 14.69 -31.51 -11.25
C GLU C 60 15.84 -30.71 -11.85
N ALA C 61 15.65 -30.28 -13.09
CA ALA C 61 16.67 -29.51 -13.79
C ALA C 61 16.92 -28.18 -13.07
N ALA C 62 15.86 -27.59 -12.55
CA ALA C 62 15.96 -26.31 -11.86
C ALA C 62 16.83 -26.37 -10.61
N VAL C 63 16.51 -27.29 -9.70
CA VAL C 63 17.26 -27.43 -8.46
C VAL C 63 18.72 -27.83 -8.66
N GLN C 64 19.07 -28.25 -9.88
CA GLN C 64 20.45 -28.64 -10.19
C GLN C 64 21.09 -27.72 -11.21
N HIS C 65 20.58 -26.49 -11.33
CA HIS C 65 21.10 -25.54 -12.30
C HIS C 65 22.37 -24.80 -11.87
N PRO C 66 23.34 -24.69 -12.79
CA PRO C 66 24.64 -24.04 -12.60
C PRO C 66 24.67 -22.76 -11.75
N ASP C 67 24.09 -21.69 -12.26
CA ASP C 67 24.11 -20.42 -11.55
C ASP C 67 23.08 -20.27 -10.43
N VAL C 68 22.89 -21.32 -9.65
CA VAL C 68 21.92 -21.28 -8.55
C VAL C 68 22.59 -21.56 -7.20
N ASP C 69 22.45 -20.61 -6.28
CA ASP C 69 23.03 -20.75 -4.95
C ASP C 69 22.02 -21.34 -3.98
N LEU C 70 20.84 -20.73 -3.94
CA LEU C 70 19.77 -21.15 -3.04
C LEU C 70 18.52 -21.57 -3.78
N VAL C 71 17.94 -22.70 -3.37
CA VAL C 71 16.71 -23.20 -3.98
C VAL C 71 15.56 -23.06 -2.99
N VAL C 72 14.46 -22.47 -3.46
CA VAL C 72 13.28 -22.28 -2.62
C VAL C 72 12.19 -23.21 -3.15
N ILE C 73 11.94 -24.29 -2.43
CA ILE C 73 10.95 -25.28 -2.84
C ILE C 73 9.54 -24.92 -2.39
N ALA C 74 8.74 -24.46 -3.35
CA ALA C 74 7.36 -24.07 -3.09
C ALA C 74 6.44 -24.88 -4.01
N SER C 75 6.77 -26.16 -4.18
CA SER C 75 6.00 -27.05 -5.04
C SER C 75 5.15 -27.99 -4.18
N PRO C 76 4.30 -28.83 -4.81
CA PRO C 76 3.45 -29.76 -4.07
C PRO C 76 4.20 -30.54 -2.99
N ASN C 77 3.52 -30.76 -1.86
CA ASN C 77 4.10 -31.45 -0.71
C ASN C 77 4.90 -32.70 -1.04
N ALA C 78 4.37 -33.52 -1.94
CA ALA C 78 5.04 -34.77 -2.31
C ALA C 78 6.39 -34.54 -2.99
N THR C 79 6.54 -33.40 -3.68
CA THR C 79 7.78 -33.11 -4.38
C THR C 79 8.90 -32.57 -3.49
N HIS C 80 8.54 -32.11 -2.30
CA HIS C 80 9.52 -31.54 -1.37
C HIS C 80 10.79 -32.38 -1.16
N ALA C 81 10.64 -33.55 -0.55
CA ALA C 81 11.77 -34.42 -0.26
C ALA C 81 12.67 -34.74 -1.46
N PRO C 82 12.11 -35.29 -2.54
CA PRO C 82 12.94 -35.62 -3.70
C PRO C 82 13.69 -34.42 -4.27
N LEU C 83 13.00 -33.27 -4.37
CA LEU C 83 13.63 -32.06 -4.87
C LEU C 83 14.68 -31.55 -3.90
N ALA C 84 14.44 -31.73 -2.61
CA ALA C 84 15.40 -31.31 -1.60
C ALA C 84 16.64 -32.19 -1.74
N ARG C 85 16.44 -33.47 -2.07
CA ARG C 85 17.54 -34.41 -2.23
C ARG C 85 18.44 -34.01 -3.38
N LEU C 86 17.84 -33.74 -4.55
CA LEU C 86 18.61 -33.34 -5.71
C LEU C 86 19.35 -32.04 -5.42
N ALA C 87 18.60 -31.05 -4.92
CA ALA C 87 19.17 -29.76 -4.59
C ALA C 87 20.40 -29.93 -3.69
N LEU C 88 20.24 -30.69 -2.60
CA LEU C 88 21.34 -30.93 -1.66
C LEU C 88 22.44 -31.76 -2.31
N ASN C 89 22.07 -32.83 -2.99
CA ASN C 89 23.05 -33.68 -3.67
C ASN C 89 23.68 -32.95 -4.84
N ALA C 90 23.28 -31.70 -5.04
CA ALA C 90 23.82 -30.88 -6.12
C ALA C 90 24.63 -29.72 -5.58
N GLY C 91 24.72 -29.63 -4.26
CA GLY C 91 25.48 -28.56 -3.64
C GLY C 91 24.76 -27.25 -3.39
N LYS C 92 23.46 -27.22 -3.63
CA LYS C 92 22.68 -25.99 -3.39
C LYS C 92 22.09 -25.92 -1.99
N HIS C 93 21.92 -24.70 -1.48
CA HIS C 93 21.31 -24.48 -0.17
C HIS C 93 19.81 -24.61 -0.40
N VAL C 94 19.05 -24.97 0.63
CA VAL C 94 17.61 -25.18 0.48
C VAL C 94 16.66 -24.60 1.53
N VAL C 95 15.56 -24.04 1.04
CA VAL C 95 14.48 -23.49 1.86
C VAL C 95 13.24 -24.25 1.36
N VAL C 96 12.51 -24.90 2.27
CA VAL C 96 11.33 -25.66 1.86
C VAL C 96 10.05 -25.13 2.49
N ASP C 97 8.99 -25.04 1.70
CA ASP C 97 7.70 -24.57 2.19
C ASP C 97 7.08 -25.64 3.08
N LYS C 98 6.14 -25.23 3.93
CA LYS C 98 5.44 -26.18 4.77
C LYS C 98 4.47 -26.88 3.82
N PRO C 99 4.20 -28.17 4.03
CA PRO C 99 4.78 -28.97 5.12
C PRO C 99 6.19 -29.42 4.74
N PHE C 100 7.14 -29.22 5.64
CA PHE C 100 8.53 -29.62 5.42
C PHE C 100 8.56 -30.90 4.57
N THR C 101 8.12 -32.00 5.17
CA THR C 101 8.06 -33.28 4.49
C THR C 101 6.77 -33.99 4.89
N LEU C 102 6.45 -35.06 4.19
CA LEU C 102 5.22 -35.80 4.50
C LEU C 102 5.48 -36.86 5.57
N ASP C 103 6.75 -37.05 5.91
CA ASP C 103 7.17 -38.05 6.91
C ASP C 103 8.31 -37.49 7.75
N MSE C 104 8.33 -37.79 9.03
CA MSE C 104 9.40 -37.30 9.91
C MSE C 104 10.77 -37.93 9.64
O MSE C 104 11.78 -37.23 9.65
CB MSE C 104 9.02 -37.48 11.38
CG MSE C 104 8.13 -36.35 11.90
SE MSE C 104 7.91 -36.39 13.82
CE MSE C 104 9.54 -35.51 14.36
N GLN C 105 10.81 -39.23 9.44
CA GLN C 105 12.07 -39.91 9.15
C GLN C 105 12.63 -39.20 7.93
N GLU C 106 11.76 -39.01 6.94
CA GLU C 106 12.10 -38.34 5.69
C GLU C 106 12.69 -36.96 5.93
N ALA C 107 12.25 -36.30 6.99
CA ALA C 107 12.76 -34.98 7.35
C ALA C 107 14.14 -35.17 7.99
N ARG C 108 14.24 -36.16 8.86
CA ARG C 108 15.49 -36.46 9.54
C ARG C 108 16.62 -36.75 8.57
N GLU C 109 16.27 -37.35 7.44
CA GLU C 109 17.24 -37.69 6.42
C GLU C 109 17.67 -36.44 5.65
N LEU C 110 16.71 -35.59 5.31
CA LEU C 110 17.04 -34.36 4.60
C LEU C 110 17.98 -33.54 5.48
N ILE C 111 17.76 -33.60 6.78
CA ILE C 111 18.60 -32.88 7.73
C ILE C 111 19.99 -33.52 7.71
N ALA C 112 20.02 -34.84 7.60
CA ALA C 112 21.27 -35.59 7.57
C ALA C 112 22.06 -35.23 6.31
N LEU C 113 21.39 -35.31 5.17
CA LEU C 113 22.01 -35.01 3.89
C LEU C 113 22.58 -33.59 3.86
N ALA C 114 21.84 -32.65 4.44
CA ALA C 114 22.27 -31.26 4.45
C ALA C 114 23.53 -31.06 5.28
N GLU C 115 23.61 -31.73 6.43
CA GLU C 115 24.79 -31.61 7.27
C GLU C 115 26.00 -32.28 6.62
N GLU C 116 25.76 -33.40 5.93
CA GLU C 116 26.83 -34.12 5.26
C GLU C 116 27.37 -33.34 4.06
N LYS C 117 26.48 -32.60 3.39
CA LYS C 117 26.86 -31.81 2.23
C LYS C 117 27.22 -30.38 2.61
N GLN C 118 27.29 -30.11 3.91
CA GLN C 118 27.61 -28.77 4.41
C GLN C 118 26.85 -27.68 3.67
N ARG C 119 25.55 -27.88 3.52
CA ARG C 119 24.70 -26.90 2.85
C ARG C 119 23.54 -26.57 3.76
N LEU C 120 23.10 -25.32 3.71
CA LEU C 120 21.99 -24.88 4.56
C LEU C 120 20.65 -25.44 4.10
N LEU C 121 19.87 -25.88 5.08
CA LEU C 121 18.54 -26.43 4.86
C LEU C 121 17.64 -25.74 5.87
N SER C 122 16.50 -25.23 5.41
CA SER C 122 15.57 -24.55 6.29
C SER C 122 14.14 -24.66 5.77
N VAL C 123 13.17 -24.40 6.65
CA VAL C 123 11.76 -24.45 6.30
C VAL C 123 11.23 -23.04 6.44
N PHE C 124 10.26 -22.70 5.59
CA PHE C 124 9.66 -21.37 5.58
C PHE C 124 8.67 -21.14 6.73
N HIS C 125 9.19 -21.05 7.95
CA HIS C 125 8.35 -20.75 9.10
C HIS C 125 8.45 -19.23 9.12
N ASN C 126 7.60 -18.61 8.31
CA ASN C 126 7.57 -17.17 8.09
C ASN C 126 6.69 -16.36 9.02
N ARG C 127 6.28 -16.93 10.16
CA ARG C 127 5.40 -16.19 11.04
C ARG C 127 6.04 -15.70 12.34
N ARG C 128 7.35 -15.84 12.43
CA ARG C 128 8.06 -15.42 13.62
C ARG C 128 8.23 -13.91 13.69
N TRP C 129 7.77 -13.22 12.67
CA TRP C 129 7.91 -11.77 12.62
C TRP C 129 6.57 -11.05 12.44
N ASP C 130 5.48 -11.76 12.73
CA ASP C 130 4.14 -11.17 12.62
C ASP C 130 3.99 -10.09 13.68
N SER C 131 3.20 -9.06 13.38
CA SER C 131 3.01 -7.97 14.33
C SER C 131 2.42 -8.44 15.64
N ASP C 132 1.38 -9.28 15.58
CA ASP C 132 0.76 -9.78 16.80
C ASP C 132 1.74 -10.53 17.68
N TYR C 133 2.47 -11.47 17.09
CA TYR C 133 3.45 -12.27 17.83
C TYR C 133 4.59 -11.42 18.40
N LEU C 134 5.16 -10.53 17.59
CA LEU C 134 6.24 -9.69 18.06
C LEU C 134 5.74 -8.83 19.21
N GLY C 135 4.50 -8.35 19.10
CA GLY C 135 3.92 -7.55 20.16
C GLY C 135 3.76 -8.37 21.42
N ILE C 136 3.15 -9.54 21.29
CA ILE C 136 2.95 -10.41 22.43
C ILE C 136 4.28 -10.74 23.08
N ARG C 137 5.28 -11.00 22.26
CA ARG C 137 6.58 -11.34 22.79
C ARG C 137 7.22 -10.16 23.52
N GLN C 138 7.01 -8.95 23.02
CA GLN C 138 7.61 -7.79 23.66
C GLN C 138 7.08 -7.68 25.07
N VAL C 139 5.76 -7.56 25.18
CA VAL C 139 5.08 -7.44 26.46
C VAL C 139 5.54 -8.52 27.45
N ILE C 140 5.76 -9.74 26.96
CA ILE C 140 6.21 -10.81 27.84
C ILE C 140 7.62 -10.51 28.33
N GLU C 141 8.53 -10.27 27.38
CA GLU C 141 9.92 -9.99 27.73
C GLU C 141 10.10 -8.76 28.62
N GLN C 142 9.11 -7.87 28.62
CA GLN C 142 9.19 -6.67 29.45
C GLN C 142 8.87 -7.00 30.90
N GLY C 143 8.40 -8.22 31.13
CA GLY C 143 8.05 -8.63 32.48
C GLY C 143 6.75 -8.00 32.95
N THR C 144 6.06 -7.32 32.03
CA THR C 144 4.80 -6.65 32.33
C THR C 144 3.75 -7.53 33.00
N LEU C 145 3.83 -8.84 32.79
CA LEU C 145 2.87 -9.76 33.38
C LEU C 145 3.57 -10.85 34.18
N GLY C 146 4.76 -10.51 34.68
CA GLY C 146 5.52 -11.46 35.47
C GLY C 146 5.67 -12.78 34.75
N ALA C 147 5.61 -13.88 35.51
CA ALA C 147 5.73 -15.20 34.92
C ALA C 147 4.45 -15.59 34.17
N VAL C 148 4.62 -16.01 32.93
CA VAL C 148 3.50 -16.44 32.09
C VAL C 148 2.97 -17.77 32.61
N LYS C 149 1.66 -17.85 32.82
CA LYS C 149 1.04 -19.07 33.32
C LYS C 149 0.01 -19.66 32.34
N HIS C 150 -0.48 -18.83 31.44
CA HIS C 150 -1.48 -19.25 30.45
C HIS C 150 -1.26 -18.49 29.13
N PHE C 151 -0.80 -19.21 28.11
CA PHE C 151 -0.55 -18.62 26.79
C PHE C 151 -1.57 -19.21 25.80
N GLU C 152 -2.44 -18.38 25.25
CA GLU C 152 -3.47 -18.84 24.32
C GLU C 152 -3.34 -18.15 22.96
N SER C 153 -3.37 -18.94 21.89
CA SER C 153 -3.22 -18.44 20.53
C SER C 153 -4.30 -18.98 19.59
N HIS C 154 -5.02 -18.08 18.93
CA HIS C 154 -6.10 -18.46 18.02
C HIS C 154 -5.95 -18.06 16.57
N PHE C 155 -6.60 -18.86 15.72
CA PHE C 155 -6.74 -18.62 14.30
C PHE C 155 -8.19 -19.04 14.10
N ASP C 156 -9.08 -18.08 13.98
CA ASP C 156 -10.48 -18.39 13.82
C ASP C 156 -11.08 -17.68 12.60
N ARG C 157 -12.05 -18.33 11.97
CA ARG C 157 -12.73 -17.79 10.79
C ARG C 157 -14.21 -18.18 10.91
N PHE C 158 -15.05 -17.60 10.06
CA PHE C 158 -16.47 -17.92 10.04
C PHE C 158 -16.87 -18.36 8.64
N ARG C 159 -16.93 -19.66 8.43
CA ARG C 159 -17.30 -20.23 7.13
C ARG C 159 -18.19 -21.45 7.34
N PRO C 160 -19.40 -21.24 7.89
CA PRO C 160 -20.32 -22.35 8.13
C PRO C 160 -20.65 -23.20 6.91
N GLU C 161 -20.85 -22.56 5.77
CA GLU C 161 -21.15 -23.26 4.52
C GLU C 161 -19.88 -23.86 3.92
N VAL C 162 -19.78 -25.18 3.96
CA VAL C 162 -18.61 -25.86 3.43
C VAL C 162 -18.63 -25.89 1.89
N ARG C 163 -19.82 -25.89 1.30
CA ARG C 163 -19.94 -25.94 -0.15
C ARG C 163 -20.67 -24.74 -0.75
N VAL C 164 -19.96 -23.63 -0.88
CA VAL C 164 -20.55 -22.42 -1.44
C VAL C 164 -20.73 -22.63 -2.94
N ARG C 165 -21.97 -22.53 -3.41
CA ARG C 165 -22.31 -22.73 -4.81
C ARG C 165 -21.46 -21.96 -5.82
N TRP C 166 -21.17 -20.69 -5.50
CA TRP C 166 -20.41 -19.86 -6.42
C TRP C 166 -18.90 -19.88 -6.27
N ARG C 167 -18.37 -20.82 -5.49
CA ARG C 167 -16.92 -20.92 -5.32
C ARG C 167 -16.49 -22.32 -5.72
N GLU C 168 -15.19 -22.53 -5.88
CA GLU C 168 -14.68 -23.84 -6.25
C GLU C 168 -14.98 -24.83 -5.12
N GLY C 173 -8.65 -31.51 1.02
CA GLY C 173 -7.73 -30.79 1.87
C GLY C 173 -7.14 -31.65 2.97
N SER C 174 -6.18 -31.12 3.71
CA SER C 174 -5.54 -31.87 4.79
C SER C 174 -6.17 -31.59 6.16
N GLY C 175 -7.03 -30.59 6.22
CA GLY C 175 -7.67 -30.27 7.48
C GLY C 175 -7.12 -29.00 8.11
N LEU C 176 -7.94 -28.36 8.94
CA LEU C 176 -7.56 -27.12 9.60
C LEU C 176 -6.29 -27.26 10.47
N TRP C 177 -6.22 -28.30 11.28
CA TRP C 177 -5.05 -28.47 12.15
C TRP C 177 -3.74 -28.54 11.37
N PHE C 178 -3.74 -29.34 10.30
CA PHE C 178 -2.54 -29.51 9.47
C PHE C 178 -2.14 -28.21 8.78
N ASP C 179 -3.13 -27.44 8.34
CA ASP C 179 -2.87 -26.20 7.63
C ASP C 179 -2.50 -25.01 8.51
N LEU C 180 -3.19 -24.84 9.63
CA LEU C 180 -2.93 -23.70 10.49
C LEU C 180 -2.12 -23.94 11.76
N GLY C 181 -2.12 -25.19 12.22
CA GLY C 181 -1.37 -25.52 13.43
C GLY C 181 0.11 -25.19 13.37
N PRO C 182 0.81 -25.49 12.26
CA PRO C 182 2.24 -25.21 12.15
C PRO C 182 2.71 -23.87 12.71
N HIS C 183 2.17 -22.76 12.23
CA HIS C 183 2.63 -21.47 12.74
C HIS C 183 2.23 -21.24 14.19
N LEU C 184 1.07 -21.75 14.60
CA LEU C 184 0.66 -21.59 15.99
C LEU C 184 1.66 -22.35 16.87
N ILE C 185 2.03 -23.55 16.45
CA ILE C 185 2.98 -24.37 17.18
C ILE C 185 4.35 -23.67 17.20
N ASP C 186 4.87 -23.34 16.00
CA ASP C 186 6.18 -22.71 15.88
C ASP C 186 6.39 -21.53 16.82
N GLN C 187 5.41 -20.63 16.88
CA GLN C 187 5.52 -19.47 17.75
C GLN C 187 5.58 -19.89 19.22
N ALA C 188 4.80 -20.91 19.58
CA ALA C 188 4.81 -21.39 20.96
C ALA C 188 6.17 -22.00 21.30
N LEU C 189 6.72 -22.83 20.41
CA LEU C 189 8.02 -23.44 20.69
C LEU C 189 9.12 -22.39 20.79
N GLN C 190 9.04 -21.38 19.93
CA GLN C 190 10.02 -20.31 19.94
C GLN C 190 10.01 -19.55 21.26
N LEU C 191 8.83 -19.37 21.83
CA LEU C 191 8.75 -18.64 23.09
C LEU C 191 9.02 -19.48 24.35
N PHE C 192 8.69 -20.77 24.29
CA PHE C 192 8.80 -21.62 25.48
C PHE C 192 9.61 -22.91 25.38
N GLY C 193 10.13 -23.24 24.20
CA GLY C 193 10.87 -24.48 24.08
C GLY C 193 9.87 -25.62 23.98
N LEU C 194 10.37 -26.85 24.03
CA LEU C 194 9.51 -28.02 23.94
C LEU C 194 8.64 -28.23 25.17
N PRO C 195 7.39 -28.65 24.96
CA PRO C 195 6.45 -28.90 26.05
C PRO C 195 6.71 -30.34 26.51
N GLN C 196 6.24 -30.69 27.70
CA GLN C 196 6.43 -32.04 28.22
C GLN C 196 5.50 -33.05 27.54
N SER C 197 4.29 -32.61 27.22
CA SER C 197 3.31 -33.49 26.58
C SER C 197 2.28 -32.69 25.80
N VAL C 198 1.51 -33.40 24.96
CA VAL C 198 0.49 -32.79 24.11
C VAL C 198 -0.88 -33.44 24.28
N GLN C 199 -1.91 -32.61 24.45
CA GLN C 199 -3.29 -33.07 24.61
C GLN C 199 -4.08 -32.47 23.43
N GLY C 200 -4.70 -33.34 22.64
CA GLY C 200 -5.43 -32.86 21.48
C GLY C 200 -6.89 -33.25 21.33
N ASN C 201 -7.67 -32.35 20.76
CA ASN C 201 -9.08 -32.57 20.51
C ASN C 201 -9.34 -31.95 19.15
N ILE C 202 -9.56 -32.80 18.16
CA ILE C 202 -9.79 -32.37 16.79
C ILE C 202 -11.14 -32.88 16.31
N ALA C 203 -11.94 -31.98 15.72
CA ALA C 203 -13.27 -32.39 15.28
C ALA C 203 -13.72 -31.74 13.97
N THR C 204 -14.75 -32.33 13.39
CA THR C 204 -15.37 -31.88 12.14
C THR C 204 -16.79 -31.48 12.56
N LEU C 205 -17.01 -30.18 12.73
CA LEU C 205 -18.28 -29.66 13.22
C LEU C 205 -19.24 -28.99 12.23
N ARG C 206 -18.75 -28.58 11.07
CA ARG C 206 -19.63 -27.94 10.11
C ARG C 206 -20.45 -28.98 9.35
N ASP C 207 -21.70 -28.65 9.10
CA ASP C 207 -22.60 -29.55 8.40
C ASP C 207 -22.02 -29.97 7.06
N GLY C 208 -21.89 -31.28 6.86
CA GLY C 208 -21.36 -31.79 5.61
C GLY C 208 -19.85 -31.71 5.46
N ALA C 209 -19.14 -31.27 6.49
CA ALA C 209 -17.68 -31.19 6.41
C ALA C 209 -17.12 -32.61 6.43
N GLU C 210 -15.98 -32.80 5.78
CA GLU C 210 -15.37 -34.12 5.70
C GLU C 210 -13.95 -34.17 6.27
N ILE C 211 -13.51 -33.06 6.85
CA ILE C 211 -12.18 -32.96 7.43
C ILE C 211 -12.29 -31.98 8.61
N ASN C 212 -11.42 -32.10 9.61
CA ASN C 212 -11.54 -31.22 10.78
C ASN C 212 -11.56 -29.73 10.48
N ASP C 213 -12.41 -29.02 11.22
CA ASP C 213 -12.56 -27.58 11.10
C ASP C 213 -12.58 -26.95 12.50
N TRP C 214 -12.17 -27.73 13.49
CA TRP C 214 -12.11 -27.29 14.89
C TRP C 214 -10.97 -28.07 15.53
N ALA C 215 -9.96 -27.37 16.03
CA ALA C 215 -8.81 -28.01 16.65
C ALA C 215 -8.48 -27.27 17.92
N HIS C 216 -8.36 -28.02 19.00
CA HIS C 216 -8.08 -27.47 20.32
C HIS C 216 -7.00 -28.33 20.95
N VAL C 217 -5.80 -27.76 21.01
CA VAL C 217 -4.64 -28.46 21.53
C VAL C 217 -3.99 -27.73 22.69
N VAL C 218 -3.65 -28.49 23.72
CA VAL C 218 -3.03 -27.95 24.92
C VAL C 218 -1.62 -28.51 25.04
N LEU C 219 -0.64 -27.63 25.25
CA LEU C 219 0.76 -28.03 25.43
C LEU C 219 1.07 -27.83 26.90
N ASN C 220 1.43 -28.91 27.58
CA ASN C 220 1.74 -28.83 29.00
C ASN C 220 3.21 -28.55 29.30
N TYR C 221 3.44 -27.49 30.05
CA TYR C 221 4.78 -27.13 30.45
C TYR C 221 4.84 -27.26 31.96
N PRO C 222 6.04 -27.42 32.52
CA PRO C 222 6.18 -27.55 33.97
C PRO C 222 5.44 -26.51 34.80
N ALA C 223 5.61 -25.24 34.45
CA ALA C 223 4.97 -24.18 35.21
C ALA C 223 3.91 -23.33 34.50
N HIS C 224 3.43 -23.79 33.35
CA HIS C 224 2.39 -23.04 32.63
C HIS C 224 1.76 -23.86 31.52
N LYS C 225 0.68 -23.35 30.96
CA LYS C 225 0.00 -24.05 29.88
C LYS C 225 -0.16 -23.21 28.61
N VAL C 226 -0.09 -23.89 27.47
CA VAL C 226 -0.24 -23.24 26.18
C VAL C 226 -1.47 -23.84 25.49
N ILE C 227 -2.37 -22.98 25.01
CA ILE C 227 -3.53 -23.47 24.29
C ILE C 227 -3.52 -22.95 22.85
N LEU C 228 -3.57 -23.87 21.89
CA LEU C 228 -3.60 -23.51 20.48
C LEU C 228 -5.02 -23.88 20.01
N HIS C 229 -5.71 -22.94 19.36
CA HIS C 229 -7.09 -23.16 18.93
C HIS C 229 -7.36 -22.67 17.51
N CYS C 230 -7.99 -23.50 16.69
CA CYS C 230 -8.35 -23.17 15.30
C CYS C 230 -9.81 -23.53 15.09
N SER C 231 -10.53 -22.71 14.34
CA SER C 231 -11.93 -23.01 14.07
C SER C 231 -12.48 -22.25 12.86
N MSE C 232 -13.37 -22.92 12.11
CA MSE C 232 -14.01 -22.33 10.95
C MSE C 232 -15.41 -21.84 11.34
O MSE C 232 -16.21 -21.43 10.49
CB MSE C 232 -14.13 -23.38 9.82
CG MSE C 232 -12.78 -23.82 9.27
SE MSE C 232 -11.90 -22.32 8.39
CE MSE C 232 -11.48 -23.17 6.70
N LEU C 233 -15.68 -21.90 12.64
CA LEU C 233 -16.98 -21.51 13.18
C LEU C 233 -16.92 -20.44 14.25
N VAL C 234 -16.41 -19.27 13.89
CA VAL C 234 -16.32 -18.17 14.83
C VAL C 234 -16.75 -16.88 14.16
N ALA C 235 -18.03 -16.51 14.33
CA ALA C 235 -18.56 -15.28 13.74
C ALA C 235 -17.88 -14.08 14.38
N GLY C 236 -17.40 -14.26 15.61
CA GLY C 236 -16.71 -13.18 16.30
C GLY C 236 -16.52 -13.40 17.80
N GLY C 237 -15.73 -12.54 18.43
CA GLY C 237 -15.50 -12.64 19.86
C GLY C 237 -14.21 -13.25 20.37
N SER C 238 -13.38 -13.79 19.47
CA SER C 238 -12.13 -14.38 19.92
C SER C 238 -10.96 -13.42 19.76
N SER C 239 -9.85 -13.75 20.41
CA SER C 239 -8.67 -12.91 20.33
C SER C 239 -7.51 -13.69 19.75
N ARG C 240 -6.73 -13.04 18.90
CA ARG C 240 -5.59 -13.69 18.29
C ARG C 240 -4.68 -14.24 19.40
N PHE C 241 -4.46 -13.43 20.42
CA PHE C 241 -3.61 -13.84 21.54
C PHE C 241 -4.21 -13.45 22.88
N THR C 242 -4.07 -14.34 23.85
CA THR C 242 -4.52 -14.12 25.22
C THR C 242 -3.43 -14.75 26.08
N VAL C 243 -2.76 -13.94 26.90
CA VAL C 243 -1.70 -14.45 27.77
C VAL C 243 -1.89 -13.92 29.20
N HIS C 244 -1.83 -14.81 30.19
CA HIS C 244 -1.99 -14.42 31.59
C HIS C 244 -0.75 -14.75 32.41
N GLY C 245 -0.30 -13.78 33.21
CA GLY C 245 0.87 -13.98 34.07
C GLY C 245 0.48 -13.66 35.51
N ASP C 246 1.42 -13.78 36.45
CA ASP C 246 1.06 -13.48 37.85
C ASP C 246 1.04 -11.99 38.18
N LYS C 247 1.41 -11.15 37.22
CA LYS C 247 1.38 -9.71 37.44
C LYS C 247 0.41 -9.01 36.51
N GLY C 248 -0.04 -9.72 35.47
CA GLY C 248 -0.98 -9.12 34.54
C GLY C 248 -1.32 -9.98 33.33
N SER C 249 -2.11 -9.41 32.43
CA SER C 249 -2.52 -10.12 31.23
C SER C 249 -2.35 -9.23 30.01
N VAL C 250 -2.32 -9.85 28.83
CA VAL C 250 -2.19 -9.11 27.58
C VAL C 250 -3.10 -9.74 26.53
N ILE C 251 -3.86 -8.90 25.85
CA ILE C 251 -4.77 -9.35 24.80
C ILE C 251 -4.46 -8.67 23.47
N LYS C 252 -4.35 -9.49 22.42
CA LYS C 252 -4.12 -8.99 21.07
C LYS C 252 -5.35 -9.51 20.32
N ALA C 253 -6.32 -8.63 20.12
CA ALA C 253 -7.56 -8.98 19.45
C ALA C 253 -7.46 -9.40 17.99
N ARG C 254 -6.77 -8.61 17.18
CA ARG C 254 -6.66 -8.90 15.76
C ARG C 254 -5.33 -9.49 15.31
N ALA C 255 -5.35 -10.12 14.14
CA ALA C 255 -4.19 -10.77 13.56
C ALA C 255 -3.34 -9.91 12.63
N ASP C 256 -2.09 -10.33 12.45
CA ASP C 256 -1.12 -9.69 11.56
C ASP C 256 -1.80 -9.48 10.21
N GLN C 257 -1.52 -8.35 9.55
CA GLN C 257 -2.14 -8.05 8.27
C GLN C 257 -1.22 -8.12 7.05
N GLN C 258 -0.01 -8.62 7.23
CA GLN C 258 0.94 -8.70 6.12
C GLN C 258 0.40 -9.46 4.91
N GLU C 259 -0.27 -10.58 5.13
CA GLU C 259 -0.80 -11.35 4.01
C GLU C 259 -1.85 -10.59 3.21
N SER C 260 -2.77 -9.93 3.89
CA SER C 260 -3.79 -9.18 3.16
C SER C 260 -3.09 -8.05 2.41
N GLN C 261 -2.09 -7.44 3.04
CA GLN C 261 -1.34 -6.36 2.39
C GLN C 261 -0.72 -6.89 1.10
N LEU C 262 -0.05 -8.02 1.18
CA LEU C 262 0.57 -8.62 0.01
C LEU C 262 -0.47 -8.83 -1.08
N LEU C 263 -1.62 -9.37 -0.69
CA LEU C 263 -2.69 -9.64 -1.64
C LEU C 263 -3.25 -8.35 -2.24
N ALA C 264 -3.21 -7.27 -1.47
CA ALA C 264 -3.71 -5.99 -1.94
C ALA C 264 -2.66 -5.30 -2.81
N GLY C 265 -1.53 -5.96 -3.03
CA GLY C 265 -0.47 -5.39 -3.84
C GLY C 265 0.57 -4.55 -3.10
N VAL C 266 0.48 -4.47 -1.78
CA VAL C 266 1.44 -3.69 -1.00
C VAL C 266 2.85 -4.27 -1.16
N VAL C 267 3.82 -3.41 -1.48
CA VAL C 267 5.20 -3.85 -1.66
C VAL C 267 5.88 -4.04 -0.31
N PRO C 268 6.48 -5.23 -0.07
CA PRO C 268 7.14 -5.48 1.20
C PRO C 268 8.26 -4.46 1.42
N GLY C 269 8.33 -3.88 2.61
CA GLY C 269 9.36 -2.91 2.89
C GLY C 269 8.85 -1.49 2.74
N SER C 270 7.61 -1.36 2.26
CA SER C 270 6.97 -0.07 2.08
C SER C 270 6.64 0.57 3.41
N ALA C 271 6.44 1.89 3.39
CA ALA C 271 6.14 2.66 4.59
C ALA C 271 5.07 2.03 5.50
N ASP C 272 4.02 1.47 4.91
CA ASP C 272 2.96 0.88 5.72
C ASP C 272 3.03 -0.63 5.87
N TRP C 273 4.02 -1.26 5.24
CA TRP C 273 4.19 -2.70 5.29
C TRP C 273 4.29 -3.21 6.73
N GLY C 274 3.41 -4.14 7.08
CA GLY C 274 3.43 -4.72 8.41
C GLY C 274 2.96 -3.86 9.58
N GLN C 275 2.39 -2.70 9.30
CA GLN C 275 1.90 -1.85 10.38
C GLN C 275 0.65 -2.48 11.00
N ASP C 276 0.47 -2.31 12.29
CA ASP C 276 -0.66 -2.89 13.01
C ASP C 276 -1.23 -1.87 13.98
N ASP C 277 -2.40 -1.30 13.65
CA ASP C 277 -3.04 -0.29 14.51
C ASP C 277 -3.88 -0.91 15.61
N ASP C 278 -3.96 -2.23 15.64
CA ASP C 278 -4.71 -2.90 16.69
C ASP C 278 -3.68 -3.04 17.81
N PRO C 279 -3.87 -2.28 18.90
CA PRO C 279 -2.94 -2.30 20.04
C PRO C 279 -3.08 -3.49 20.97
N LEU C 280 -2.06 -3.66 21.79
CA LEU C 280 -2.03 -4.71 22.79
C LEU C 280 -2.80 -4.14 23.99
N VAL C 281 -3.75 -4.90 24.52
CA VAL C 281 -4.51 -4.42 25.67
C VAL C 281 -3.94 -5.13 26.88
N ILE C 282 -3.24 -4.39 27.72
CA ILE C 282 -2.61 -4.94 28.91
C ILE C 282 -3.42 -4.71 30.18
N TYR C 283 -3.49 -5.74 31.02
CA TYR C 283 -4.22 -5.68 32.28
C TYR C 283 -3.26 -5.88 33.46
N ASP C 284 -3.27 -4.96 34.42
CA ASP C 284 -2.40 -5.06 35.59
C ASP C 284 -3.23 -5.40 36.83
N ALA C 285 -2.57 -5.40 37.98
CA ALA C 285 -3.25 -5.69 39.26
C ALA C 285 -4.05 -4.45 39.58
N SER C 286 -5.27 -4.41 39.06
CA SER C 286 -6.14 -3.27 39.24
C SER C 286 -7.28 -3.57 38.28
N LEU C 287 -7.09 -4.67 37.55
CA LEU C 287 -8.06 -5.14 36.59
C LEU C 287 -8.31 -4.11 35.50
N GLN C 288 -7.69 -2.96 35.62
CA GLN C 288 -7.84 -1.93 34.61
C GLN C 288 -6.81 -2.17 33.54
N ALA C 289 -7.05 -1.64 32.35
CA ALA C 289 -6.14 -1.85 31.25
C ALA C 289 -5.76 -0.60 30.48
N HIS C 290 -4.57 -0.65 29.90
CA HIS C 290 -4.05 0.44 29.09
C HIS C 290 -3.57 -0.21 27.80
N ALA C 291 -3.62 0.54 26.70
CA ALA C 291 -3.17 0.02 25.41
C ALA C 291 -1.69 0.29 25.22
N GLN C 292 -1.07 -0.48 24.34
CA GLN C 292 0.34 -0.32 24.01
C GLN C 292 0.47 -0.55 22.52
N ALA C 293 1.25 0.31 21.86
CA ALA C 293 1.44 0.21 20.42
C ALA C 293 2.02 -1.14 20.02
N THR C 294 1.47 -1.72 18.96
CA THR C 294 1.93 -3.01 18.46
C THR C 294 3.10 -2.82 17.51
N PRO C 295 4.16 -3.62 17.66
CA PRO C 295 5.32 -3.51 16.79
C PRO C 295 4.87 -3.82 15.36
N GLN C 296 5.63 -3.36 14.37
CA GLN C 296 5.26 -3.64 13.00
C GLN C 296 5.82 -5.03 12.69
N GLY C 297 5.17 -5.75 11.80
CA GLY C 297 5.65 -7.07 11.44
C GLY C 297 6.47 -6.96 10.16
N ASP C 298 7.26 -7.99 9.85
CA ASP C 298 8.06 -7.97 8.63
C ASP C 298 8.69 -9.32 8.38
N GLN C 299 8.02 -10.16 7.62
CA GLN C 299 8.55 -11.48 7.33
C GLN C 299 9.69 -11.45 6.34
N ARG C 300 10.09 -10.27 5.88
CA ARG C 300 11.23 -10.17 4.96
C ARG C 300 12.43 -10.57 5.80
N GLN C 301 12.29 -10.46 7.12
CA GLN C 301 13.37 -10.82 8.04
C GLN C 301 13.84 -12.26 7.82
N TYR C 302 12.92 -13.12 7.37
CA TYR C 302 13.26 -14.51 7.14
C TYR C 302 14.37 -14.59 6.09
N TYR C 303 14.17 -13.86 5.00
CA TYR C 303 15.13 -13.86 3.92
C TYR C 303 16.38 -13.06 4.23
N MSE C 304 16.23 -11.99 5.01
CA MSE C 304 17.37 -11.19 5.39
C MSE C 304 18.28 -12.06 6.27
O MSE C 304 19.50 -12.05 6.11
CB MSE C 304 16.93 -9.94 6.15
CG MSE C 304 16.08 -9.01 5.33
SE MSE C 304 15.58 -7.41 6.30
CE MSE C 304 14.79 -6.41 4.85
N LEU C 305 17.65 -12.80 7.17
CA LEU C 305 18.39 -13.69 8.07
C LEU C 305 18.99 -14.86 7.33
N ILE C 306 18.22 -15.49 6.44
CA ILE C 306 18.75 -16.61 5.67
C ILE C 306 19.97 -16.13 4.89
N ARG C 307 19.84 -14.94 4.31
CA ARG C 307 20.91 -14.33 3.54
C ARG C 307 22.17 -14.19 4.40
N ASP C 308 22.02 -13.53 5.55
CA ASP C 308 23.15 -13.35 6.46
C ASP C 308 23.81 -14.67 6.84
N ALA C 309 22.98 -15.70 7.10
CA ALA C 309 23.52 -17.00 7.46
C ALA C 309 24.35 -17.55 6.30
N LEU C 310 23.84 -17.37 5.08
CA LEU C 310 24.54 -17.85 3.89
C LEU C 310 25.85 -17.09 3.71
N LYS C 311 25.91 -15.86 4.20
CA LYS C 311 27.13 -15.05 4.11
C LYS C 311 28.03 -15.35 5.29
N GLY C 312 27.77 -16.47 5.96
CA GLY C 312 28.56 -16.87 7.11
C GLY C 312 28.55 -15.90 8.27
N GLN C 313 27.64 -14.93 8.26
CA GLN C 313 27.56 -13.94 9.33
C GLN C 313 26.89 -14.46 10.59
N ILE C 314 25.90 -15.33 10.42
CA ILE C 314 25.15 -15.88 11.56
C ILE C 314 24.76 -17.32 11.26
N ALA C 315 24.11 -17.95 12.23
CA ALA C 315 23.65 -19.33 12.07
C ALA C 315 22.24 -19.30 11.48
N ASN C 316 21.88 -20.39 10.80
CA ASN C 316 20.56 -20.54 10.19
C ASN C 316 19.52 -20.00 11.16
N PRO C 317 18.68 -19.04 10.73
CA PRO C 317 17.65 -18.49 11.63
C PRO C 317 16.51 -19.47 11.91
N VAL C 318 16.38 -20.47 11.05
CA VAL C 318 15.34 -21.47 11.22
C VAL C 318 15.91 -22.84 10.88
N PRO C 319 16.74 -23.40 11.78
CA PRO C 319 17.33 -24.72 11.56
C PRO C 319 16.25 -25.78 11.40
N PRO C 320 16.47 -26.76 10.51
CA PRO C 320 15.50 -27.83 10.26
C PRO C 320 15.02 -28.63 11.46
N VAL C 321 15.81 -28.64 12.54
CA VAL C 321 15.43 -29.37 13.75
C VAL C 321 14.26 -28.68 14.46
N GLU C 322 14.06 -27.40 14.16
CA GLU C 322 12.97 -26.67 14.78
C GLU C 322 11.69 -27.02 14.02
N ALA C 323 11.84 -27.27 12.73
CA ALA C 323 10.72 -27.64 11.87
C ALA C 323 10.35 -29.09 12.14
N LEU C 324 11.33 -29.89 12.54
CA LEU C 324 11.09 -31.29 12.85
C LEU C 324 10.21 -31.31 14.10
N ALA C 325 10.56 -30.43 15.03
CA ALA C 325 9.84 -30.30 16.30
C ALA C 325 8.38 -29.89 16.09
N VAL C 326 8.13 -29.00 15.14
CA VAL C 326 6.77 -28.56 14.87
C VAL C 326 5.96 -29.78 14.41
N MSE C 327 6.60 -30.62 13.60
CA MSE C 327 5.97 -31.83 13.09
C MSE C 327 5.68 -32.80 14.24
O MSE C 327 4.64 -33.45 14.26
CB MSE C 327 6.87 -32.52 12.05
CG MSE C 327 6.99 -31.79 10.71
SE MSE C 327 8.07 -32.72 9.38
CE MSE C 327 6.78 -33.98 8.69
N ALA C 328 6.60 -32.89 15.19
CA ALA C 328 6.43 -33.79 16.33
C ALA C 328 5.18 -33.41 17.10
N VAL C 329 5.02 -32.12 17.39
CA VAL C 329 3.88 -31.61 18.13
C VAL C 329 2.59 -31.79 17.33
N LEU C 330 2.66 -31.41 16.07
CA LEU C 330 1.53 -31.51 15.17
C LEU C 330 1.02 -32.95 15.14
N GLU C 331 1.95 -33.90 15.00
CA GLU C 331 1.58 -35.30 14.96
C GLU C 331 1.11 -35.82 16.31
N ALA C 332 1.74 -35.34 17.38
CA ALA C 332 1.36 -35.77 18.72
C ALA C 332 -0.08 -35.33 19.03
N ALA C 333 -0.45 -34.13 18.59
CA ALA C 333 -1.81 -33.62 18.83
C ALA C 333 -2.80 -34.55 18.16
N VAL C 334 -2.48 -35.00 16.94
CA VAL C 334 -3.36 -35.91 16.21
C VAL C 334 -3.49 -37.27 16.90
N ARG C 335 -2.38 -37.77 17.45
CA ARG C 335 -2.39 -39.05 18.16
C ARG C 335 -3.30 -38.96 19.37
N SER C 336 -3.19 -37.84 20.07
CA SER C 336 -3.98 -37.59 21.26
C SER C 336 -5.47 -37.50 20.93
N ALA C 337 -5.80 -36.87 19.81
CA ALA C 337 -7.19 -36.73 19.40
C ALA C 337 -7.81 -38.07 19.06
N GLU C 338 -7.06 -38.90 18.34
CA GLU C 338 -7.55 -40.20 17.93
C GLU C 338 -7.60 -41.23 19.05
N SER C 339 -6.62 -41.21 19.94
CA SER C 339 -6.56 -42.18 21.03
C SER C 339 -7.22 -41.72 22.33
N GLY C 340 -7.46 -40.42 22.45
CA GLY C 340 -8.05 -39.90 23.66
C GLY C 340 -7.01 -39.85 24.77
N MSE C 341 -5.75 -40.05 24.40
CA MSE C 341 -4.64 -40.06 25.34
C MSE C 341 -3.63 -38.95 25.14
O MSE C 341 -3.24 -38.63 24.02
CB MSE C 341 -3.89 -41.39 25.24
CG MSE C 341 -4.28 -42.41 26.27
SE MSE C 341 -3.15 -43.97 26.07
CE MSE C 341 -4.26 -44.98 24.86
N VAL C 342 -3.17 -38.37 26.25
CA VAL C 342 -2.16 -37.33 26.19
C VAL C 342 -0.95 -37.97 25.52
N GLN C 343 -0.30 -37.22 24.64
CA GLN C 343 0.86 -37.75 23.91
C GLN C 343 2.15 -37.01 24.22
N THR C 344 3.26 -37.69 23.97
CA THR C 344 4.57 -37.09 24.20
C THR C 344 5.22 -36.94 22.83
N LEU C 345 6.25 -36.10 22.72
CA LEU C 345 6.92 -35.85 21.45
C LEU C 345 7.94 -36.91 21.01
N ASP C 346 7.81 -37.38 19.77
CA ASP C 346 8.72 -38.38 19.23
C ASP C 346 10.00 -37.73 18.69
N LEU C 347 10.81 -37.19 19.61
CA LEU C 347 12.07 -36.54 19.26
C LEU C 347 13.23 -37.20 20.00
N SER C 348 14.16 -37.81 19.26
CA SER C 348 15.31 -38.47 19.87
C SER C 348 16.03 -37.52 20.82
N ASP C 349 16.97 -38.05 21.58
CA ASP C 349 17.71 -37.29 22.59
C ASP C 349 18.59 -36.10 22.18
N ASP C 350 19.38 -36.26 21.12
CA ASP C 350 20.25 -35.18 20.67
C ASP C 350 19.42 -33.98 20.25
N GLU C 351 18.37 -34.26 19.48
CA GLU C 351 17.47 -33.22 18.99
C GLU C 351 16.99 -32.32 20.13
N ARG C 352 16.49 -32.94 21.20
CA ARG C 352 16.01 -32.18 22.35
C ARG C 352 17.12 -31.34 22.92
N ASN C 353 18.32 -31.90 22.95
CA ASN C 353 19.47 -31.18 23.48
C ASN C 353 19.73 -29.99 22.57
N THR C 354 19.74 -30.24 21.27
CA THR C 354 19.97 -29.18 20.30
C THR C 354 18.90 -28.11 20.45
N LEU C 355 17.64 -28.55 20.51
CA LEU C 355 16.54 -27.62 20.67
C LEU C 355 16.74 -26.85 21.97
N ARG C 356 17.18 -27.56 23.01
CA ARG C 356 17.42 -26.94 24.31
C ARG C 356 18.46 -25.83 24.20
N GLU C 357 19.69 -26.20 23.85
CA GLU C 357 20.78 -25.23 23.73
C GLU C 357 20.40 -24.11 22.77
N GLY C 358 19.82 -24.49 21.63
CA GLY C 358 19.42 -23.51 20.64
C GLY C 358 18.42 -22.51 21.19
N HIS C 359 17.66 -22.95 22.20
CA HIS C 359 16.66 -22.09 22.84
C HIS C 359 17.33 -21.22 23.89
N HIS C 360 18.67 -21.16 23.82
CA HIS C 360 19.48 -20.38 24.76
C HIS C 360 19.53 -21.05 26.12
N ASN D 5 -52.23 -23.94 57.64
CA ASN D 5 -50.80 -23.58 57.63
C ASN D 5 -50.46 -23.27 56.19
N ASN D 6 -49.25 -23.74 55.85
CA ASN D 6 -48.59 -23.60 54.57
C ASN D 6 -47.65 -22.42 54.55
N THR D 7 -46.81 -22.45 55.57
CA THR D 7 -45.66 -21.62 55.81
C THR D 7 -44.69 -22.77 56.02
N ILE D 8 -43.63 -22.88 55.22
CA ILE D 8 -42.70 -24.01 55.38
C ILE D 8 -41.55 -23.63 56.34
N ASN D 9 -41.51 -24.26 57.51
CA ASN D 9 -40.49 -23.95 58.51
C ASN D 9 -39.16 -24.59 58.16
N ILE D 10 -38.12 -23.76 58.11
CA ILE D 10 -36.80 -24.22 57.75
C ILE D 10 -35.77 -24.18 58.87
N ALA D 11 -34.92 -25.20 58.88
CA ALA D 11 -33.82 -25.28 59.83
C ALA D 11 -32.55 -25.17 58.97
N LEU D 12 -31.79 -24.08 59.15
CA LEU D 12 -30.56 -23.89 58.40
C LEU D 12 -29.42 -24.51 59.19
N ILE D 13 -28.87 -25.61 58.68
CA ILE D 13 -27.79 -26.28 59.37
C ILE D 13 -26.44 -25.68 58.97
N GLY D 14 -25.88 -24.89 59.86
CA GLY D 14 -24.60 -24.26 59.61
C GLY D 14 -24.75 -22.80 59.30
N TYR D 15 -23.97 -21.96 59.97
CA TYR D 15 -24.04 -20.54 59.70
C TYR D 15 -22.68 -20.05 59.26
N GLY D 16 -22.05 -20.84 58.40
CA GLY D 16 -20.76 -20.48 57.86
C GLY D 16 -20.96 -19.47 56.75
N PHE D 17 -20.01 -19.43 55.81
CA PHE D 17 -20.08 -18.49 54.70
C PHE D 17 -21.34 -18.60 53.86
N VAL D 18 -21.61 -19.79 53.35
CA VAL D 18 -22.79 -19.98 52.51
C VAL D 18 -24.08 -19.77 53.30
N GLY D 19 -24.14 -20.33 54.50
CA GLY D 19 -25.33 -20.19 55.32
C GLY D 19 -25.66 -18.75 55.64
N LYS D 20 -24.65 -18.00 56.07
CA LYS D 20 -24.86 -16.61 56.42
C LYS D 20 -25.02 -15.69 55.21
N THR D 21 -24.21 -15.91 54.18
CA THR D 21 -24.24 -15.07 52.99
C THR D 21 -25.34 -15.36 51.97
N PHE D 22 -25.65 -16.64 51.78
CA PHE D 22 -26.67 -17.03 50.80
C PHE D 22 -28.03 -17.47 51.35
N HIS D 23 -28.04 -18.61 52.02
CA HIS D 23 -29.27 -19.19 52.53
C HIS D 23 -30.21 -18.33 53.37
N ALA D 24 -29.72 -17.79 54.49
CA ALA D 24 -30.59 -16.98 55.33
C ALA D 24 -31.17 -15.78 54.57
N PRO D 25 -30.33 -15.02 53.86
CA PRO D 25 -30.90 -13.89 53.14
C PRO D 25 -31.96 -14.29 52.10
N LEU D 26 -31.65 -15.32 51.31
CA LEU D 26 -32.57 -15.77 50.28
C LEU D 26 -33.89 -16.26 50.89
N ILE D 27 -33.78 -17.13 51.87
CA ILE D 27 -34.95 -17.68 52.54
C ILE D 27 -35.89 -16.60 53.07
N ARG D 28 -35.39 -15.71 53.91
CA ARG D 28 -36.21 -14.67 54.50
C ARG D 28 -36.82 -13.69 53.50
N SER D 29 -36.42 -13.79 52.24
CA SER D 29 -36.95 -12.90 51.22
C SER D 29 -38.07 -13.60 50.45
N VAL D 30 -38.28 -14.87 50.72
CA VAL D 30 -39.30 -15.64 50.00
C VAL D 30 -40.58 -15.91 50.79
N PRO D 31 -41.74 -15.45 50.27
CA PRO D 31 -43.03 -15.66 50.94
C PRO D 31 -43.38 -17.14 51.06
N GLY D 32 -43.93 -17.54 52.20
CA GLY D 32 -44.31 -18.92 52.37
C GLY D 32 -43.31 -19.77 53.12
N LEU D 33 -42.11 -19.22 53.31
CA LEU D 33 -41.06 -19.91 54.03
C LEU D 33 -40.76 -19.13 55.30
N ASN D 34 -40.25 -19.83 56.30
CA ASN D 34 -39.88 -19.21 57.55
C ASN D 34 -38.60 -19.82 58.07
N LEU D 35 -37.60 -18.99 58.35
CA LEU D 35 -36.35 -19.47 58.90
C LEU D 35 -36.60 -19.57 60.40
N ALA D 36 -36.95 -20.78 60.84
CA ALA D 36 -37.27 -21.03 62.25
C ALA D 36 -36.09 -21.38 63.13
N PHE D 37 -35.14 -22.13 62.58
CA PHE D 37 -33.97 -22.55 63.34
C PHE D 37 -32.67 -22.43 62.55
N VAL D 38 -31.58 -22.18 63.28
CA VAL D 38 -30.25 -22.09 62.70
C VAL D 38 -29.37 -22.92 63.63
N ALA D 39 -28.80 -23.99 63.08
CA ALA D 39 -27.94 -24.88 63.85
C ALA D 39 -26.50 -24.40 63.79
N SER D 40 -25.94 -24.09 64.94
CA SER D 40 -24.56 -23.60 65.01
C SER D 40 -24.07 -23.67 66.45
N ARG D 41 -22.76 -23.86 66.62
CA ARG D 41 -22.17 -23.93 67.95
C ARG D 41 -21.82 -22.50 68.40
N ASP D 42 -22.14 -21.53 67.56
CA ASP D 42 -21.84 -20.12 67.84
C ASP D 42 -23.11 -19.28 67.80
N GLU D 43 -23.90 -19.34 68.86
CA GLU D 43 -25.16 -18.59 68.90
C GLU D 43 -25.00 -17.08 68.71
N GLU D 44 -24.02 -16.49 69.39
CA GLU D 44 -23.81 -15.05 69.28
C GLU D 44 -23.66 -14.60 67.83
N LYS D 45 -22.85 -15.34 67.08
CA LYS D 45 -22.62 -15.01 65.67
C LYS D 45 -23.93 -14.99 64.90
N VAL D 46 -24.79 -15.99 65.13
CA VAL D 46 -26.07 -16.04 64.44
C VAL D 46 -26.96 -14.89 64.89
N LYS D 47 -27.01 -14.68 66.20
CA LYS D 47 -27.84 -13.64 66.79
C LYS D 47 -27.57 -12.20 66.30
N ARG D 48 -26.32 -11.86 66.00
CA ARG D 48 -26.03 -10.52 65.53
C ARG D 48 -26.76 -10.20 64.23
N ASP D 49 -27.12 -11.24 63.45
CA ASP D 49 -27.84 -11.04 62.19
C ASP D 49 -29.31 -11.41 62.34
N LEU D 50 -29.58 -12.46 63.11
CA LEU D 50 -30.93 -12.96 63.32
C LEU D 50 -31.25 -13.06 64.81
N PRO D 51 -31.47 -11.92 65.48
CA PRO D 51 -31.77 -11.88 66.91
C PRO D 51 -32.97 -12.70 67.38
N ASP D 52 -33.98 -12.84 66.53
CA ASP D 52 -35.18 -13.59 66.91
C ASP D 52 -35.15 -15.08 66.61
N VAL D 53 -34.13 -15.55 65.89
CA VAL D 53 -34.07 -16.96 65.54
C VAL D 53 -33.55 -17.88 66.63
N THR D 54 -34.17 -19.06 66.74
CA THR D 54 -33.75 -20.05 67.73
C THR D 54 -32.53 -20.76 67.19
N VAL D 55 -31.51 -20.91 68.03
CA VAL D 55 -30.29 -21.58 67.64
C VAL D 55 -30.14 -22.94 68.32
N ILE D 56 -29.73 -23.93 67.53
CA ILE D 56 -29.52 -25.29 68.04
C ILE D 56 -28.05 -25.60 67.83
N ALA D 57 -27.37 -25.99 68.91
CA ALA D 57 -25.94 -26.29 68.79
C ALA D 57 -25.63 -27.61 68.09
N SER D 58 -26.51 -28.59 68.27
CA SER D 58 -26.31 -29.91 67.66
C SER D 58 -27.01 -30.07 66.32
N PRO D 59 -26.25 -30.26 65.23
CA PRO D 59 -26.85 -30.42 63.90
C PRO D 59 -27.84 -31.60 63.93
N GLU D 60 -27.41 -32.71 64.51
CA GLU D 60 -28.23 -33.91 64.62
C GLU D 60 -29.59 -33.56 65.20
N ALA D 61 -29.59 -32.81 66.29
CA ALA D 61 -30.82 -32.41 66.96
C ALA D 61 -31.68 -31.50 66.08
N ALA D 62 -31.04 -30.50 65.46
CA ALA D 62 -31.78 -29.56 64.62
C ALA D 62 -32.48 -30.26 63.45
N VAL D 63 -31.76 -31.15 62.74
CA VAL D 63 -32.36 -31.83 61.60
C VAL D 63 -33.48 -32.79 61.98
N GLN D 64 -33.57 -33.14 63.27
CA GLN D 64 -34.62 -34.04 63.74
C GLN D 64 -35.64 -33.31 64.59
N HIS D 65 -35.52 -31.99 64.65
CA HIS D 65 -36.41 -31.17 65.44
C HIS D 65 -37.88 -31.18 64.99
N PRO D 66 -38.80 -31.27 65.98
CA PRO D 66 -40.27 -31.32 65.83
C PRO D 66 -40.99 -30.33 64.92
N ASP D 67 -40.62 -29.06 64.97
CA ASP D 67 -41.30 -28.07 64.15
C ASP D 67 -40.46 -27.65 62.93
N VAL D 68 -39.96 -28.64 62.20
CA VAL D 68 -39.15 -28.39 61.01
C VAL D 68 -39.69 -29.17 59.82
N ASP D 69 -39.97 -28.47 58.73
CA ASP D 69 -40.50 -29.09 57.52
C ASP D 69 -39.37 -29.35 56.51
N LEU D 70 -38.47 -28.39 56.41
CA LEU D 70 -37.36 -28.47 55.47
C LEU D 70 -36.03 -28.16 56.12
N VAL D 71 -35.02 -28.96 55.81
CA VAL D 71 -33.67 -28.77 56.34
C VAL D 71 -32.73 -28.36 55.20
N VAL D 72 -31.93 -27.34 55.45
CA VAL D 72 -30.95 -26.84 54.47
C VAL D 72 -29.59 -27.06 55.10
N ILE D 73 -28.88 -28.06 54.58
CA ILE D 73 -27.57 -28.43 55.09
C ILE D 73 -26.43 -27.63 54.47
N ALA D 74 -25.90 -26.69 55.25
CA ALA D 74 -24.81 -25.81 54.83
C ALA D 74 -23.64 -25.99 55.78
N SER D 75 -23.48 -27.22 56.25
CA SER D 75 -22.42 -27.57 57.18
C SER D 75 -21.20 -28.06 56.40
N PRO D 76 -20.12 -28.44 57.12
CA PRO D 76 -18.92 -28.92 56.43
C PRO D 76 -19.20 -30.13 55.51
N ASN D 77 -18.54 -30.15 54.37
CA ASN D 77 -18.69 -31.21 53.37
C ASN D 77 -19.01 -32.62 53.86
N ALA D 78 -18.13 -33.16 54.69
CA ALA D 78 -18.29 -34.53 55.21
C ALA D 78 -19.55 -34.79 56.02
N THR D 79 -20.18 -33.74 56.52
CA THR D 79 -21.40 -33.92 57.30
C THR D 79 -22.67 -33.91 56.45
N HIS D 80 -22.52 -33.57 55.17
CA HIS D 80 -23.67 -33.51 54.27
C HIS D 80 -24.43 -34.82 54.15
N ALA D 81 -23.73 -35.90 53.79
CA ALA D 81 -24.37 -37.19 53.62
C ALA D 81 -25.04 -37.67 54.92
N PRO D 82 -24.27 -37.79 56.01
CA PRO D 82 -24.86 -38.24 57.28
C PRO D 82 -26.04 -37.41 57.80
N LEU D 83 -25.96 -36.09 57.70
CA LEU D 83 -27.06 -35.24 58.17
C LEU D 83 -28.28 -35.36 57.27
N ALA D 84 -28.06 -35.49 55.96
CA ALA D 84 -29.17 -35.62 55.02
C ALA D 84 -29.89 -36.93 55.33
N ARG D 85 -29.13 -38.00 55.54
CA ARG D 85 -29.71 -39.28 55.85
C ARG D 85 -30.54 -39.17 57.14
N LEU D 86 -29.96 -38.55 58.16
CA LEU D 86 -30.66 -38.39 59.43
C LEU D 86 -31.96 -37.60 59.24
N ALA D 87 -31.87 -36.48 58.51
CA ALA D 87 -33.02 -35.64 58.26
C ALA D 87 -34.13 -36.37 57.52
N LEU D 88 -33.75 -37.18 56.54
CA LEU D 88 -34.74 -37.92 55.77
C LEU D 88 -35.45 -38.96 56.62
N ASN D 89 -34.73 -39.61 57.54
CA ASN D 89 -35.32 -40.63 58.40
C ASN D 89 -36.26 -40.01 59.44
N ALA D 90 -36.15 -38.70 59.62
CA ALA D 90 -37.00 -37.99 60.58
C ALA D 90 -38.22 -37.38 59.88
N GLY D 91 -38.34 -37.65 58.58
CA GLY D 91 -39.46 -37.15 57.83
C GLY D 91 -39.33 -35.72 57.31
N LYS D 92 -38.11 -35.22 57.23
CA LYS D 92 -37.89 -33.86 56.75
C LYS D 92 -37.49 -33.82 55.27
N HIS D 93 -37.88 -32.75 54.59
CA HIS D 93 -37.52 -32.53 53.20
C HIS D 93 -36.09 -32.00 53.33
N VAL D 94 -35.27 -32.17 52.30
CA VAL D 94 -33.88 -31.75 52.40
C VAL D 94 -33.25 -31.06 51.18
N VAL D 95 -32.51 -29.99 51.44
CA VAL D 95 -31.77 -29.26 50.42
C VAL D 95 -30.32 -29.33 50.89
N VAL D 96 -29.44 -29.81 50.03
CA VAL D 96 -28.03 -29.95 50.37
C VAL D 96 -27.15 -28.98 49.60
N ASP D 97 -26.26 -28.31 50.34
CA ASP D 97 -25.31 -27.36 49.76
C ASP D 97 -24.26 -28.20 49.04
N LYS D 98 -23.66 -27.66 47.99
CA LYS D 98 -22.63 -28.41 47.29
C LYS D 98 -21.46 -28.54 48.26
N PRO D 99 -20.80 -29.71 48.28
CA PRO D 99 -21.04 -30.90 47.47
C PRO D 99 -22.22 -31.73 47.96
N PHE D 100 -22.96 -32.32 47.03
CA PHE D 100 -24.11 -33.17 47.37
C PHE D 100 -23.58 -34.13 48.43
N THR D 101 -22.55 -34.87 48.06
CA THR D 101 -21.87 -35.82 48.96
C THR D 101 -20.44 -35.89 48.44
N LEU D 102 -19.58 -36.65 49.11
CA LEU D 102 -18.21 -36.78 48.63
C LEU D 102 -18.03 -38.15 48.00
N ASP D 103 -19.14 -38.84 47.78
CA ASP D 103 -19.13 -40.18 47.21
C ASP D 103 -20.43 -40.43 46.44
N MSE D 104 -20.30 -40.89 45.20
CA MSE D 104 -21.46 -41.14 44.37
C MSE D 104 -22.38 -42.27 44.87
O MSE D 104 -23.59 -42.22 44.65
CB MSE D 104 -21.04 -41.41 42.92
CG MSE D 104 -20.62 -40.13 42.19
SE MSE D 104 -20.19 -40.44 40.32
CE MSE D 104 -21.99 -40.70 39.64
N GLN D 105 -21.81 -43.28 45.50
CA GLN D 105 -22.66 -44.37 46.01
C GLN D 105 -23.57 -43.79 47.09
N GLU D 106 -22.99 -42.97 47.97
CA GLU D 106 -23.75 -42.32 49.03
C GLU D 106 -24.87 -41.50 48.40
N ALA D 107 -24.54 -40.76 47.35
CA ALA D 107 -25.53 -39.93 46.66
C ALA D 107 -26.70 -40.78 46.18
N ARG D 108 -26.37 -41.90 45.53
CA ARG D 108 -27.42 -42.79 45.02
C ARG D 108 -28.30 -43.30 46.17
N GLU D 109 -27.68 -43.54 47.33
CA GLU D 109 -28.42 -44.00 48.49
C GLU D 109 -29.37 -42.92 49.00
N LEU D 110 -28.91 -41.67 49.03
CA LEU D 110 -29.77 -40.59 49.50
C LEU D 110 -30.97 -40.43 48.56
N ILE D 111 -30.73 -40.50 47.26
CA ILE D 111 -31.81 -40.38 46.29
C ILE D 111 -32.87 -41.45 46.56
N ALA D 112 -32.41 -42.69 46.79
CA ALA D 112 -33.32 -43.78 47.06
C ALA D 112 -34.08 -43.58 48.37
N LEU D 113 -33.34 -43.20 49.42
CA LEU D 113 -33.94 -42.97 50.73
C LEU D 113 -35.04 -41.91 50.65
N ALA D 114 -34.73 -40.78 50.01
CA ALA D 114 -35.70 -39.70 49.86
C ALA D 114 -36.98 -40.24 49.19
N GLU D 115 -36.81 -41.00 48.12
CA GLU D 115 -37.96 -41.58 47.41
C GLU D 115 -38.73 -42.54 48.31
N GLU D 116 -37.99 -43.31 49.10
CA GLU D 116 -38.61 -44.26 50.02
C GLU D 116 -39.42 -43.56 51.08
N LYS D 117 -38.82 -42.54 51.71
CA LYS D 117 -39.48 -41.78 52.75
C LYS D 117 -40.40 -40.73 52.14
N GLN D 118 -40.50 -40.75 50.82
CA GLN D 118 -41.34 -39.81 50.08
C GLN D 118 -41.17 -38.36 50.52
N ARG D 119 -39.92 -37.92 50.61
CA ARG D 119 -39.59 -36.54 50.97
C ARG D 119 -38.85 -35.94 49.78
N LEU D 120 -38.79 -34.62 49.72
CA LEU D 120 -38.07 -33.98 48.63
C LEU D 120 -36.61 -33.85 49.01
N LEU D 121 -35.74 -34.19 48.06
CA LEU D 121 -34.31 -34.08 48.26
C LEU D 121 -33.80 -33.29 47.06
N SER D 122 -33.04 -32.23 47.34
CA SER D 122 -32.50 -31.40 46.28
C SER D 122 -31.13 -30.86 46.66
N VAL D 123 -30.41 -30.36 45.67
CA VAL D 123 -29.09 -29.82 45.89
C VAL D 123 -29.10 -28.36 45.46
N PHE D 124 -28.34 -27.54 46.16
CA PHE D 124 -28.31 -26.12 45.89
C PHE D 124 -27.55 -25.70 44.64
N HIS D 125 -28.13 -25.97 43.46
CA HIS D 125 -27.53 -25.53 42.21
C HIS D 125 -28.21 -24.20 41.92
N ASN D 126 -27.72 -23.17 42.61
CA ASN D 126 -28.27 -21.82 42.57
C ASN D 126 -27.87 -20.92 41.40
N ARG D 127 -27.05 -21.43 40.48
CA ARG D 127 -26.61 -20.63 39.36
C ARG D 127 -27.48 -20.74 38.09
N ARG D 128 -28.58 -21.49 38.17
CA ARG D 128 -29.46 -21.64 37.02
C ARG D 128 -30.28 -20.40 36.72
N TRP D 129 -30.18 -19.41 37.60
CA TRP D 129 -30.93 -18.17 37.43
C TRP D 129 -29.99 -16.95 37.41
N ASP D 130 -28.73 -17.18 37.08
CA ASP D 130 -27.79 -16.06 37.00
C ASP D 130 -28.09 -15.26 35.75
N SER D 131 -27.89 -13.95 35.82
CA SER D 131 -28.17 -13.08 34.68
C SER D 131 -27.41 -13.49 33.41
N ASP D 132 -26.12 -13.77 33.54
CA ASP D 132 -25.32 -14.17 32.39
C ASP D 132 -25.81 -15.43 31.71
N TYR D 133 -26.07 -16.46 32.52
CA TYR D 133 -26.56 -17.74 32.04
C TYR D 133 -27.92 -17.62 31.36
N LEU D 134 -28.85 -16.91 32.00
CA LEU D 134 -30.18 -16.71 31.45
C LEU D 134 -30.11 -15.99 30.10
N GLY D 135 -29.23 -14.99 30.00
CA GLY D 135 -29.08 -14.25 28.76
C GLY D 135 -28.54 -15.16 27.66
N ILE D 136 -27.55 -15.97 27.99
CA ILE D 136 -26.96 -16.89 27.01
C ILE D 136 -28.00 -17.91 26.55
N ARG D 137 -28.75 -18.46 27.51
CA ARG D 137 -29.78 -19.45 27.20
C ARG D 137 -30.82 -18.79 26.29
N GLN D 138 -31.12 -17.54 26.62
CA GLN D 138 -32.08 -16.74 25.88
C GLN D 138 -31.63 -16.63 24.41
N VAL D 139 -30.41 -16.17 24.18
CA VAL D 139 -29.87 -16.02 22.82
C VAL D 139 -29.86 -17.34 22.05
N ILE D 140 -29.45 -18.43 22.72
CA ILE D 140 -29.43 -19.74 22.08
C ILE D 140 -30.84 -20.18 21.66
N GLU D 141 -31.77 -20.17 22.60
CA GLU D 141 -33.14 -20.59 22.34
C GLU D 141 -33.90 -19.77 21.31
N GLN D 142 -33.54 -18.50 21.14
CA GLN D 142 -34.23 -17.69 20.14
C GLN D 142 -33.72 -18.05 18.75
N GLY D 143 -32.64 -18.84 18.71
CA GLY D 143 -32.08 -19.27 17.44
C GLY D 143 -31.11 -18.32 16.78
N THR D 144 -30.74 -17.26 17.48
CA THR D 144 -29.82 -16.27 16.95
C THR D 144 -28.48 -16.86 16.51
N LEU D 145 -28.07 -17.95 17.14
CA LEU D 145 -26.79 -18.59 16.85
C LEU D 145 -26.89 -19.77 15.91
N GLY D 146 -28.11 -20.18 15.60
CA GLY D 146 -28.26 -21.36 14.75
C GLY D 146 -27.88 -22.51 15.68
N ALA D 147 -27.35 -23.60 15.12
CA ALA D 147 -26.95 -24.75 15.94
C ALA D 147 -25.64 -24.43 16.68
N VAL D 148 -25.64 -24.64 17.99
CA VAL D 148 -24.44 -24.36 18.80
C VAL D 148 -23.33 -25.34 18.48
N LYS D 149 -22.12 -24.82 18.29
CA LYS D 149 -20.98 -25.66 17.95
C LYS D 149 -19.84 -25.59 18.96
N HIS D 150 -19.73 -24.45 19.65
CA HIS D 150 -18.67 -24.23 20.63
C HIS D 150 -19.28 -23.41 21.79
N PHE D 151 -19.34 -24.01 22.98
CA PHE D 151 -19.88 -23.35 24.16
C PHE D 151 -18.75 -23.27 25.19
N GLU D 152 -18.33 -22.06 25.53
CA GLU D 152 -17.24 -21.88 26.49
C GLU D 152 -17.72 -21.09 27.70
N SER D 153 -17.42 -21.58 28.89
CA SER D 153 -17.86 -20.95 30.12
C SER D 153 -16.70 -20.76 31.10
N HIS D 154 -16.47 -19.52 31.54
CA HIS D 154 -15.36 -19.23 32.45
C HIS D 154 -15.70 -18.69 33.83
N PHE D 155 -14.84 -19.03 34.79
CA PHE D 155 -14.91 -18.49 36.13
C PHE D 155 -13.45 -18.14 36.39
N ASP D 156 -13.09 -16.90 36.14
CA ASP D 156 -11.72 -16.45 36.33
C ASP D 156 -11.58 -15.30 37.33
N ARG D 157 -10.50 -15.31 38.08
CA ARG D 157 -10.24 -14.26 39.07
C ARG D 157 -8.74 -14.02 39.14
N PHE D 158 -8.37 -12.84 39.63
CA PHE D 158 -6.95 -12.54 39.75
C PHE D 158 -6.60 -12.51 41.23
N ARG D 159 -5.93 -13.55 41.69
CA ARG D 159 -5.51 -13.68 43.07
C ARG D 159 -4.13 -14.33 43.05
N PRO D 160 -3.11 -13.56 42.65
CA PRO D 160 -1.72 -14.05 42.57
C PRO D 160 -1.12 -14.51 43.89
N GLU D 161 -1.47 -13.81 44.97
CA GLU D 161 -0.95 -14.14 46.30
C GLU D 161 -1.94 -14.98 47.09
N SER D 174 -9.61 -27.56 49.11
CA SER D 174 -10.24 -28.65 48.37
C SER D 174 -9.95 -28.57 46.86
N GLY D 175 -9.68 -27.36 46.37
CA GLY D 175 -9.37 -27.19 44.95
C GLY D 175 -10.33 -26.32 44.17
N LEU D 176 -9.81 -25.65 43.16
CA LEU D 176 -10.63 -24.78 42.32
C LEU D 176 -11.64 -25.58 41.51
N TRP D 177 -11.21 -26.68 40.89
CA TRP D 177 -12.13 -27.48 40.11
C TRP D 177 -13.30 -27.96 40.97
N PHE D 178 -12.99 -28.53 42.13
CA PHE D 178 -14.01 -29.03 43.04
C PHE D 178 -14.99 -27.93 43.45
N ASP D 179 -14.46 -26.75 43.75
CA ASP D 179 -15.31 -25.65 44.20
C ASP D 179 -16.15 -24.96 43.13
N LEU D 180 -15.59 -24.65 41.98
CA LEU D 180 -16.38 -23.97 40.97
C LEU D 180 -16.78 -24.80 39.77
N GLY D 181 -16.21 -26.00 39.66
CA GLY D 181 -16.56 -26.88 38.56
C GLY D 181 -18.04 -27.22 38.55
N PRO D 182 -18.65 -27.50 39.72
CA PRO D 182 -20.08 -27.84 39.75
C PRO D 182 -21.03 -26.92 39.01
N HIS D 183 -20.99 -25.61 39.28
CA HIS D 183 -21.92 -24.72 38.61
C HIS D 183 -21.68 -24.60 37.11
N LEU D 184 -20.42 -24.66 36.68
CA LEU D 184 -20.11 -24.58 35.25
C LEU D 184 -20.69 -25.82 34.57
N ILE D 185 -20.48 -26.96 35.20
CA ILE D 185 -20.99 -28.22 34.68
C ILE D 185 -22.51 -28.24 34.68
N ASP D 186 -23.11 -27.89 35.82
CA ASP D 186 -24.57 -27.89 35.94
C ASP D 186 -25.24 -27.09 34.81
N GLN D 187 -24.73 -25.89 34.55
CA GLN D 187 -25.30 -25.06 33.50
C GLN D 187 -25.16 -25.71 32.12
N ALA D 188 -24.04 -26.36 31.89
CA ALA D 188 -23.80 -27.03 30.61
C ALA D 188 -24.77 -28.19 30.42
N LEU D 189 -24.96 -28.97 31.48
CA LEU D 189 -25.85 -30.12 31.42
C LEU D 189 -27.29 -29.68 31.19
N GLN D 190 -27.69 -28.59 31.85
CA GLN D 190 -29.04 -28.05 31.69
C GLN D 190 -29.32 -27.65 30.24
N LEU D 191 -28.33 -27.07 29.59
CA LEU D 191 -28.47 -26.65 28.20
C LEU D 191 -28.34 -27.75 27.16
N PHE D 192 -27.43 -28.69 27.39
CA PHE D 192 -27.15 -29.73 26.41
C PHE D 192 -27.37 -31.19 26.78
N GLY D 193 -27.70 -31.47 28.04
CA GLY D 193 -27.87 -32.85 28.44
C GLY D 193 -26.48 -33.42 28.72
N LEU D 194 -26.39 -34.73 28.89
CA LEU D 194 -25.11 -35.38 29.18
C LEU D 194 -24.15 -35.44 28.02
N PRO D 195 -22.86 -35.21 28.29
CA PRO D 195 -21.84 -35.26 27.23
C PRO D 195 -21.49 -36.73 27.00
N GLN D 196 -20.76 -37.02 25.93
CA GLN D 196 -20.36 -38.39 25.64
C GLN D 196 -19.11 -38.75 26.42
N SER D 197 -18.19 -37.79 26.55
CA SER D 197 -16.94 -38.01 27.27
C SER D 197 -16.43 -36.69 27.84
N VAL D 198 -15.43 -36.81 28.71
CA VAL D 198 -14.83 -35.66 29.38
C VAL D 198 -13.31 -35.74 29.32
N GLN D 199 -12.68 -34.64 28.94
CA GLN D 199 -11.23 -34.51 28.85
C GLN D 199 -10.86 -33.39 29.83
N GLY D 200 -10.03 -33.69 30.81
CA GLY D 200 -9.67 -32.68 31.78
C GLY D 200 -8.18 -32.41 31.94
N ASN D 201 -7.84 -31.17 32.27
CA ASN D 201 -6.45 -30.77 32.49
C ASN D 201 -6.49 -29.86 33.71
N ILE D 202 -5.91 -30.32 34.79
CA ILE D 202 -5.93 -29.53 36.02
C ILE D 202 -4.50 -29.37 36.53
N ALA D 203 -4.19 -28.19 37.04
CA ALA D 203 -2.84 -27.95 37.53
C ALA D 203 -2.82 -26.89 38.62
N THR D 204 -1.68 -26.81 39.30
CA THR D 204 -1.46 -25.83 40.36
C THR D 204 -0.37 -24.92 39.80
N LEU D 205 -0.73 -23.69 39.47
CA LEU D 205 0.23 -22.79 38.84
C LEU D 205 0.68 -21.57 39.64
N ARG D 206 0.00 -21.23 40.73
CA ARG D 206 0.42 -20.08 41.52
C ARG D 206 1.58 -20.44 42.43
N ASP D 207 2.47 -19.47 42.63
CA ASP D 207 3.64 -19.66 43.47
C ASP D 207 3.25 -20.05 44.90
N GLY D 208 3.65 -21.25 45.30
CA GLY D 208 3.35 -21.71 46.65
C GLY D 208 1.94 -22.24 46.83
N ALA D 209 1.14 -22.23 45.76
CA ALA D 209 -0.22 -22.75 45.84
C ALA D 209 -0.18 -24.24 46.17
N GLU D 210 -1.14 -24.68 46.96
CA GLU D 210 -1.21 -26.08 47.37
C GLU D 210 -2.25 -26.86 46.57
N ILE D 211 -3.41 -26.25 46.36
CA ILE D 211 -4.47 -26.88 45.59
C ILE D 211 -4.56 -26.29 44.18
N ASN D 212 -5.04 -27.09 43.24
CA ASN D 212 -5.15 -26.64 41.84
C ASN D 212 -5.86 -25.30 41.78
N ASP D 213 -5.36 -24.42 40.91
CA ASP D 213 -5.93 -23.10 40.72
C ASP D 213 -6.12 -22.79 39.23
N TRP D 214 -6.14 -23.84 38.42
CA TRP D 214 -6.34 -23.73 36.97
C TRP D 214 -6.94 -25.03 36.49
N ALA D 215 -8.12 -24.98 35.88
CA ALA D 215 -8.76 -26.19 35.38
C ALA D 215 -9.35 -25.94 34.02
N HIS D 216 -9.01 -26.82 33.09
CA HIS D 216 -9.49 -26.71 31.73
C HIS D 216 -10.16 -28.02 31.37
N VAL D 217 -11.48 -28.01 31.28
CA VAL D 217 -12.24 -29.22 30.99
C VAL D 217 -13.07 -29.14 29.72
N VAL D 218 -12.95 -30.17 28.88
CA VAL D 218 -13.69 -30.23 27.62
C VAL D 218 -14.71 -31.35 27.70
N LEU D 219 -15.95 -31.03 27.32
CA LEU D 219 -17.05 -31.98 27.31
C LEU D 219 -17.37 -32.26 25.84
N ASN D 220 -17.23 -33.51 25.43
CA ASN D 220 -17.49 -33.89 24.06
C ASN D 220 -18.92 -34.31 23.83
N TYR D 221 -19.55 -33.70 22.84
CA TYR D 221 -20.93 -34.01 22.46
C TYR D 221 -20.91 -34.47 21.00
N PRO D 222 -21.99 -35.11 20.55
CA PRO D 222 -22.04 -35.60 19.17
C PRO D 222 -21.71 -34.57 18.09
N ALA D 223 -22.25 -33.37 18.23
CA ALA D 223 -22.03 -32.33 17.22
C ALA D 223 -21.52 -30.99 17.72
N HIS D 224 -20.99 -30.96 18.95
CA HIS D 224 -20.44 -29.72 19.45
C HIS D 224 -19.49 -29.92 20.62
N LYS D 225 -18.84 -28.85 21.02
CA LYS D 225 -17.88 -28.90 22.11
C LYS D 225 -18.22 -27.91 23.19
N VAL D 226 -18.00 -28.31 24.43
CA VAL D 226 -18.22 -27.47 25.59
C VAL D 226 -16.87 -27.34 26.28
N ILE D 227 -16.49 -26.11 26.61
CA ILE D 227 -15.23 -25.89 27.31
C ILE D 227 -15.54 -25.20 28.63
N LEU D 228 -15.12 -25.83 29.73
CA LEU D 228 -15.32 -25.27 31.06
C LEU D 228 -13.94 -24.91 31.58
N HIS D 229 -13.78 -23.67 32.01
CA HIS D 229 -12.48 -23.20 32.46
C HIS D 229 -12.53 -22.23 33.64
N CYS D 230 -11.63 -22.44 34.59
CA CYS D 230 -11.54 -21.54 35.74
C CYS D 230 -10.09 -21.40 36.16
N SER D 231 -9.73 -20.22 36.61
CA SER D 231 -8.36 -19.95 37.02
C SER D 231 -8.28 -18.79 38.01
N MSE D 232 -7.27 -18.83 38.87
CA MSE D 232 -7.08 -17.77 39.86
C MSE D 232 -6.05 -16.76 39.34
O MSE D 232 -5.66 -15.84 40.07
CB MSE D 232 -6.59 -18.36 41.18
CG MSE D 232 -7.55 -19.33 41.84
SE MSE D 232 -9.19 -18.45 42.34
CE MSE D 232 -8.66 -17.72 44.05
N LEU D 233 -5.61 -16.92 38.10
CA LEU D 233 -4.62 -16.02 37.51
C LEU D 233 -5.08 -15.40 36.21
N VAL D 234 -6.00 -14.47 36.31
CA VAL D 234 -6.54 -13.79 35.15
C VAL D 234 -6.79 -12.32 35.49
N ALA D 235 -5.77 -11.49 35.25
CA ALA D 235 -5.89 -10.05 35.51
C ALA D 235 -7.03 -9.50 34.66
N GLY D 236 -7.22 -10.08 33.49
CA GLY D 236 -8.29 -9.64 32.61
C GLY D 236 -8.19 -10.24 31.22
N GLY D 237 -9.19 -9.98 30.39
CA GLY D 237 -9.15 -10.49 29.03
C GLY D 237 -10.11 -11.63 28.69
N SER D 238 -10.63 -12.32 29.70
CA SER D 238 -11.55 -13.42 29.44
C SER D 238 -13.01 -12.98 29.51
N SER D 239 -13.90 -13.83 29.04
CA SER D 239 -15.33 -13.57 29.03
C SER D 239 -16.04 -14.66 29.83
N ARG D 240 -17.10 -14.30 30.53
CA ARG D 240 -17.86 -15.26 31.32
C ARG D 240 -18.39 -16.38 30.40
N PHE D 241 -18.93 -15.99 29.25
CA PHE D 241 -19.45 -16.93 28.26
C PHE D 241 -19.05 -16.54 26.83
N THR D 242 -18.73 -17.56 26.03
CA THR D 242 -18.40 -17.38 24.62
C THR D 242 -19.09 -18.54 23.91
N VAL D 243 -20.08 -18.23 23.09
CA VAL D 243 -20.80 -19.29 22.38
C VAL D 243 -20.81 -19.05 20.87
N HIS D 244 -20.37 -20.05 20.12
CA HIS D 244 -20.32 -19.97 18.67
C HIS D 244 -21.28 -20.98 18.06
N GLY D 245 -22.08 -20.52 17.12
CA GLY D 245 -23.03 -21.39 16.43
C GLY D 245 -22.80 -21.26 14.94
N ASP D 246 -23.50 -22.03 14.13
CA ASP D 246 -23.27 -21.94 12.69
C ASP D 246 -23.92 -20.73 12.02
N LYS D 247 -24.59 -19.89 12.80
CA LYS D 247 -25.24 -18.69 12.26
C LYS D 247 -24.69 -17.42 12.88
N GLY D 248 -24.06 -17.54 14.05
CA GLY D 248 -23.51 -16.38 14.72
C GLY D 248 -22.88 -16.72 16.06
N SER D 249 -22.39 -15.71 16.75
CA SER D 249 -21.77 -15.90 18.06
C SER D 249 -22.37 -14.96 19.08
N VAL D 250 -22.04 -15.24 20.33
CA VAL D 250 -22.50 -14.41 21.42
C VAL D 250 -21.52 -14.45 22.57
N ILE D 251 -21.15 -13.27 23.03
CA ILE D 251 -20.21 -13.14 24.14
C ILE D 251 -20.85 -12.38 25.29
N LYS D 252 -20.63 -12.88 26.51
CA LYS D 252 -21.13 -12.24 27.72
C LYS D 252 -19.86 -12.04 28.53
N ALA D 253 -19.34 -10.82 28.50
CA ALA D 253 -18.11 -10.49 29.20
C ALA D 253 -18.18 -10.56 30.71
N ARG D 254 -19.13 -9.84 31.30
CA ARG D 254 -19.24 -9.79 32.75
C ARG D 254 -20.18 -10.83 33.36
N ALA D 255 -19.79 -11.30 34.54
CA ALA D 255 -20.54 -12.31 35.27
C ALA D 255 -21.67 -11.72 36.13
N ASP D 256 -22.58 -12.60 36.54
CA ASP D 256 -23.70 -12.24 37.41
C ASP D 256 -23.18 -11.57 38.68
N GLN D 257 -23.87 -10.53 39.15
CA GLN D 257 -23.42 -9.81 40.35
C GLN D 257 -24.16 -10.12 41.64
N GLN D 258 -25.00 -11.15 41.64
CA GLN D 258 -25.75 -11.48 42.85
C GLN D 258 -24.84 -11.80 44.04
N GLU D 259 -23.80 -12.57 43.81
CA GLU D 259 -22.91 -12.92 44.91
C GLU D 259 -22.25 -11.70 45.53
N SER D 260 -21.78 -10.77 44.71
CA SER D 260 -21.15 -9.57 45.26
C SER D 260 -22.22 -8.75 45.98
N GLN D 261 -23.43 -8.72 45.43
CA GLN D 261 -24.50 -7.98 46.06
C GLN D 261 -24.80 -8.55 47.45
N LEU D 262 -24.82 -9.87 47.55
CA LEU D 262 -25.07 -10.52 48.83
C LEU D 262 -23.93 -10.19 49.80
N LEU D 263 -22.70 -10.28 49.31
CA LEU D 263 -21.54 -9.97 50.14
C LEU D 263 -21.63 -8.52 50.61
N ALA D 264 -22.24 -7.68 49.77
CA ALA D 264 -22.40 -6.26 50.08
C ALA D 264 -23.53 -6.02 51.07
N GLY D 265 -24.39 -7.01 51.25
CA GLY D 265 -25.50 -6.85 52.19
C GLY D 265 -26.79 -6.44 51.50
N VAL D 266 -26.83 -6.51 50.18
CA VAL D 266 -28.04 -6.17 49.45
C VAL D 266 -29.11 -7.20 49.78
N VAL D 267 -30.35 -6.74 49.94
CA VAL D 267 -31.46 -7.63 50.26
C VAL D 267 -31.91 -8.34 48.98
N PRO D 268 -31.91 -9.68 48.99
CA PRO D 268 -32.34 -10.39 47.78
C PRO D 268 -33.76 -9.96 47.41
N GLY D 269 -33.96 -9.61 46.15
CA GLY D 269 -35.29 -9.19 45.72
C GLY D 269 -35.45 -7.67 45.70
N SER D 270 -34.51 -6.96 46.31
CA SER D 270 -34.56 -5.49 46.34
C SER D 270 -34.37 -4.90 44.95
N ALA D 271 -34.51 -3.58 44.85
CA ALA D 271 -34.42 -2.85 43.57
C ALA D 271 -33.34 -3.23 42.57
N ASP D 272 -32.08 -3.24 42.99
CA ASP D 272 -30.99 -3.55 42.07
C ASP D 272 -30.56 -5.01 42.04
N TRP D 273 -31.25 -5.85 42.81
CA TRP D 273 -30.92 -7.28 42.88
C TRP D 273 -30.93 -7.97 41.52
N GLY D 274 -29.81 -8.62 41.19
CA GLY D 274 -29.72 -9.35 39.93
C GLY D 274 -29.65 -8.57 38.64
N GLN D 275 -29.65 -7.25 38.73
CA GLN D 275 -29.58 -6.42 37.52
C GLN D 275 -28.23 -6.62 36.86
N ASP D 276 -28.21 -6.61 35.54
CA ASP D 276 -26.97 -6.78 34.79
C ASP D 276 -26.98 -5.80 33.63
N ASP D 277 -26.20 -4.73 33.74
CA ASP D 277 -26.16 -3.73 32.68
C ASP D 277 -25.21 -4.11 31.56
N ASP D 278 -24.37 -5.12 31.80
CA ASP D 278 -23.43 -5.60 30.79
C ASP D 278 -24.25 -6.43 29.81
N PRO D 279 -24.40 -5.93 28.57
CA PRO D 279 -25.17 -6.64 27.55
C PRO D 279 -24.53 -7.85 26.87
N LEU D 280 -25.37 -8.60 26.17
CA LEU D 280 -24.93 -9.74 25.41
C LEU D 280 -24.47 -9.14 24.07
N VAL D 281 -23.24 -9.46 23.67
CA VAL D 281 -22.70 -8.96 22.41
C VAL D 281 -22.86 -10.07 21.37
N ILE D 282 -23.71 -9.84 20.38
CA ILE D 282 -24.00 -10.82 19.35
C ILE D 282 -23.37 -10.49 17.99
N TYR D 283 -22.72 -11.49 17.40
CA TYR D 283 -22.10 -11.35 16.09
C TYR D 283 -22.90 -12.23 15.13
N ASP D 284 -23.30 -11.68 13.99
CA ASP D 284 -24.06 -12.49 13.03
C ASP D 284 -23.22 -12.80 11.79
N ALA D 285 -23.84 -13.37 10.77
CA ALA D 285 -23.11 -13.74 9.56
C ALA D 285 -22.41 -12.61 8.83
N SER D 286 -22.80 -11.36 9.12
CA SER D 286 -22.17 -10.22 8.46
C SER D 286 -20.91 -9.87 9.22
N LEU D 287 -20.66 -10.61 10.30
CA LEU D 287 -19.50 -10.41 11.15
C LEU D 287 -19.56 -9.17 12.02
N GLN D 288 -20.67 -8.43 11.94
CA GLN D 288 -20.82 -7.24 12.76
C GLN D 288 -21.59 -7.55 14.04
N ALA D 289 -21.26 -6.82 15.11
CA ALA D 289 -21.88 -7.02 16.41
C ALA D 289 -23.03 -6.06 16.70
N HIS D 290 -23.85 -6.44 17.67
CA HIS D 290 -24.97 -5.63 18.13
C HIS D 290 -25.27 -6.15 19.54
N ALA D 291 -25.79 -5.28 20.39
CA ALA D 291 -26.06 -5.67 21.76
C ALA D 291 -27.49 -6.08 22.05
N GLN D 292 -27.66 -6.92 23.07
CA GLN D 292 -28.96 -7.39 23.51
C GLN D 292 -28.94 -7.33 25.02
N ALA D 293 -29.88 -6.58 25.60
CA ALA D 293 -29.95 -6.43 27.04
C ALA D 293 -30.01 -7.78 27.74
N THR D 294 -29.31 -7.89 28.85
CA THR D 294 -29.25 -9.12 29.64
C THR D 294 -30.41 -9.17 30.64
N PRO D 295 -31.12 -10.30 30.69
CA PRO D 295 -32.24 -10.41 31.64
C PRO D 295 -31.68 -10.40 33.06
N GLN D 296 -32.50 -10.00 34.03
CA GLN D 296 -32.01 -9.95 35.39
C GLN D 296 -31.98 -11.35 36.00
N GLY D 297 -31.03 -11.56 36.89
CA GLY D 297 -30.92 -12.85 37.54
C GLY D 297 -31.59 -12.78 38.89
N ASP D 298 -31.90 -13.94 39.47
CA ASP D 298 -32.53 -14.00 40.78
C ASP D 298 -32.55 -15.43 41.28
N GLN D 299 -31.53 -15.81 42.04
CA GLN D 299 -31.46 -17.16 42.54
C GLN D 299 -32.49 -17.43 43.64
N ARG D 300 -33.33 -16.44 43.94
CA ARG D 300 -34.37 -16.66 44.92
C ARG D 300 -35.32 -17.67 44.28
N GLN D 301 -35.23 -17.79 42.96
CA GLN D 301 -36.08 -18.74 42.22
C GLN D 301 -35.88 -20.16 42.74
N TYR D 302 -34.66 -20.48 43.17
CA TYR D 302 -34.40 -21.82 43.69
C TYR D 302 -35.38 -22.11 44.84
N TYR D 303 -35.44 -21.22 45.81
CA TYR D 303 -36.33 -21.40 46.96
C TYR D 303 -37.80 -21.23 46.63
N MSE D 304 -38.13 -20.37 45.68
CA MSE D 304 -39.53 -20.20 45.31
C MSE D 304 -40.02 -21.47 44.62
O MSE D 304 -41.16 -21.91 44.83
CB MSE D 304 -39.69 -19.01 44.36
CG MSE D 304 -39.29 -17.68 44.98
SE MSE D 304 -39.47 -16.22 43.73
CE MSE D 304 -37.65 -16.03 43.16
N LEU D 305 -39.17 -22.07 43.79
CA LEU D 305 -39.52 -23.29 43.08
C LEU D 305 -39.55 -24.51 44.02
N ILE D 306 -38.64 -24.55 45.00
CA ILE D 306 -38.64 -25.64 45.95
C ILE D 306 -39.94 -25.52 46.75
N ARG D 307 -40.27 -24.30 47.17
CA ARG D 307 -41.49 -24.05 47.92
C ARG D 307 -42.68 -24.59 47.12
N ASP D 308 -42.80 -24.15 45.87
CA ASP D 308 -43.90 -24.60 45.01
C ASP D 308 -43.95 -26.12 44.86
N ALA D 309 -42.78 -26.75 44.80
CA ALA D 309 -42.70 -28.20 44.69
C ALA D 309 -43.25 -28.82 45.98
N LEU D 310 -42.82 -28.28 47.12
CA LEU D 310 -43.28 -28.78 48.41
C LEU D 310 -44.79 -28.63 48.57
N LYS D 311 -45.37 -27.68 47.86
CA LYS D 311 -46.82 -27.47 47.90
C LYS D 311 -47.49 -28.36 46.85
N GLY D 312 -46.67 -29.10 46.10
CA GLY D 312 -47.20 -30.00 45.08
C GLY D 312 -47.64 -29.34 43.78
N GLN D 313 -47.28 -28.08 43.58
CA GLN D 313 -47.66 -27.35 42.38
C GLN D 313 -46.83 -27.72 41.16
N ILE D 314 -45.55 -28.02 41.39
CA ILE D 314 -44.64 -28.38 40.32
C ILE D 314 -43.71 -29.47 40.80
N ALA D 315 -42.89 -29.96 39.89
CA ALA D 315 -41.93 -31.00 40.22
C ALA D 315 -40.71 -30.33 40.84
N ASN D 316 -39.95 -31.11 41.59
CA ASN D 316 -38.72 -30.65 42.23
C ASN D 316 -37.93 -29.94 41.13
N PRO D 317 -37.59 -28.65 41.32
CA PRO D 317 -36.84 -27.94 40.28
C PRO D 317 -35.43 -28.50 40.04
N VAL D 318 -34.83 -29.06 41.07
CA VAL D 318 -33.49 -29.62 40.95
C VAL D 318 -33.44 -31.04 41.53
N PRO D 319 -34.01 -32.02 40.81
CA PRO D 319 -34.02 -33.41 41.28
C PRO D 319 -32.60 -33.88 41.53
N PRO D 320 -32.38 -34.64 42.61
CA PRO D 320 -31.05 -35.15 42.98
C PRO D 320 -30.27 -35.90 41.90
N VAL D 321 -30.98 -36.52 40.96
CA VAL D 321 -30.27 -37.23 39.90
C VAL D 321 -29.46 -36.24 39.04
N GLU D 322 -29.87 -34.98 39.02
CA GLU D 322 -29.16 -33.98 38.24
C GLU D 322 -27.85 -33.63 38.93
N ALA D 323 -27.86 -33.65 40.26
CA ALA D 323 -26.66 -33.36 41.04
C ALA D 323 -25.70 -34.55 40.93
N LEU D 324 -26.26 -35.75 40.80
CA LEU D 324 -25.43 -36.95 40.64
C LEU D 324 -24.70 -36.86 39.31
N ALA D 325 -25.38 -36.30 38.30
CA ALA D 325 -24.80 -36.12 36.96
C ALA D 325 -23.61 -35.15 37.05
N VAL D 326 -23.79 -34.05 37.77
CA VAL D 326 -22.73 -33.08 37.92
C VAL D 326 -21.52 -33.77 38.55
N MSE D 327 -21.77 -34.54 39.61
CA MSE D 327 -20.68 -35.27 40.26
C MSE D 327 -19.97 -36.20 39.30
O MSE D 327 -18.74 -36.28 39.28
CB MSE D 327 -21.23 -36.06 41.46
CG MSE D 327 -21.61 -35.22 42.66
SE MSE D 327 -22.35 -36.33 44.08
CE MSE D 327 -20.77 -37.40 44.44
N ALA D 328 -20.73 -36.93 38.48
CA ALA D 328 -20.15 -37.84 37.51
C ALA D 328 -19.19 -37.10 36.58
N VAL D 329 -19.59 -35.92 36.13
CA VAL D 329 -18.74 -35.14 35.24
C VAL D 329 -17.53 -34.60 35.99
N LEU D 330 -17.78 -34.07 37.19
CA LEU D 330 -16.72 -33.51 38.03
C LEU D 330 -15.62 -34.54 38.25
N GLU D 331 -16.03 -35.75 38.63
CA GLU D 331 -15.11 -36.86 38.89
C GLU D 331 -14.43 -37.38 37.63
N ALA D 332 -15.16 -37.41 36.52
CA ALA D 332 -14.57 -37.89 35.27
C ALA D 332 -13.45 -36.95 34.85
N ALA D 333 -13.66 -35.65 35.08
CA ALA D 333 -12.65 -34.65 34.73
C ALA D 333 -11.37 -34.86 35.53
N VAL D 334 -11.53 -35.17 36.82
CA VAL D 334 -10.38 -35.41 37.69
C VAL D 334 -9.62 -36.65 37.22
N ARG D 335 -10.34 -37.71 36.90
CA ARG D 335 -9.73 -38.97 36.43
C ARG D 335 -8.99 -38.73 35.12
N SER D 336 -9.57 -37.91 34.25
CA SER D 336 -8.94 -37.62 32.97
C SER D 336 -7.65 -36.85 33.16
N ALA D 337 -7.67 -35.89 34.06
CA ALA D 337 -6.49 -35.06 34.34
C ALA D 337 -5.34 -35.86 34.93
N GLU D 338 -5.64 -36.79 35.83
CA GLU D 338 -4.60 -37.58 36.45
C GLU D 338 -4.08 -38.73 35.59
N SER D 339 -4.92 -39.23 34.68
CA SER D 339 -4.53 -40.35 33.82
C SER D 339 -4.07 -39.94 32.42
N GLY D 340 -4.54 -38.78 31.96
CA GLY D 340 -4.18 -38.35 30.62
C GLY D 340 -5.10 -39.02 29.60
N MSE D 341 -6.23 -39.53 30.07
CA MSE D 341 -7.17 -40.20 29.18
C MSE D 341 -8.55 -39.58 29.24
O MSE D 341 -9.04 -39.22 30.31
CB MSE D 341 -7.29 -41.67 29.56
CG MSE D 341 -6.02 -42.49 29.40
SE MSE D 341 -6.29 -44.35 29.89
CE MSE D 341 -5.95 -44.22 31.79
N VAL D 342 -9.19 -39.47 28.07
CA VAL D 342 -10.55 -38.94 28.00
C VAL D 342 -11.38 -39.94 28.79
N GLN D 343 -12.30 -39.45 29.62
CA GLN D 343 -13.13 -40.31 30.47
C GLN D 343 -14.62 -40.27 30.18
N THR D 344 -15.29 -41.38 30.48
CA THR D 344 -16.74 -41.46 30.31
C THR D 344 -17.37 -41.29 31.68
N LEU D 345 -18.69 -41.18 31.72
CA LEU D 345 -19.40 -40.97 32.97
C LEU D 345 -19.81 -42.28 33.62
N ASP D 346 -19.60 -42.38 34.93
CA ASP D 346 -19.94 -43.59 35.66
C ASP D 346 -21.40 -43.56 36.10
N LEU D 347 -22.28 -43.71 35.11
CA LEU D 347 -23.73 -43.70 35.32
C LEU D 347 -24.29 -44.92 34.62
N SER D 348 -25.45 -45.38 35.06
CA SER D 348 -26.06 -46.55 34.43
C SER D 348 -26.95 -46.09 33.26
N ASP D 349 -27.33 -47.03 32.40
CA ASP D 349 -28.19 -46.69 31.28
C ASP D 349 -29.51 -46.15 31.81
N ASP D 350 -30.01 -46.75 32.89
CA ASP D 350 -31.26 -46.31 33.48
C ASP D 350 -31.14 -44.85 33.91
N GLU D 351 -30.00 -44.52 34.52
CA GLU D 351 -29.78 -43.16 34.99
C GLU D 351 -29.68 -42.18 33.82
N ARG D 352 -29.02 -42.59 32.74
CA ARG D 352 -28.90 -41.75 31.55
C ARG D 352 -30.30 -41.50 30.97
N ASN D 353 -31.12 -42.55 30.96
CA ASN D 353 -32.48 -42.43 30.44
C ASN D 353 -33.27 -41.42 31.26
N THR D 354 -33.17 -41.52 32.59
CA THR D 354 -33.85 -40.61 33.50
C THR D 354 -33.44 -39.17 33.19
N LEU D 355 -32.14 -38.94 33.03
CA LEU D 355 -31.62 -37.62 32.73
C LEU D 355 -32.04 -37.13 31.34
N ARG D 356 -32.00 -38.02 30.35
CA ARG D 356 -32.38 -37.68 28.99
C ARG D 356 -33.84 -37.22 28.97
N GLU D 357 -34.70 -37.99 29.64
CA GLU D 357 -36.12 -37.68 29.71
C GLU D 357 -36.34 -36.33 30.40
N GLY D 358 -35.55 -36.07 31.43
CA GLY D 358 -35.68 -34.82 32.15
C GLY D 358 -35.25 -33.64 31.31
N HIS D 359 -34.21 -33.83 30.52
CA HIS D 359 -33.70 -32.76 29.66
C HIS D 359 -34.70 -32.44 28.55
N HIS D 360 -35.41 -33.47 28.08
CA HIS D 360 -36.40 -33.29 27.02
C HIS D 360 -37.61 -32.51 27.51
CL CL E . 0.14 29.99 -43.57
CL CL F . 19.99 15.61 -8.83
CL CL G . 4.99 -21.17 10.25
CL CL H . -24.24 -24.67 41.04
#